data_5L19
# 
_entry.id   5L19 
# 
_audit_conform.dict_name       mmcif_pdbx.dic 
_audit_conform.dict_version    5.397 
_audit_conform.dict_location   http://mmcif.pdb.org/dictionaries/ascii/mmcif_pdbx.dic 
# 
loop_
_database_2.database_id 
_database_2.database_code 
_database_2.pdbx_database_accession 
_database_2.pdbx_DOI 
PDB   5L19         pdb_00005l19 10.2210/pdb5l19/pdb 
WWPDB D_1000223019 ?            ?                   
# 
loop_
_pdbx_audit_revision_history.ordinal 
_pdbx_audit_revision_history.data_content_type 
_pdbx_audit_revision_history.major_revision 
_pdbx_audit_revision_history.minor_revision 
_pdbx_audit_revision_history.revision_date 
1 'Structure model' 1 0 2016-09-07 
2 'Structure model' 1 1 2016-11-16 
3 'Structure model' 1 2 2017-09-27 
4 'Structure model' 1 3 2019-12-25 
5 'Structure model' 1 4 2023-10-04 
6 'Structure model' 1 5 2024-10-09 
# 
_pdbx_audit_revision_details.ordinal             1 
_pdbx_audit_revision_details.revision_ordinal    1 
_pdbx_audit_revision_details.data_content_type   'Structure model' 
_pdbx_audit_revision_details.provider            repository 
_pdbx_audit_revision_details.type                'Initial release' 
_pdbx_audit_revision_details.description         ? 
_pdbx_audit_revision_details.details             ? 
# 
loop_
_pdbx_audit_revision_group.ordinal 
_pdbx_audit_revision_group.revision_ordinal 
_pdbx_audit_revision_group.data_content_type 
_pdbx_audit_revision_group.group 
1 2 'Structure model' 'Database references'        
2 3 'Structure model' 'Author supporting evidence' 
3 3 'Structure model' 'Database references'        
4 3 'Structure model' 'Derived calculations'       
5 4 'Structure model' 'Author supporting evidence' 
6 5 'Structure model' 'Data collection'            
7 5 'Structure model' 'Database references'        
8 5 'Structure model' 'Refinement description'     
9 6 'Structure model' 'Structure summary'          
# 
loop_
_pdbx_audit_revision_category.ordinal 
_pdbx_audit_revision_category.revision_ordinal 
_pdbx_audit_revision_category.data_content_type 
_pdbx_audit_revision_category.category 
1  3 'Structure model' citation                      
2  3 'Structure model' pdbx_audit_support            
3  3 'Structure model' pdbx_struct_oper_list         
4  4 'Structure model' pdbx_audit_support            
5  5 'Structure model' chem_comp_atom                
6  5 'Structure model' chem_comp_bond                
7  5 'Structure model' database_2                    
8  5 'Structure model' pdbx_initial_refinement_model 
9  6 'Structure model' pdbx_entry_details            
10 6 'Structure model' pdbx_modification_feature     
# 
loop_
_pdbx_audit_revision_item.ordinal 
_pdbx_audit_revision_item.revision_ordinal 
_pdbx_audit_revision_item.data_content_type 
_pdbx_audit_revision_item.item 
1 3 'Structure model' '_citation.journal_id_CSD'                  
2 3 'Structure model' '_pdbx_audit_support.funding_organization'  
3 3 'Structure model' '_pdbx_struct_oper_list.symmetry_operation' 
4 4 'Structure model' '_pdbx_audit_support.funding_organization'  
5 5 'Structure model' '_database_2.pdbx_DOI'                      
6 5 'Structure model' '_database_2.pdbx_database_accession'       
# 
_pdbx_database_status.status_code                     REL 
_pdbx_database_status.status_code_sf                  REL 
_pdbx_database_status.status_code_mr                  ? 
_pdbx_database_status.entry_id                        5L19 
_pdbx_database_status.recvd_initial_deposition_date   2016-07-28 
_pdbx_database_status.SG_entry                        N 
_pdbx_database_status.deposit_site                    RCSB 
_pdbx_database_status.process_site                    RCSB 
_pdbx_database_status.status_code_cs                  ? 
_pdbx_database_status.methods_development_category    ? 
_pdbx_database_status.pdb_format_compatible           Y 
_pdbx_database_status.status_code_nmr_data            ? 
# 
_pdbx_database_related.db_name        PDB 
_pdbx_database_related.details        . 
_pdbx_database_related.db_id          4MSV 
_pdbx_database_related.content_type   unspecified 
# 
loop_
_audit_author.name 
_audit_author.pdbx_ordinal 
'Liu, W.'       1 
'Bonanno, J.B.' 2 
'Almo, S.C.'    3 
# 
_citation.abstract                  ? 
_citation.abstract_id_CAS           ? 
_citation.book_id_ISBN              ? 
_citation.book_publisher            ? 
_citation.book_publisher_city       ? 
_citation.book_title                ? 
_citation.coordinate_linkage        ? 
_citation.country                   UK 
_citation.database_id_Medline       ? 
_citation.details                   ? 
_citation.id                        primary 
_citation.journal_abbrev            Structure 
_citation.journal_id_ASTM           STRUE6 
_citation.journal_id_CSD            2005 
_citation.journal_id_ISSN           0969-2126 
_citation.journal_full              ? 
_citation.journal_issue             ? 
_citation.journal_volume            24 
_citation.language                  ? 
_citation.page_first                2016 
_citation.page_last                 2023 
_citation.title                     'Crystal Structure of the Complex of Human FasL and Its Decoy Receptor DcR3.' 
_citation.year                      2016 
_citation.database_id_CSD           ? 
_citation.pdbx_database_id_DOI      10.1016/j.str.2016.09.009 
_citation.pdbx_database_id_PubMed   27806260 
_citation.unpublished_flag          ? 
# 
loop_
_citation_author.citation_id 
_citation_author.name 
_citation_author.ordinal 
_citation_author.identifier_ORCID 
primary 'Liu, W.'       1 ? 
primary 'Ramagopal, U.' 2 ? 
primary 'Cheng, H.'     3 ? 
primary 'Bonanno, J.B.' 4 ? 
primary 'Toro, R.'      5 ? 
primary 'Bhosle, R.'    6 ? 
primary 'Zhan, C.'      7 ? 
primary 'Almo, S.C.'    8 ? 
# 
loop_
_entity.id 
_entity.type 
_entity.src_method 
_entity.pdbx_description 
_entity.formula_weight 
_entity.pdbx_number_of_molecules 
_entity.pdbx_ec 
_entity.pdbx_mutation 
_entity.pdbx_fragment 
_entity.details 
1 polymer     man 'Tumor necrosis factor ligand superfamily member 6' 17449.154 1  ? ? 'UNP residues 130-281' ? 
2 non-polymer syn 'SULFATE ION'                                       96.063    1  ? ? ?                      ? 
3 non-polymer syn 'ZINC ION'                                          65.409    1  ? ? ?                      ? 
4 water       nat water                                               18.015    61 ? ? ?                      ? 
# 
_entity_name_com.entity_id   1 
_entity_name_com.name        'Apoptosis antigen ligand,APTL,CD95 ligand,CD95-L,Fas antigen ligand,FasL' 
# 
_entity_poly.entity_id                      1 
_entity_poly.type                           'polypeptide(L)' 
_entity_poly.nstd_linkage                   no 
_entity_poly.nstd_monomer                   no 
_entity_poly.pdbx_seq_one_letter_code       
;MQIGHPSPPPEKKELRKVAHLTGKSNSRSMPLEWEHELGLALLSGVKYKKGGLVINETGLYFVYSKVYFRGQSCNNLPLS
HKVYMRNSKYPQDLVMMEGKMMSYCTTGQMWARSSYLGAVFNLTSADHLYVNVSELSLVNFEESQTFFGLYKL
;
_entity_poly.pdbx_seq_one_letter_code_can   
;MQIGHPSPPPEKKELRKVAHLTGKSNSRSMPLEWEHELGLALLSGVKYKKGGLVINETGLYFVYSKVYFRGQSCNNLPLS
HKVYMRNSKYPQDLVMMEGKMMSYCTTGQMWARSSYLGAVFNLTSADHLYVNVSELSLVNFEESQTFFGLYKL
;
_entity_poly.pdbx_strand_id                 A 
_entity_poly.pdbx_target_identifier         ? 
# 
loop_
_pdbx_entity_nonpoly.entity_id 
_pdbx_entity_nonpoly.name 
_pdbx_entity_nonpoly.comp_id 
2 'SULFATE ION' SO4 
3 'ZINC ION'    ZN  
4 water         HOH 
# 
loop_
_entity_poly_seq.entity_id 
_entity_poly_seq.num 
_entity_poly_seq.mon_id 
_entity_poly_seq.hetero 
1 1   MET n 
1 2   GLN n 
1 3   ILE n 
1 4   GLY n 
1 5   HIS n 
1 6   PRO n 
1 7   SER n 
1 8   PRO n 
1 9   PRO n 
1 10  PRO n 
1 11  GLU n 
1 12  LYS n 
1 13  LYS n 
1 14  GLU n 
1 15  LEU n 
1 16  ARG n 
1 17  LYS n 
1 18  VAL n 
1 19  ALA n 
1 20  HIS n 
1 21  LEU n 
1 22  THR n 
1 23  GLY n 
1 24  LYS n 
1 25  SER n 
1 26  ASN n 
1 27  SER n 
1 28  ARG n 
1 29  SER n 
1 30  MET n 
1 31  PRO n 
1 32  LEU n 
1 33  GLU n 
1 34  TRP n 
1 35  GLU n 
1 36  HIS n 
1 37  GLU n 
1 38  LEU n 
1 39  GLY n 
1 40  LEU n 
1 41  ALA n 
1 42  LEU n 
1 43  LEU n 
1 44  SER n 
1 45  GLY n 
1 46  VAL n 
1 47  LYS n 
1 48  TYR n 
1 49  LYS n 
1 50  LYS n 
1 51  GLY n 
1 52  GLY n 
1 53  LEU n 
1 54  VAL n 
1 55  ILE n 
1 56  ASN n 
1 57  GLU n 
1 58  THR n 
1 59  GLY n 
1 60  LEU n 
1 61  TYR n 
1 62  PHE n 
1 63  VAL n 
1 64  TYR n 
1 65  SER n 
1 66  LYS n 
1 67  VAL n 
1 68  TYR n 
1 69  PHE n 
1 70  ARG n 
1 71  GLY n 
1 72  GLN n 
1 73  SER n 
1 74  CYS n 
1 75  ASN n 
1 76  ASN n 
1 77  LEU n 
1 78  PRO n 
1 79  LEU n 
1 80  SER n 
1 81  HIS n 
1 82  LYS n 
1 83  VAL n 
1 84  TYR n 
1 85  MET n 
1 86  ARG n 
1 87  ASN n 
1 88  SER n 
1 89  LYS n 
1 90  TYR n 
1 91  PRO n 
1 92  GLN n 
1 93  ASP n 
1 94  LEU n 
1 95  VAL n 
1 96  MET n 
1 97  MET n 
1 98  GLU n 
1 99  GLY n 
1 100 LYS n 
1 101 MET n 
1 102 MET n 
1 103 SER n 
1 104 TYR n 
1 105 CYS n 
1 106 THR n 
1 107 THR n 
1 108 GLY n 
1 109 GLN n 
1 110 MET n 
1 111 TRP n 
1 112 ALA n 
1 113 ARG n 
1 114 SER n 
1 115 SER n 
1 116 TYR n 
1 117 LEU n 
1 118 GLY n 
1 119 ALA n 
1 120 VAL n 
1 121 PHE n 
1 122 ASN n 
1 123 LEU n 
1 124 THR n 
1 125 SER n 
1 126 ALA n 
1 127 ASP n 
1 128 HIS n 
1 129 LEU n 
1 130 TYR n 
1 131 VAL n 
1 132 ASN n 
1 133 VAL n 
1 134 SER n 
1 135 GLU n 
1 136 LEU n 
1 137 SER n 
1 138 LEU n 
1 139 VAL n 
1 140 ASN n 
1 141 PHE n 
1 142 GLU n 
1 143 GLU n 
1 144 SER n 
1 145 GLN n 
1 146 THR n 
1 147 PHE n 
1 148 PHE n 
1 149 GLY n 
1 150 LEU n 
1 151 TYR n 
1 152 LYS n 
1 153 LEU n 
# 
_entity_src_gen.entity_id                          1 
_entity_src_gen.pdbx_src_id                        1 
_entity_src_gen.pdbx_alt_source_flag               sample 
_entity_src_gen.pdbx_seq_type                      'Biological sequence' 
_entity_src_gen.pdbx_beg_seq_num                   1 
_entity_src_gen.pdbx_end_seq_num                   153 
_entity_src_gen.gene_src_common_name               Human 
_entity_src_gen.gene_src_genus                     ? 
_entity_src_gen.pdbx_gene_src_gene                 'FASLG, APT1LG1, CD95L, FASL, TNFSF6' 
_entity_src_gen.gene_src_species                   ? 
_entity_src_gen.gene_src_strain                    ? 
_entity_src_gen.gene_src_tissue                    ? 
_entity_src_gen.gene_src_tissue_fraction           ? 
_entity_src_gen.gene_src_details                   ? 
_entity_src_gen.pdbx_gene_src_fragment             ? 
_entity_src_gen.pdbx_gene_src_scientific_name      'Homo sapiens' 
_entity_src_gen.pdbx_gene_src_ncbi_taxonomy_id     9606 
_entity_src_gen.pdbx_gene_src_variant              ? 
_entity_src_gen.pdbx_gene_src_cell_line            ? 
_entity_src_gen.pdbx_gene_src_atcc                 ? 
_entity_src_gen.pdbx_gene_src_organ                ? 
_entity_src_gen.pdbx_gene_src_organelle            ? 
_entity_src_gen.pdbx_gene_src_cell                 ? 
_entity_src_gen.pdbx_gene_src_cellular_location    ? 
_entity_src_gen.host_org_common_name               ? 
_entity_src_gen.pdbx_host_org_scientific_name      'Escherichia coli-Pichia pastoris shuttle vector pPpB1_S' 
_entity_src_gen.pdbx_host_org_ncbi_taxonomy_id     1182036 
_entity_src_gen.host_org_genus                     ? 
_entity_src_gen.pdbx_host_org_gene                 ? 
_entity_src_gen.pdbx_host_org_organ                ? 
_entity_src_gen.host_org_species                   ? 
_entity_src_gen.pdbx_host_org_tissue               ? 
_entity_src_gen.pdbx_host_org_tissue_fraction      ? 
_entity_src_gen.pdbx_host_org_strain               ? 
_entity_src_gen.pdbx_host_org_variant              ? 
_entity_src_gen.pdbx_host_org_cell_line            ? 
_entity_src_gen.pdbx_host_org_atcc                 ? 
_entity_src_gen.pdbx_host_org_culture_collection   ? 
_entity_src_gen.pdbx_host_org_cell                 ? 
_entity_src_gen.pdbx_host_org_organelle            ? 
_entity_src_gen.pdbx_host_org_cellular_location    ? 
_entity_src_gen.pdbx_host_org_vector_type          ? 
_entity_src_gen.pdbx_host_org_vector               ? 
_entity_src_gen.host_org_details                   ? 
_entity_src_gen.expression_system_id               ? 
_entity_src_gen.plasmid_name                       ? 
_entity_src_gen.plasmid_details                    ? 
_entity_src_gen.pdbx_description                   ? 
# 
loop_
_chem_comp.id 
_chem_comp.type 
_chem_comp.mon_nstd_flag 
_chem_comp.name 
_chem_comp.pdbx_synonyms 
_chem_comp.formula 
_chem_comp.formula_weight 
ALA 'L-peptide linking' y ALANINE         ? 'C3 H7 N O2'     89.093  
ARG 'L-peptide linking' y ARGININE        ? 'C6 H15 N4 O2 1' 175.209 
ASN 'L-peptide linking' y ASPARAGINE      ? 'C4 H8 N2 O3'    132.118 
ASP 'L-peptide linking' y 'ASPARTIC ACID' ? 'C4 H7 N O4'     133.103 
CYS 'L-peptide linking' y CYSTEINE        ? 'C3 H7 N O2 S'   121.158 
GLN 'L-peptide linking' y GLUTAMINE       ? 'C5 H10 N2 O3'   146.144 
GLU 'L-peptide linking' y 'GLUTAMIC ACID' ? 'C5 H9 N O4'     147.129 
GLY 'peptide linking'   y GLYCINE         ? 'C2 H5 N O2'     75.067  
HIS 'L-peptide linking' y HISTIDINE       ? 'C6 H10 N3 O2 1' 156.162 
HOH non-polymer         . WATER           ? 'H2 O'           18.015  
ILE 'L-peptide linking' y ISOLEUCINE      ? 'C6 H13 N O2'    131.173 
LEU 'L-peptide linking' y LEUCINE         ? 'C6 H13 N O2'    131.173 
LYS 'L-peptide linking' y LYSINE          ? 'C6 H15 N2 O2 1' 147.195 
MET 'L-peptide linking' y METHIONINE      ? 'C5 H11 N O2 S'  149.211 
PHE 'L-peptide linking' y PHENYLALANINE   ? 'C9 H11 N O2'    165.189 
PRO 'L-peptide linking' y PROLINE         ? 'C5 H9 N O2'     115.130 
SER 'L-peptide linking' y SERINE          ? 'C3 H7 N O3'     105.093 
SO4 non-polymer         . 'SULFATE ION'   ? 'O4 S -2'        96.063  
THR 'L-peptide linking' y THREONINE       ? 'C4 H9 N O3'     119.119 
TRP 'L-peptide linking' y TRYPTOPHAN      ? 'C11 H12 N2 O2'  204.225 
TYR 'L-peptide linking' y TYROSINE        ? 'C9 H11 N O3'    181.189 
VAL 'L-peptide linking' y VALINE          ? 'C5 H11 N O2'    117.146 
ZN  non-polymer         . 'ZINC ION'      ? 'Zn 2'           65.409  
# 
loop_
_pdbx_poly_seq_scheme.asym_id 
_pdbx_poly_seq_scheme.entity_id 
_pdbx_poly_seq_scheme.seq_id 
_pdbx_poly_seq_scheme.mon_id 
_pdbx_poly_seq_scheme.ndb_seq_num 
_pdbx_poly_seq_scheme.pdb_seq_num 
_pdbx_poly_seq_scheme.auth_seq_num 
_pdbx_poly_seq_scheme.pdb_mon_id 
_pdbx_poly_seq_scheme.auth_mon_id 
_pdbx_poly_seq_scheme.pdb_strand_id 
_pdbx_poly_seq_scheme.pdb_ins_code 
_pdbx_poly_seq_scheme.hetero 
A 1 1   MET 1   129 ?   ?   ?   A . n 
A 1 2   GLN 2   130 ?   ?   ?   A . n 
A 1 3   ILE 3   131 ?   ?   ?   A . n 
A 1 4   GLY 4   132 132 GLY GLY A . n 
A 1 5   HIS 5   133 133 HIS HIS A . n 
A 1 6   PRO 6   134 134 PRO PRO A . n 
A 1 7   SER 7   135 135 SER SER A . n 
A 1 8   PRO 8   136 136 PRO PRO A . n 
A 1 9   PRO 9   137 137 PRO PRO A . n 
A 1 10  PRO 10  138 138 PRO PRO A . n 
A 1 11  GLU 11  139 139 GLU GLU A . n 
A 1 12  LYS 12  140 140 LYS LYS A . n 
A 1 13  LYS 13  141 141 LYS LYS A . n 
A 1 14  GLU 14  142 142 GLU GLU A . n 
A 1 15  LEU 15  143 143 LEU LEU A . n 
A 1 16  ARG 16  144 144 ARG ARG A . n 
A 1 17  LYS 17  145 145 LYS LYS A . n 
A 1 18  VAL 18  146 146 VAL VAL A . n 
A 1 19  ALA 19  147 147 ALA ALA A . n 
A 1 20  HIS 20  148 148 HIS HIS A . n 
A 1 21  LEU 21  149 149 LEU LEU A . n 
A 1 22  THR 22  150 150 THR THR A . n 
A 1 23  GLY 23  151 151 GLY GLY A . n 
A 1 24  LYS 24  152 152 LYS LYS A . n 
A 1 25  SER 25  153 153 SER SER A . n 
A 1 26  ASN 26  154 154 ASN ASN A . n 
A 1 27  SER 27  155 155 SER SER A . n 
A 1 28  ARG 28  156 156 ARG ARG A . n 
A 1 29  SER 29  157 157 SER SER A . n 
A 1 30  MET 30  158 158 MET MET A . n 
A 1 31  PRO 31  159 159 PRO PRO A . n 
A 1 32  LEU 32  160 160 LEU LEU A . n 
A 1 33  GLU 33  161 161 GLU GLU A . n 
A 1 34  TRP 34  162 162 TRP TRP A . n 
A 1 35  GLU 35  163 163 GLU GLU A . n 
A 1 36  HIS 36  164 164 HIS HIS A . n 
A 1 37  GLU 37  165 165 GLU GLU A . n 
A 1 38  LEU 38  166 166 LEU LEU A . n 
A 1 39  GLY 39  167 167 GLY GLY A . n 
A 1 40  LEU 40  168 168 LEU LEU A . n 
A 1 41  ALA 41  169 169 ALA ALA A . n 
A 1 42  LEU 42  170 170 LEU LEU A . n 
A 1 43  LEU 43  171 171 LEU LEU A . n 
A 1 44  SER 44  172 172 SER SER A . n 
A 1 45  GLY 45  173 173 GLY GLY A . n 
A 1 46  VAL 46  174 174 VAL VAL A . n 
A 1 47  LYS 47  175 175 LYS LYS A . n 
A 1 48  TYR 48  176 176 TYR TYR A . n 
A 1 49  LYS 49  177 177 LYS LYS A . n 
A 1 50  LYS 50  178 178 LYS LYS A . n 
A 1 51  GLY 51  179 179 GLY GLY A . n 
A 1 52  GLY 52  180 180 GLY GLY A . n 
A 1 53  LEU 53  181 181 LEU LEU A . n 
A 1 54  VAL 54  182 182 VAL VAL A . n 
A 1 55  ILE 55  183 183 ILE ILE A . n 
A 1 56  ASN 56  184 184 ASN ASN A . n 
A 1 57  GLU 57  185 185 GLU GLU A . n 
A 1 58  THR 58  186 186 THR THR A . n 
A 1 59  GLY 59  187 187 GLY GLY A . n 
A 1 60  LEU 60  188 188 LEU LEU A . n 
A 1 61  TYR 61  189 189 TYR TYR A . n 
A 1 62  PHE 62  190 190 PHE PHE A . n 
A 1 63  VAL 63  191 191 VAL VAL A . n 
A 1 64  TYR 64  192 192 TYR TYR A . n 
A 1 65  SER 65  193 193 SER SER A . n 
A 1 66  LYS 66  194 194 LYS LYS A . n 
A 1 67  VAL 67  195 195 VAL VAL A . n 
A 1 68  TYR 68  196 196 TYR TYR A . n 
A 1 69  PHE 69  197 197 PHE PHE A . n 
A 1 70  ARG 70  198 198 ARG ARG A . n 
A 1 71  GLY 71  199 199 GLY GLY A . n 
A 1 72  GLN 72  200 200 GLN GLN A . n 
A 1 73  SER 73  201 201 SER SER A . n 
A 1 74  CYS 74  202 202 CYS CYS A . n 
A 1 75  ASN 75  203 203 ASN ASN A . n 
A 1 76  ASN 76  204 204 ASN ASN A . n 
A 1 77  LEU 77  205 205 LEU LEU A . n 
A 1 78  PRO 78  206 206 PRO PRO A . n 
A 1 79  LEU 79  207 207 LEU LEU A . n 
A 1 80  SER 80  208 208 SER SER A . n 
A 1 81  HIS 81  209 209 HIS HIS A . n 
A 1 82  LYS 82  210 210 LYS LYS A . n 
A 1 83  VAL 83  211 211 VAL VAL A . n 
A 1 84  TYR 84  212 212 TYR TYR A . n 
A 1 85  MET 85  213 213 MET MET A . n 
A 1 86  ARG 86  214 214 ARG ARG A . n 
A 1 87  ASN 87  215 215 ASN ASN A . n 
A 1 88  SER 88  216 216 SER SER A . n 
A 1 89  LYS 89  217 217 LYS LYS A . n 
A 1 90  TYR 90  218 218 TYR TYR A . n 
A 1 91  PRO 91  219 219 PRO PRO A . n 
A 1 92  GLN 92  220 220 GLN GLN A . n 
A 1 93  ASP 93  221 221 ASP ASP A . n 
A 1 94  LEU 94  222 222 LEU LEU A . n 
A 1 95  VAL 95  223 223 VAL VAL A . n 
A 1 96  MET 96  224 224 MET MET A . n 
A 1 97  MET 97  225 225 MET MET A . n 
A 1 98  GLU 98  226 226 GLU GLU A . n 
A 1 99  GLY 99  227 227 GLY GLY A . n 
A 1 100 LYS 100 228 228 LYS LYS A . n 
A 1 101 MET 101 229 229 MET MET A . n 
A 1 102 MET 102 230 230 MET MET A . n 
A 1 103 SER 103 231 231 SER SER A . n 
A 1 104 TYR 104 232 232 TYR TYR A . n 
A 1 105 CYS 105 233 233 CYS CYS A . n 
A 1 106 THR 106 234 234 THR THR A . n 
A 1 107 THR 107 235 235 THR THR A . n 
A 1 108 GLY 108 236 236 GLY GLY A . n 
A 1 109 GLN 109 237 237 GLN GLN A . n 
A 1 110 MET 110 238 238 MET MET A . n 
A 1 111 TRP 111 239 239 TRP TRP A . n 
A 1 112 ALA 112 240 240 ALA ALA A . n 
A 1 113 ARG 113 241 241 ARG ARG A . n 
A 1 114 SER 114 242 242 SER SER A . n 
A 1 115 SER 115 243 243 SER SER A . n 
A 1 116 TYR 116 244 244 TYR TYR A . n 
A 1 117 LEU 117 245 245 LEU LEU A . n 
A 1 118 GLY 118 246 246 GLY GLY A . n 
A 1 119 ALA 119 247 247 ALA ALA A . n 
A 1 120 VAL 120 248 248 VAL VAL A . n 
A 1 121 PHE 121 249 249 PHE PHE A . n 
A 1 122 ASN 122 250 250 ASN ASN A . n 
A 1 123 LEU 123 251 251 LEU LEU A . n 
A 1 124 THR 124 252 252 THR THR A . n 
A 1 125 SER 125 253 253 SER SER A . n 
A 1 126 ALA 126 254 254 ALA ALA A . n 
A 1 127 ASP 127 255 255 ASP ASP A . n 
A 1 128 HIS 128 256 256 HIS HIS A . n 
A 1 129 LEU 129 257 257 LEU LEU A . n 
A 1 130 TYR 130 258 258 TYR TYR A . n 
A 1 131 VAL 131 259 259 VAL VAL A . n 
A 1 132 ASN 132 260 260 ASN ASN A . n 
A 1 133 VAL 133 261 261 VAL VAL A . n 
A 1 134 SER 134 262 262 SER SER A . n 
A 1 135 GLU 135 263 263 GLU GLU A . n 
A 1 136 LEU 136 264 264 LEU LEU A . n 
A 1 137 SER 137 265 265 SER SER A . n 
A 1 138 LEU 138 266 266 LEU LEU A . n 
A 1 139 VAL 139 267 267 VAL VAL A . n 
A 1 140 ASN 140 268 268 ASN ASN A . n 
A 1 141 PHE 141 269 269 PHE PHE A . n 
A 1 142 GLU 142 270 270 GLU GLU A . n 
A 1 143 GLU 143 271 271 GLU GLU A . n 
A 1 144 SER 144 272 272 SER SER A . n 
A 1 145 GLN 145 273 273 GLN GLN A . n 
A 1 146 THR 146 274 274 THR THR A . n 
A 1 147 PHE 147 275 275 PHE PHE A . n 
A 1 148 PHE 148 276 276 PHE PHE A . n 
A 1 149 GLY 149 277 277 GLY GLY A . n 
A 1 150 LEU 150 278 278 LEU LEU A . n 
A 1 151 TYR 151 279 279 TYR TYR A . n 
A 1 152 LYS 152 280 280 LYS LYS A . n 
A 1 153 LEU 153 281 281 LEU LEU A . n 
# 
loop_
_pdbx_nonpoly_scheme.asym_id 
_pdbx_nonpoly_scheme.entity_id 
_pdbx_nonpoly_scheme.mon_id 
_pdbx_nonpoly_scheme.ndb_seq_num 
_pdbx_nonpoly_scheme.pdb_seq_num 
_pdbx_nonpoly_scheme.auth_seq_num 
_pdbx_nonpoly_scheme.pdb_mon_id 
_pdbx_nonpoly_scheme.auth_mon_id 
_pdbx_nonpoly_scheme.pdb_strand_id 
_pdbx_nonpoly_scheme.pdb_ins_code 
B 2 SO4 1  301 1  SO4 SO4 A . 
C 3 ZN  1  302 1  ZN  ZN  A . 
D 4 HOH 1  401 30 HOH HOH A . 
D 4 HOH 2  402 55 HOH HOH A . 
D 4 HOH 3  403 15 HOH HOH A . 
D 4 HOH 4  404 35 HOH HOH A . 
D 4 HOH 5  405 22 HOH HOH A . 
D 4 HOH 6  406 52 HOH HOH A . 
D 4 HOH 7  407 51 HOH HOH A . 
D 4 HOH 8  408 13 HOH HOH A . 
D 4 HOH 9  409 60 HOH HOH A . 
D 4 HOH 10 410 25 HOH HOH A . 
D 4 HOH 11 411 29 HOH HOH A . 
D 4 HOH 12 412 31 HOH HOH A . 
D 4 HOH 13 413 46 HOH HOH A . 
D 4 HOH 14 414 27 HOH HOH A . 
D 4 HOH 15 415 10 HOH HOH A . 
D 4 HOH 16 416 24 HOH HOH A . 
D 4 HOH 17 417 50 HOH HOH A . 
D 4 HOH 18 418 63 HOH HOH A . 
D 4 HOH 19 419 7  HOH HOH A . 
D 4 HOH 20 420 44 HOH HOH A . 
D 4 HOH 21 421 6  HOH HOH A . 
D 4 HOH 22 422 4  HOH HOH A . 
D 4 HOH 23 423 36 HOH HOH A . 
D 4 HOH 24 424 59 HOH HOH A . 
D 4 HOH 25 425 20 HOH HOH A . 
D 4 HOH 26 426 8  HOH HOH A . 
D 4 HOH 27 427 33 HOH HOH A . 
D 4 HOH 28 428 5  HOH HOH A . 
D 4 HOH 29 429 62 HOH HOH A . 
D 4 HOH 30 430 2  HOH HOH A . 
D 4 HOH 31 431 26 HOH HOH A . 
D 4 HOH 32 432 37 HOH HOH A . 
D 4 HOH 33 433 3  HOH HOH A . 
D 4 HOH 34 434 57 HOH HOH A . 
D 4 HOH 35 435 65 HOH HOH A . 
D 4 HOH 36 436 34 HOH HOH A . 
D 4 HOH 37 437 11 HOH HOH A . 
D 4 HOH 38 438 39 HOH HOH A . 
D 4 HOH 39 439 16 HOH HOH A . 
D 4 HOH 40 440 45 HOH HOH A . 
D 4 HOH 41 441 32 HOH HOH A . 
D 4 HOH 42 442 48 HOH HOH A . 
D 4 HOH 43 443 38 HOH HOH A . 
D 4 HOH 44 444 17 HOH HOH A . 
D 4 HOH 45 445 49 HOH HOH A . 
D 4 HOH 46 446 47 HOH HOH A . 
D 4 HOH 47 447 18 HOH HOH A . 
D 4 HOH 48 448 43 HOH HOH A . 
D 4 HOH 49 449 56 HOH HOH A . 
D 4 HOH 50 450 23 HOH HOH A . 
D 4 HOH 51 451 64 HOH HOH A . 
D 4 HOH 52 452 21 HOH HOH A . 
D 4 HOH 53 453 28 HOH HOH A . 
D 4 HOH 54 454 54 HOH HOH A . 
D 4 HOH 55 455 12 HOH HOH A . 
D 4 HOH 56 456 14 HOH HOH A . 
D 4 HOH 57 457 40 HOH HOH A . 
D 4 HOH 58 458 61 HOH HOH A . 
D 4 HOH 59 459 42 HOH HOH A . 
D 4 HOH 60 460 53 HOH HOH A . 
D 4 HOH 61 461 19 HOH HOH A . 
# 
loop_
_pdbx_unobs_or_zero_occ_atoms.id 
_pdbx_unobs_or_zero_occ_atoms.PDB_model_num 
_pdbx_unobs_or_zero_occ_atoms.polymer_flag 
_pdbx_unobs_or_zero_occ_atoms.occupancy_flag 
_pdbx_unobs_or_zero_occ_atoms.auth_asym_id 
_pdbx_unobs_or_zero_occ_atoms.auth_comp_id 
_pdbx_unobs_or_zero_occ_atoms.auth_seq_id 
_pdbx_unobs_or_zero_occ_atoms.PDB_ins_code 
_pdbx_unobs_or_zero_occ_atoms.auth_atom_id 
_pdbx_unobs_or_zero_occ_atoms.label_alt_id 
_pdbx_unobs_or_zero_occ_atoms.label_asym_id 
_pdbx_unobs_or_zero_occ_atoms.label_comp_id 
_pdbx_unobs_or_zero_occ_atoms.label_seq_id 
_pdbx_unobs_or_zero_occ_atoms.label_atom_id 
1  1 Y 1 A SER 135 ? OG  ? A SER 7  OG  
2  1 Y 1 A PRO 138 ? CG  ? A PRO 10 CG  
3  1 Y 1 A PRO 138 ? CD  ? A PRO 10 CD  
4  1 Y 1 A GLU 139 ? CG  ? A GLU 11 CG  
5  1 Y 1 A GLU 139 ? CD  ? A GLU 11 CD  
6  1 Y 1 A GLU 139 ? OE1 ? A GLU 11 OE1 
7  1 Y 1 A GLU 139 ? OE2 ? A GLU 11 OE2 
8  1 Y 1 A LYS 140 ? CG  ? A LYS 12 CG  
9  1 Y 1 A LYS 140 ? CD  ? A LYS 12 CD  
10 1 Y 1 A LYS 140 ? CE  ? A LYS 12 CE  
11 1 Y 1 A LYS 140 ? NZ  ? A LYS 12 NZ  
12 1 Y 1 A LYS 141 ? CG  ? A LYS 13 CG  
13 1 Y 1 A LYS 141 ? CD  ? A LYS 13 CD  
14 1 Y 1 A LYS 141 ? CE  ? A LYS 13 CE  
15 1 Y 1 A LYS 141 ? NZ  ? A LYS 13 NZ  
16 1 Y 1 A GLU 142 ? CG  ? A GLU 14 CG  
17 1 Y 1 A GLU 142 ? CD  ? A GLU 14 CD  
18 1 Y 1 A GLU 142 ? OE1 ? A GLU 14 OE1 
19 1 Y 1 A GLU 142 ? OE2 ? A GLU 14 OE2 
20 1 Y 1 A LEU 143 ? CG  ? A LEU 15 CG  
21 1 Y 1 A LEU 143 ? CD1 ? A LEU 15 CD1 
22 1 Y 1 A LEU 143 ? CD2 ? A LEU 15 CD2 
# 
loop_
_software.citation_id 
_software.classification 
_software.compiler_name 
_software.compiler_version 
_software.contact_author 
_software.contact_author_email 
_software.date 
_software.description 
_software.dependencies 
_software.hardware 
_software.language 
_software.location 
_software.mods 
_software.name 
_software.os 
_software.os_version 
_software.type 
_software.version 
_software.pdbx_ordinal 
? refinement       ? ? ? ? ? ? ? ? ? ? ? REFMAC   ? ? ? 5.8.0123 1 
? 'data reduction' ? ? ? ? ? ? ? ? ? ? ? MOSFLM   ? ? ? .        2 
? 'data scaling'   ? ? ? ? ? ? ? ? ? ? ? HKL-3000 ? ? ? .        3 
? phasing          ? ? ? ? ? ? ? ? ? ? ? MOLREP   ? ? ? .        4 
# 
_cell.angle_alpha                  90.00 
_cell.angle_alpha_esd              ? 
_cell.angle_beta                   90.00 
_cell.angle_beta_esd               ? 
_cell.angle_gamma                  120.00 
_cell.angle_gamma_esd              ? 
_cell.entry_id                     5L19 
_cell.details                      ? 
_cell.formula_units_Z              ? 
_cell.length_a                     52.690 
_cell.length_a_esd                 ? 
_cell.length_b                     52.690 
_cell.length_b_esd                 ? 
_cell.length_c                     87.385 
_cell.length_c_esd                 ? 
_cell.volume                       ? 
_cell.volume_esd                   ? 
_cell.Z_PDB                        6 
_cell.reciprocal_angle_alpha       ? 
_cell.reciprocal_angle_beta        ? 
_cell.reciprocal_angle_gamma       ? 
_cell.reciprocal_angle_alpha_esd   ? 
_cell.reciprocal_angle_beta_esd    ? 
_cell.reciprocal_angle_gamma_esd   ? 
_cell.reciprocal_length_a          ? 
_cell.reciprocal_length_b          ? 
_cell.reciprocal_length_c          ? 
_cell.reciprocal_length_a_esd      ? 
_cell.reciprocal_length_b_esd      ? 
_cell.reciprocal_length_c_esd      ? 
_cell.pdbx_unique_axis             ? 
# 
_symmetry.entry_id                         5L19 
_symmetry.cell_setting                     ? 
_symmetry.Int_Tables_number                150 
_symmetry.space_group_name_Hall            ? 
_symmetry.space_group_name_H-M             'P 3 2 1' 
_symmetry.pdbx_full_space_group_name_H-M   ? 
# 
_exptl.absorpt_coefficient_mu     ? 
_exptl.absorpt_correction_T_max   ? 
_exptl.absorpt_correction_T_min   ? 
_exptl.absorpt_correction_type    ? 
_exptl.absorpt_process_details    ? 
_exptl.entry_id                   5L19 
_exptl.crystals_number            1 
_exptl.details                    ? 
_exptl.method                     'X-RAY DIFFRACTION' 
_exptl.method_details             ? 
# 
_exptl_crystal.colour                      ? 
_exptl_crystal.density_diffrn              ? 
_exptl_crystal.density_Matthews            2.01 
_exptl_crystal.density_method              ? 
_exptl_crystal.density_percent_sol         38.71 
_exptl_crystal.description                 ? 
_exptl_crystal.F_000                       ? 
_exptl_crystal.id                          1 
_exptl_crystal.preparation                 ? 
_exptl_crystal.size_max                    ? 
_exptl_crystal.size_mid                    ? 
_exptl_crystal.size_min                    ? 
_exptl_crystal.size_rad                    ? 
_exptl_crystal.colour_lustre               ? 
_exptl_crystal.colour_modifier             ? 
_exptl_crystal.colour_primary              ? 
_exptl_crystal.density_meas                ? 
_exptl_crystal.density_meas_esd            ? 
_exptl_crystal.density_meas_gt             ? 
_exptl_crystal.density_meas_lt             ? 
_exptl_crystal.density_meas_temp           ? 
_exptl_crystal.density_meas_temp_esd       ? 
_exptl_crystal.density_meas_temp_gt        ? 
_exptl_crystal.density_meas_temp_lt        ? 
_exptl_crystal.pdbx_crystal_image_url      ? 
_exptl_crystal.pdbx_crystal_image_format   ? 
_exptl_crystal.pdbx_mosaicity              ? 
_exptl_crystal.pdbx_mosaicity_esd          ? 
# 
_exptl_crystal_grow.apparatus       ? 
_exptl_crystal_grow.atmosphere      ? 
_exptl_crystal_grow.crystal_id      1 
_exptl_crystal_grow.details         ? 
_exptl_crystal_grow.method          'VAPOR DIFFUSION, SITTING DROP' 
_exptl_crystal_grow.method_ref      ? 
_exptl_crystal_grow.pH              6.5 
_exptl_crystal_grow.pressure        ? 
_exptl_crystal_grow.pressure_esd    ? 
_exptl_crystal_grow.seeding         ? 
_exptl_crystal_grow.seeding_ref     ? 
_exptl_crystal_grow.temp            290 
_exptl_crystal_grow.temp_details    ? 
_exptl_crystal_grow.temp_esd        ? 
_exptl_crystal_grow.time            ? 
_exptl_crystal_grow.pdbx_details    '0.2M Ammonium Sulfate, 0.1M Bis-Tris:HCl, pH6.5, 20% (W/V) PEG3350, 0.01M Zinc Chloride' 
_exptl_crystal_grow.pdbx_pH_range   ? 
# 
_diffrn.ambient_environment    ? 
_diffrn.ambient_temp           77 
_diffrn.ambient_temp_details   ? 
_diffrn.ambient_temp_esd       ? 
_diffrn.crystal_id             1 
_diffrn.crystal_support        ? 
_diffrn.crystal_treatment      ? 
_diffrn.details                ? 
_diffrn.id                     1 
_diffrn.ambient_pressure       ? 
_diffrn.ambient_pressure_esd   ? 
_diffrn.ambient_pressure_gt    ? 
_diffrn.ambient_pressure_lt    ? 
_diffrn.ambient_temp_gt        ? 
_diffrn.ambient_temp_lt        ? 
# 
_diffrn_detector.details                      ? 
_diffrn_detector.detector                     CCD 
_diffrn_detector.diffrn_id                    1 
_diffrn_detector.type                         'RAYONIX MX225HE' 
_diffrn_detector.area_resol_mean              ? 
_diffrn_detector.dtime                        ? 
_diffrn_detector.pdbx_frames_total            ? 
_diffrn_detector.pdbx_collection_time_total   ? 
_diffrn_detector.pdbx_collection_date         2016-02-10 
# 
_diffrn_radiation.collimation                      ? 
_diffrn_radiation.diffrn_id                        1 
_diffrn_radiation.filter_edge                      ? 
_diffrn_radiation.inhomogeneity                    ? 
_diffrn_radiation.monochromator                    ? 
_diffrn_radiation.polarisn_norm                    ? 
_diffrn_radiation.polarisn_ratio                   ? 
_diffrn_radiation.probe                            ? 
_diffrn_radiation.type                             ? 
_diffrn_radiation.xray_symbol                      ? 
_diffrn_radiation.wavelength_id                    1 
_diffrn_radiation.pdbx_monochromatic_or_laue_m_l   M 
_diffrn_radiation.pdbx_wavelength_list             ? 
_diffrn_radiation.pdbx_wavelength                  ? 
_diffrn_radiation.pdbx_diffrn_protocol             'SINGLE WAVELENGTH' 
_diffrn_radiation.pdbx_analyzer                    ? 
_diffrn_radiation.pdbx_scattering_type             x-ray 
# 
_diffrn_radiation_wavelength.id           1 
_diffrn_radiation_wavelength.wavelength   0.97931 
_diffrn_radiation_wavelength.wt           1.0 
# 
_diffrn_source.current                     ? 
_diffrn_source.details                     ? 
_diffrn_source.diffrn_id                   1 
_diffrn_source.power                       ? 
_diffrn_source.size                        ? 
_diffrn_source.source                      SYNCHROTRON 
_diffrn_source.target                      ? 
_diffrn_source.type                        'APS BEAMLINE 31-ID' 
_diffrn_source.voltage                     ? 
_diffrn_source.take-off_angle              ? 
_diffrn_source.pdbx_wavelength_list        0.97931 
_diffrn_source.pdbx_wavelength             ? 
_diffrn_source.pdbx_synchrotron_beamline   31-ID 
_diffrn_source.pdbx_synchrotron_site       APS 
# 
_reflns.B_iso_Wilson_estimate            ? 
_reflns.entry_id                         5L19 
_reflns.data_reduction_details           ? 
_reflns.data_reduction_method            ? 
_reflns.d_resolution_high                2.0 
_reflns.d_resolution_low                 50 
_reflns.details                          ? 
_reflns.limit_h_max                      ? 
_reflns.limit_h_min                      ? 
_reflns.limit_k_max                      ? 
_reflns.limit_k_min                      ? 
_reflns.limit_l_max                      ? 
_reflns.limit_l_min                      ? 
_reflns.number_all                       ? 
_reflns.number_obs                       9993 
_reflns.observed_criterion               ? 
_reflns.observed_criterion_F_max         ? 
_reflns.observed_criterion_F_min         ? 
_reflns.observed_criterion_I_max         ? 
_reflns.observed_criterion_I_min         ? 
_reflns.observed_criterion_sigma_F       ? 
_reflns.observed_criterion_sigma_I       ? 
_reflns.percent_possible_obs             99.4 
_reflns.R_free_details                   ? 
_reflns.Rmerge_F_all                     ? 
_reflns.Rmerge_F_obs                     ? 
_reflns.Friedel_coverage                 ? 
_reflns.number_gt                        ? 
_reflns.threshold_expression             ? 
_reflns.pdbx_redundancy                  9.4 
_reflns.pdbx_Rmerge_I_obs                0.190 
_reflns.pdbx_Rmerge_I_all                ? 
_reflns.pdbx_Rsym_value                  ? 
_reflns.pdbx_netI_over_av_sigmaI         ? 
_reflns.pdbx_netI_over_sigmaI            13.3 
_reflns.pdbx_res_netI_over_av_sigmaI_2   ? 
_reflns.pdbx_res_netI_over_sigmaI_2      ? 
_reflns.pdbx_chi_squared                 ? 
_reflns.pdbx_scaling_rejects             ? 
_reflns.pdbx_d_res_high_opt              ? 
_reflns.pdbx_d_res_low_opt               ? 
_reflns.pdbx_d_res_opt_method            ? 
_reflns.phase_calculation_details        ? 
_reflns.pdbx_Rrim_I_all                  ? 
_reflns.pdbx_Rpim_I_all                  ? 
_reflns.pdbx_d_opt                       ? 
_reflns.pdbx_number_measured_all         ? 
_reflns.pdbx_diffrn_id                   1 
_reflns.pdbx_ordinal                     1 
_reflns.pdbx_CC_half                     ? 
_reflns.pdbx_R_split                     ? 
# 
_reflns_shell.d_res_high                  2.0 
_reflns_shell.d_res_low                   2.03 
_reflns_shell.meanI_over_sigI_all         ? 
_reflns_shell.meanI_over_sigI_obs         3.1 
_reflns_shell.number_measured_all         ? 
_reflns_shell.number_measured_obs         ? 
_reflns_shell.number_possible             ? 
_reflns_shell.number_unique_all           ? 
_reflns_shell.number_unique_obs           ? 
_reflns_shell.percent_possible_all        99.4 
_reflns_shell.percent_possible_obs        ? 
_reflns_shell.Rmerge_F_all                ? 
_reflns_shell.Rmerge_F_obs                ? 
_reflns_shell.Rmerge_I_all                ? 
_reflns_shell.Rmerge_I_obs                0.942 
_reflns_shell.meanI_over_sigI_gt          ? 
_reflns_shell.meanI_over_uI_all           ? 
_reflns_shell.meanI_over_uI_gt            ? 
_reflns_shell.number_measured_gt          ? 
_reflns_shell.number_unique_gt            ? 
_reflns_shell.percent_possible_gt         ? 
_reflns_shell.Rmerge_F_gt                 ? 
_reflns_shell.Rmerge_I_gt                 ? 
_reflns_shell.pdbx_redundancy             8.6 
_reflns_shell.pdbx_Rsym_value             ? 
_reflns_shell.pdbx_chi_squared            ? 
_reflns_shell.pdbx_netI_over_sigmaI_all   ? 
_reflns_shell.pdbx_netI_over_sigmaI_obs   ? 
_reflns_shell.pdbx_Rrim_I_all             ? 
_reflns_shell.pdbx_Rpim_I_all             ? 
_reflns_shell.pdbx_rejects                ? 
_reflns_shell.pdbx_ordinal                1 
_reflns_shell.pdbx_diffrn_id              1 
_reflns_shell.pdbx_CC_half                0.834 
_reflns_shell.pdbx_R_split                ? 
# 
_refine.aniso_B[1][1]                            -0.95 
_refine.aniso_B[1][2]                            -0.48 
_refine.aniso_B[1][3]                            0.00 
_refine.aniso_B[2][2]                            -0.95 
_refine.aniso_B[2][3]                            -0.00 
_refine.aniso_B[3][3]                            3.10 
_refine.B_iso_max                                ? 
_refine.B_iso_mean                               25.706 
_refine.B_iso_min                                ? 
_refine.correlation_coeff_Fo_to_Fc               0.963 
_refine.correlation_coeff_Fo_to_Fc_free          0.925 
_refine.details                                  'HYDROGENS HAVE BEEN ADDED IN THE RIDING POSITIONS' 
_refine.diff_density_max                         ? 
_refine.diff_density_max_esd                     ? 
_refine.diff_density_min                         ? 
_refine.diff_density_min_esd                     ? 
_refine.diff_density_rms                         ? 
_refine.diff_density_rms_esd                     ? 
_refine.entry_id                                 5L19 
_refine.pdbx_refine_id                           'X-RAY DIFFRACTION' 
_refine.ls_abs_structure_details                 ? 
_refine.ls_abs_structure_Flack                   ? 
_refine.ls_abs_structure_Flack_esd               ? 
_refine.ls_abs_structure_Rogers                  ? 
_refine.ls_abs_structure_Rogers_esd              ? 
_refine.ls_d_res_high                            2.00 
_refine.ls_d_res_low                             50.0 
_refine.ls_extinction_coef                       ? 
_refine.ls_extinction_coef_esd                   ? 
_refine.ls_extinction_expression                 ? 
_refine.ls_extinction_method                     ? 
_refine.ls_goodness_of_fit_all                   ? 
_refine.ls_goodness_of_fit_all_esd               ? 
_refine.ls_goodness_of_fit_obs                   ? 
_refine.ls_goodness_of_fit_obs_esd               ? 
_refine.ls_hydrogen_treatment                    ? 
_refine.ls_matrix_type                           ? 
_refine.ls_number_constraints                    ? 
_refine.ls_number_parameters                     ? 
_refine.ls_number_reflns_all                     ? 
_refine.ls_number_reflns_obs                     9414 
_refine.ls_number_reflns_R_free                  521 
_refine.ls_number_reflns_R_work                  ? 
_refine.ls_number_restraints                     ? 
_refine.ls_percent_reflns_obs                    99.21 
_refine.ls_percent_reflns_R_free                 5.2 
_refine.ls_R_factor_all                          ? 
_refine.ls_R_factor_obs                          0.16775 
_refine.ls_R_factor_R_free                       0.21602 
_refine.ls_R_factor_R_free_error                 ? 
_refine.ls_R_factor_R_free_error_details         ? 
_refine.ls_R_factor_R_work                       0.16512 
_refine.ls_R_Fsqd_factor_obs                     ? 
_refine.ls_R_I_factor_obs                        ? 
_refine.ls_redundancy_reflns_all                 ? 
_refine.ls_redundancy_reflns_obs                 ? 
_refine.ls_restrained_S_all                      ? 
_refine.ls_restrained_S_obs                      ? 
_refine.ls_shift_over_esd_max                    ? 
_refine.ls_shift_over_esd_mean                   ? 
_refine.ls_structure_factor_coef                 ? 
_refine.ls_weighting_details                     ? 
_refine.ls_weighting_scheme                      ? 
_refine.ls_wR_factor_all                         ? 
_refine.ls_wR_factor_obs                         ? 
_refine.ls_wR_factor_R_free                      ? 
_refine.ls_wR_factor_R_work                      ? 
_refine.occupancy_max                            ? 
_refine.occupancy_min                            ? 
_refine.solvent_model_details                    ? 
_refine.solvent_model_param_bsol                 ? 
_refine.solvent_model_param_ksol                 ? 
_refine.ls_R_factor_gt                           ? 
_refine.ls_goodness_of_fit_gt                    ? 
_refine.ls_goodness_of_fit_ref                   ? 
_refine.ls_shift_over_su_max                     ? 
_refine.ls_shift_over_su_max_lt                  ? 
_refine.ls_shift_over_su_mean                    ? 
_refine.ls_shift_over_su_mean_lt                 ? 
_refine.pdbx_ls_sigma_I                          ? 
_refine.pdbx_ls_sigma_F                          ? 
_refine.pdbx_ls_sigma_Fsqd                       ? 
_refine.pdbx_data_cutoff_high_absF               ? 
_refine.pdbx_data_cutoff_high_rms_absF           ? 
_refine.pdbx_data_cutoff_low_absF                ? 
_refine.pdbx_isotropic_thermal_model             ? 
_refine.pdbx_ls_cross_valid_method               THROUGHOUT 
_refine.pdbx_method_to_determine_struct          'MOLECULAR REPLACEMENT' 
_refine.pdbx_starting_model                      4MSV 
_refine.pdbx_stereochemistry_target_values       ? 
_refine.pdbx_R_Free_selection_details            RANDOM 
_refine.pdbx_stereochem_target_val_spec_case     ? 
_refine.pdbx_overall_ESU_R                       0.178 
_refine.pdbx_overall_ESU_R_Free                  0.160 
_refine.pdbx_solvent_vdw_probe_radii             1.20 
_refine.pdbx_solvent_ion_probe_radii             0.80 
_refine.pdbx_solvent_shrinkage_radii             0.80 
_refine.pdbx_real_space_R                        ? 
_refine.pdbx_density_correlation                 ? 
_refine.pdbx_pd_number_of_powder_patterns        ? 
_refine.pdbx_pd_number_of_points                 ? 
_refine.pdbx_pd_meas_number_of_points            ? 
_refine.pdbx_pd_proc_ls_prof_R_factor            ? 
_refine.pdbx_pd_proc_ls_prof_wR_factor           ? 
_refine.pdbx_pd_Marquardt_correlation_coeff      ? 
_refine.pdbx_pd_Fsqrd_R_factor                   ? 
_refine.pdbx_pd_ls_matrix_band_width             ? 
_refine.pdbx_overall_phase_error                 ? 
_refine.pdbx_overall_SU_R_free_Cruickshank_DPI   ? 
_refine.pdbx_overall_SU_R_free_Blow_DPI          ? 
_refine.pdbx_overall_SU_R_Blow_DPI               ? 
_refine.pdbx_TLS_residual_ADP_flag               ? 
_refine.pdbx_diffrn_id                           1 
_refine.overall_SU_B                             4.424 
_refine.overall_SU_ML                            0.118 
_refine.overall_SU_R_Cruickshank_DPI             ? 
_refine.overall_SU_R_free                        ? 
_refine.overall_FOM_free_R_set                   ? 
_refine.overall_FOM_work_R_set                   ? 
_refine.pdbx_average_fsc_overall                 ? 
_refine.pdbx_average_fsc_work                    ? 
_refine.pdbx_average_fsc_free                    ? 
# 
_refine_hist.pdbx_refine_id                   'X-RAY DIFFRACTION' 
_refine_hist.cycle_id                         1 
_refine_hist.pdbx_number_atoms_protein        1176 
_refine_hist.pdbx_number_atoms_nucleic_acid   0 
_refine_hist.pdbx_number_atoms_ligand         6 
_refine_hist.number_atoms_solvent             61 
_refine_hist.number_atoms_total               1243 
_refine_hist.d_res_high                       2.00 
_refine_hist.d_res_low                        50.0 
# 
loop_
_refine_ls_restr.pdbx_refine_id 
_refine_ls_restr.criterion 
_refine_ls_restr.dev_ideal 
_refine_ls_restr.dev_ideal_target 
_refine_ls_restr.number 
_refine_ls_restr.rejects 
_refine_ls_restr.type 
_refine_ls_restr.weight 
_refine_ls_restr.pdbx_restraint_function 
'X-RAY DIFFRACTION' ? 0.019  0.019  1211 ? r_bond_refined_d             ? ? 
'X-RAY DIFFRACTION' ? 0.006  0.020  1125 ? r_bond_other_d               ? ? 
'X-RAY DIFFRACTION' ? 1.999  1.962  1636 ? r_angle_refined_deg          ? ? 
'X-RAY DIFFRACTION' ? 1.111  3.000  2587 ? r_angle_other_deg            ? ? 
'X-RAY DIFFRACTION' ? 7.341  5.000  149  ? r_dihedral_angle_1_deg       ? ? 
'X-RAY DIFFRACTION' ? 34.002 23.400 50   ? r_dihedral_angle_2_deg       ? ? 
'X-RAY DIFFRACTION' ? 15.198 15.000 205  ? r_dihedral_angle_3_deg       ? ? 
'X-RAY DIFFRACTION' ? 8.230  15.000 5    ? r_dihedral_angle_4_deg       ? ? 
'X-RAY DIFFRACTION' ? 0.128  0.200  175  ? r_chiral_restr               ? ? 
'X-RAY DIFFRACTION' ? 0.010  0.020  1351 ? r_gen_planes_refined         ? ? 
'X-RAY DIFFRACTION' ? 0.001  0.020  288  ? r_gen_planes_other           ? ? 
'X-RAY DIFFRACTION' ? ?      ?      ?    ? r_nbd_refined                ? ? 
'X-RAY DIFFRACTION' ? ?      ?      ?    ? r_nbd_other                  ? ? 
'X-RAY DIFFRACTION' ? ?      ?      ?    ? r_nbtor_refined              ? ? 
'X-RAY DIFFRACTION' ? ?      ?      ?    ? r_nbtor_other                ? ? 
'X-RAY DIFFRACTION' ? ?      ?      ?    ? r_xyhbond_nbd_refined        ? ? 
'X-RAY DIFFRACTION' ? ?      ?      ?    ? r_xyhbond_nbd_other          ? ? 
'X-RAY DIFFRACTION' ? ?      ?      ?    ? r_metal_ion_refined          ? ? 
'X-RAY DIFFRACTION' ? ?      ?      ?    ? r_metal_ion_other            ? ? 
'X-RAY DIFFRACTION' ? ?      ?      ?    ? r_symmetry_vdw_refined       ? ? 
'X-RAY DIFFRACTION' ? ?      ?      ?    ? r_symmetry_vdw_other         ? ? 
'X-RAY DIFFRACTION' ? ?      ?      ?    ? r_symmetry_hbond_refined     ? ? 
'X-RAY DIFFRACTION' ? ?      ?      ?    ? r_symmetry_hbond_other       ? ? 
'X-RAY DIFFRACTION' ? ?      ?      ?    ? r_symmetry_metal_ion_refined ? ? 
'X-RAY DIFFRACTION' ? ?      ?      ?    ? r_symmetry_metal_ion_other   ? ? 
'X-RAY DIFFRACTION' ? 2.685  2.448  599  ? r_mcbond_it                  ? ? 
'X-RAY DIFFRACTION' ? 2.678  2.447  598  ? r_mcbond_other               ? ? 
'X-RAY DIFFRACTION' ? 4.278  3.654  747  ? r_mcangle_it                 ? ? 
'X-RAY DIFFRACTION' ? 4.276  3.654  748  ? r_mcangle_other              ? ? 
'X-RAY DIFFRACTION' ? 3.953  2.647  611  ? r_scbond_it                  ? ? 
'X-RAY DIFFRACTION' ? 3.921  2.628  608  ? r_scbond_other               ? ? 
'X-RAY DIFFRACTION' ? ?      ?      ?    ? r_scangle_it                 ? ? 
'X-RAY DIFFRACTION' ? 6.291  3.814  884  ? r_scangle_other              ? ? 
'X-RAY DIFFRACTION' ? 8.190  18.641 1303 ? r_long_range_B_refined       ? ? 
'X-RAY DIFFRACTION' ? 8.113  18.591 1292 ? r_long_range_B_other         ? ? 
'X-RAY DIFFRACTION' ? ?      ?      ?    ? r_rigid_bond_restr           ? ? 
'X-RAY DIFFRACTION' ? ?      ?      ?    ? r_sphericity_free            ? ? 
'X-RAY DIFFRACTION' ? ?      ?      ?    ? r_sphericity_bonded          ? ? 
# 
_refine_ls_shell.pdbx_refine_id                   'X-RAY DIFFRACTION' 
_refine_ls_shell.d_res_high                       2.00 
_refine_ls_shell.d_res_low                        2.050 
_refine_ls_shell.number_reflns_all                ? 
_refine_ls_shell.number_reflns_obs                ? 
_refine_ls_shell.number_reflns_R_free             44 
_refine_ls_shell.number_reflns_R_work             675 
_refine_ls_shell.percent_reflns_obs               96.64 
_refine_ls_shell.percent_reflns_R_free            ? 
_refine_ls_shell.R_factor_all                     ? 
_refine_ls_shell.R_factor_obs                     ? 
_refine_ls_shell.R_factor_R_free                  0.253 
_refine_ls_shell.R_factor_R_free_error            ? 
_refine_ls_shell.R_factor_R_work                  0.221 
_refine_ls_shell.redundancy_reflns_all            ? 
_refine_ls_shell.redundancy_reflns_obs            ? 
_refine_ls_shell.wR_factor_all                    ? 
_refine_ls_shell.wR_factor_obs                    ? 
_refine_ls_shell.wR_factor_R_free                 ? 
_refine_ls_shell.wR_factor_R_work                 ? 
_refine_ls_shell.pdbx_total_number_of_bins_used   20 
_refine_ls_shell.pdbx_phase_error                 ? 
_refine_ls_shell.pdbx_fsc_work                    ? 
_refine_ls_shell.pdbx_fsc_free                    ? 
# 
_struct.entry_id                     5L19 
_struct.title                        'Crystal Structure of a human FasL mutant' 
_struct.pdbx_model_details           ? 
_struct.pdbx_formula_weight          ? 
_struct.pdbx_formula_weight_method   ? 
_struct.pdbx_model_type_details      ? 
_struct.pdbx_CASP_flag               N 
# 
_struct_keywords.entry_id        5L19 
_struct_keywords.text            'FasL, CD95L, TNF ligand, apoptosis' 
_struct_keywords.pdbx_keywords   APOPTOSIS 
# 
loop_
_struct_asym.id 
_struct_asym.pdbx_blank_PDB_chainid_flag 
_struct_asym.pdbx_modified 
_struct_asym.entity_id 
_struct_asym.details 
A N N 1 ? 
B N N 2 ? 
C N N 3 ? 
D N N 4 ? 
# 
_struct_ref.id                         1 
_struct_ref.db_name                    UNP 
_struct_ref.db_code                    TNFL6_HUMAN 
_struct_ref.pdbx_db_accession          P48023 
_struct_ref.pdbx_db_isoform            ? 
_struct_ref.entity_id                  1 
_struct_ref.pdbx_seq_one_letter_code   
;QIGHPSPPPEKKELRKVAHLTGKSNSRSMPLEWEDTYGIVLLSGVKYKKGGLVINETGLYFVYSKVYFRGQSCNNLPLSH
KVYMRNSKYPQDLVMMEGKMMSYCTTGQMWARSSYLGAVFNLTSADHLYVNVSELSLVNFEESQTFFGLYKL
;
_struct_ref.pdbx_align_begin           130 
# 
_struct_ref_seq.align_id                      1 
_struct_ref_seq.ref_id                        1 
_struct_ref_seq.pdbx_PDB_id_code              5L19 
_struct_ref_seq.pdbx_strand_id                A 
_struct_ref_seq.seq_align_beg                 2 
_struct_ref_seq.pdbx_seq_align_beg_ins_code   ? 
_struct_ref_seq.seq_align_end                 153 
_struct_ref_seq.pdbx_seq_align_end_ins_code   ? 
_struct_ref_seq.pdbx_db_accession             P48023 
_struct_ref_seq.db_align_beg                  130 
_struct_ref_seq.pdbx_db_align_beg_ins_code    ? 
_struct_ref_seq.db_align_end                  281 
_struct_ref_seq.pdbx_db_align_end_ins_code    ? 
_struct_ref_seq.pdbx_auth_seq_align_beg       130 
_struct_ref_seq.pdbx_auth_seq_align_end       281 
# 
loop_
_struct_ref_seq_dif.align_id 
_struct_ref_seq_dif.pdbx_pdb_id_code 
_struct_ref_seq_dif.mon_id 
_struct_ref_seq_dif.pdbx_pdb_strand_id 
_struct_ref_seq_dif.seq_num 
_struct_ref_seq_dif.pdbx_pdb_ins_code 
_struct_ref_seq_dif.pdbx_seq_db_name 
_struct_ref_seq_dif.pdbx_seq_db_accession_code 
_struct_ref_seq_dif.db_mon_id 
_struct_ref_seq_dif.pdbx_seq_db_seq_num 
_struct_ref_seq_dif.details 
_struct_ref_seq_dif.pdbx_auth_seq_num 
_struct_ref_seq_dif.pdbx_ordinal 
1 5L19 MET A 1  ? UNP P48023 ?   ?   'initiating methionine' 129 1 
1 5L19 HIS A 36 ? UNP P48023 ASP 164 conflict                164 2 
1 5L19 GLU A 37 ? UNP P48023 THR 165 conflict                165 3 
1 5L19 LEU A 38 ? UNP P48023 TYR 166 conflict                166 4 
1 5L19 LEU A 40 ? UNP P48023 ILE 168 conflict                168 5 
1 5L19 ALA A 41 ? UNP P48023 VAL 169 conflict                169 6 
# 
_pdbx_struct_assembly.id                   1 
_pdbx_struct_assembly.details              author_and_software_defined_assembly 
_pdbx_struct_assembly.method_details       PISA 
_pdbx_struct_assembly.oligomeric_details   monomeric 
_pdbx_struct_assembly.oligomeric_count     1 
# 
_pdbx_struct_assembly_gen.assembly_id       1 
_pdbx_struct_assembly_gen.oper_expression   1 
_pdbx_struct_assembly_gen.asym_id_list      A,B,C,D 
# 
_pdbx_struct_oper_list.id                   1 
_pdbx_struct_oper_list.type                 'identity operation' 
_pdbx_struct_oper_list.name                 1_555 
_pdbx_struct_oper_list.symmetry_operation   x,y,z 
_pdbx_struct_oper_list.matrix[1][1]         1.0000000000 
_pdbx_struct_oper_list.matrix[1][2]         0.0000000000 
_pdbx_struct_oper_list.matrix[1][3]         0.0000000000 
_pdbx_struct_oper_list.vector[1]            0.0000000000 
_pdbx_struct_oper_list.matrix[2][1]         0.0000000000 
_pdbx_struct_oper_list.matrix[2][2]         1.0000000000 
_pdbx_struct_oper_list.matrix[2][3]         0.0000000000 
_pdbx_struct_oper_list.vector[2]            0.0000000000 
_pdbx_struct_oper_list.matrix[3][1]         0.0000000000 
_pdbx_struct_oper_list.matrix[3][2]         0.0000000000 
_pdbx_struct_oper_list.matrix[3][3]         1.0000000000 
_pdbx_struct_oper_list.vector[3]            0.0000000000 
# 
loop_
_struct_conf.conf_type_id 
_struct_conf.id 
_struct_conf.pdbx_PDB_helix_id 
_struct_conf.beg_label_comp_id 
_struct_conf.beg_label_asym_id 
_struct_conf.beg_label_seq_id 
_struct_conf.pdbx_beg_PDB_ins_code 
_struct_conf.end_label_comp_id 
_struct_conf.end_label_asym_id 
_struct_conf.end_label_seq_id 
_struct_conf.pdbx_end_PDB_ins_code 
_struct_conf.beg_auth_comp_id 
_struct_conf.beg_auth_asym_id 
_struct_conf.beg_auth_seq_id 
_struct_conf.end_auth_comp_id 
_struct_conf.end_auth_asym_id 
_struct_conf.end_auth_seq_id 
_struct_conf.pdbx_PDB_helix_class 
_struct_conf.details 
_struct_conf.pdbx_PDB_helix_length 
HELX_P HELX_P1 AA1 PRO A 8   ? LEU A 15  ? PRO A 136 LEU A 143 1 ? 8 
HELX_P HELX_P2 AA2 GLU A 135 ? SER A 137 ? GLU A 263 SER A 265 5 ? 3 
# 
_struct_conf_type.id          HELX_P 
_struct_conf_type.criteria    ? 
_struct_conf_type.reference   ? 
# 
loop_
_struct_conn.id 
_struct_conn.conn_type_id 
_struct_conn.pdbx_leaving_atom_flag 
_struct_conn.pdbx_PDB_id 
_struct_conn.ptnr1_label_asym_id 
_struct_conn.ptnr1_label_comp_id 
_struct_conn.ptnr1_label_seq_id 
_struct_conn.ptnr1_label_atom_id 
_struct_conn.pdbx_ptnr1_label_alt_id 
_struct_conn.pdbx_ptnr1_PDB_ins_code 
_struct_conn.pdbx_ptnr1_standard_comp_id 
_struct_conn.ptnr1_symmetry 
_struct_conn.ptnr2_label_asym_id 
_struct_conn.ptnr2_label_comp_id 
_struct_conn.ptnr2_label_seq_id 
_struct_conn.ptnr2_label_atom_id 
_struct_conn.pdbx_ptnr2_label_alt_id 
_struct_conn.pdbx_ptnr2_PDB_ins_code 
_struct_conn.ptnr1_auth_asym_id 
_struct_conn.ptnr1_auth_comp_id 
_struct_conn.ptnr1_auth_seq_id 
_struct_conn.ptnr2_auth_asym_id 
_struct_conn.ptnr2_auth_comp_id 
_struct_conn.ptnr2_auth_seq_id 
_struct_conn.ptnr2_symmetry 
_struct_conn.pdbx_ptnr3_label_atom_id 
_struct_conn.pdbx_ptnr3_label_seq_id 
_struct_conn.pdbx_ptnr3_label_comp_id 
_struct_conn.pdbx_ptnr3_label_asym_id 
_struct_conn.pdbx_ptnr3_label_alt_id 
_struct_conn.pdbx_ptnr3_PDB_ins_code 
_struct_conn.details 
_struct_conn.pdbx_dist_value 
_struct_conn.pdbx_value_order 
_struct_conn.pdbx_role 
disulf1 disulf ? ? A CYS 74  SG  ? ? ? 1_555 A CYS 105 SG ? ? A CYS 202 A CYS 233 1_555 ? ? ? ? ? ? ? 2.061 ? ? 
metalc1 metalc ? ? A HIS 5   NE2 ? ? ? 1_555 C ZN  .   ZN ? ? A HIS 133 A ZN  302 1_555 ? ? ? ? ? ? ? 2.142 ? ? 
metalc2 metalc ? ? A GLU 37  OE1 ? ? ? 1_555 C ZN  .   ZN ? ? A GLU 165 A ZN  302 6_555 ? ? ? ? ? ? ? 1.901 ? ? 
metalc3 metalc ? ? A HIS 128 NE2 ? ? ? 1_555 C ZN  .   ZN ? ? A HIS 256 A ZN  302 4_555 ? ? ? ? ? ? ? 2.146 ? ? 
metalc4 metalc ? ? C ZN  .   ZN  ? ? ? 1_555 D HOH .   O  ? ? A ZN  302 A HOH 437 6_555 ? ? ? ? ? ? ? 1.978 ? ? 
# 
loop_
_struct_conn_type.id 
_struct_conn_type.criteria 
_struct_conn_type.reference 
disulf ? ? 
metalc ? ? 
# 
loop_
_pdbx_struct_conn_angle.id 
_pdbx_struct_conn_angle.ptnr1_label_atom_id 
_pdbx_struct_conn_angle.ptnr1_label_alt_id 
_pdbx_struct_conn_angle.ptnr1_label_asym_id 
_pdbx_struct_conn_angle.ptnr1_label_comp_id 
_pdbx_struct_conn_angle.ptnr1_label_seq_id 
_pdbx_struct_conn_angle.ptnr1_auth_atom_id 
_pdbx_struct_conn_angle.ptnr1_auth_asym_id 
_pdbx_struct_conn_angle.ptnr1_auth_comp_id 
_pdbx_struct_conn_angle.ptnr1_auth_seq_id 
_pdbx_struct_conn_angle.ptnr1_PDB_ins_code 
_pdbx_struct_conn_angle.ptnr1_symmetry 
_pdbx_struct_conn_angle.ptnr2_label_atom_id 
_pdbx_struct_conn_angle.ptnr2_label_alt_id 
_pdbx_struct_conn_angle.ptnr2_label_asym_id 
_pdbx_struct_conn_angle.ptnr2_label_comp_id 
_pdbx_struct_conn_angle.ptnr2_label_seq_id 
_pdbx_struct_conn_angle.ptnr2_auth_atom_id 
_pdbx_struct_conn_angle.ptnr2_auth_asym_id 
_pdbx_struct_conn_angle.ptnr2_auth_comp_id 
_pdbx_struct_conn_angle.ptnr2_auth_seq_id 
_pdbx_struct_conn_angle.ptnr2_PDB_ins_code 
_pdbx_struct_conn_angle.ptnr2_symmetry 
_pdbx_struct_conn_angle.ptnr3_label_atom_id 
_pdbx_struct_conn_angle.ptnr3_label_alt_id 
_pdbx_struct_conn_angle.ptnr3_label_asym_id 
_pdbx_struct_conn_angle.ptnr3_label_comp_id 
_pdbx_struct_conn_angle.ptnr3_label_seq_id 
_pdbx_struct_conn_angle.ptnr3_auth_atom_id 
_pdbx_struct_conn_angle.ptnr3_auth_asym_id 
_pdbx_struct_conn_angle.ptnr3_auth_comp_id 
_pdbx_struct_conn_angle.ptnr3_auth_seq_id 
_pdbx_struct_conn_angle.ptnr3_PDB_ins_code 
_pdbx_struct_conn_angle.ptnr3_symmetry 
_pdbx_struct_conn_angle.value 
_pdbx_struct_conn_angle.value_esd 
1 NE2 ? A HIS 5   ? A HIS 133 ? 1_555 ZN ? C ZN . ? A ZN 302 ? 1_555 OE1 ? A GLU 37  ? A GLU 165 ? 1_555 24.4  ? 
2 NE2 ? A HIS 5   ? A HIS 133 ? 1_555 ZN ? C ZN . ? A ZN 302 ? 1_555 NE2 ? A HIS 128 ? A HIS 256 ? 1_555 11.9  ? 
3 OE1 ? A GLU 37  ? A GLU 165 ? 1_555 ZN ? C ZN . ? A ZN 302 ? 1_555 NE2 ? A HIS 128 ? A HIS 256 ? 1_555 35.3  ? 
4 NE2 ? A HIS 5   ? A HIS 133 ? 1_555 ZN ? C ZN . ? A ZN 302 ? 1_555 O   ? D HOH .   ? A HOH 437 ? 6_555 112.2 ? 
5 OE1 ? A GLU 37  ? A GLU 165 ? 1_555 ZN ? C ZN . ? A ZN 302 ? 1_555 O   ? D HOH .   ? A HOH 437 ? 6_555 110.2 ? 
6 NE2 ? A HIS 128 ? A HIS 256 ? 1_555 ZN ? C ZN . ? A ZN 302 ? 1_555 O   ? D HOH .   ? A HOH 437 ? 6_555 106.1 ? 
# 
_pdbx_modification_feature.ordinal                            1 
_pdbx_modification_feature.label_comp_id                      CYS 
_pdbx_modification_feature.label_asym_id                      A 
_pdbx_modification_feature.label_seq_id                       74 
_pdbx_modification_feature.label_alt_id                       ? 
_pdbx_modification_feature.modified_residue_label_comp_id     CYS 
_pdbx_modification_feature.modified_residue_label_asym_id     A 
_pdbx_modification_feature.modified_residue_label_seq_id      105 
_pdbx_modification_feature.modified_residue_label_alt_id      ? 
_pdbx_modification_feature.auth_comp_id                       CYS 
_pdbx_modification_feature.auth_asym_id                       A 
_pdbx_modification_feature.auth_seq_id                        202 
_pdbx_modification_feature.PDB_ins_code                       ? 
_pdbx_modification_feature.symmetry                           1_555 
_pdbx_modification_feature.modified_residue_auth_comp_id      CYS 
_pdbx_modification_feature.modified_residue_auth_asym_id      A 
_pdbx_modification_feature.modified_residue_auth_seq_id       233 
_pdbx_modification_feature.modified_residue_PDB_ins_code      ? 
_pdbx_modification_feature.modified_residue_symmetry          1_555 
_pdbx_modification_feature.comp_id_linking_atom               SG 
_pdbx_modification_feature.modified_residue_id_linking_atom   SG 
_pdbx_modification_feature.modified_residue_id                . 
_pdbx_modification_feature.ref_pcm_id                         . 
_pdbx_modification_feature.ref_comp_id                        . 
_pdbx_modification_feature.type                               None 
_pdbx_modification_feature.category                           'Disulfide bridge' 
# 
_struct_mon_prot_cis.pdbx_id                1 
_struct_mon_prot_cis.label_comp_id          MET 
_struct_mon_prot_cis.label_seq_id           30 
_struct_mon_prot_cis.label_asym_id          A 
_struct_mon_prot_cis.label_alt_id           . 
_struct_mon_prot_cis.pdbx_PDB_ins_code      ? 
_struct_mon_prot_cis.auth_comp_id           MET 
_struct_mon_prot_cis.auth_seq_id            158 
_struct_mon_prot_cis.auth_asym_id           A 
_struct_mon_prot_cis.pdbx_label_comp_id_2   PRO 
_struct_mon_prot_cis.pdbx_label_seq_id_2    31 
_struct_mon_prot_cis.pdbx_label_asym_id_2   A 
_struct_mon_prot_cis.pdbx_PDB_ins_code_2    ? 
_struct_mon_prot_cis.pdbx_auth_comp_id_2    PRO 
_struct_mon_prot_cis.pdbx_auth_seq_id_2     159 
_struct_mon_prot_cis.pdbx_auth_asym_id_2    A 
_struct_mon_prot_cis.pdbx_PDB_model_num     1 
_struct_mon_prot_cis.pdbx_omega_angle       6.61 
# 
loop_
_struct_sheet.id 
_struct_sheet.type 
_struct_sheet.number_strands 
_struct_sheet.details 
AA1 ? 5 ? 
AA2 ? 5 ? 
AA3 ? 5 ? 
# 
loop_
_struct_sheet_order.sheet_id 
_struct_sheet_order.range_id_1 
_struct_sheet_order.range_id_2 
_struct_sheet_order.offset 
_struct_sheet_order.sense 
AA1 1 2 ? anti-parallel 
AA1 2 3 ? anti-parallel 
AA1 3 4 ? anti-parallel 
AA1 4 5 ? anti-parallel 
AA2 1 2 ? anti-parallel 
AA2 2 3 ? anti-parallel 
AA2 3 4 ? anti-parallel 
AA2 4 5 ? anti-parallel 
AA3 1 2 ? anti-parallel 
AA3 2 3 ? anti-parallel 
AA3 3 4 ? anti-parallel 
AA3 4 5 ? anti-parallel 
# 
loop_
_struct_sheet_range.sheet_id 
_struct_sheet_range.id 
_struct_sheet_range.beg_label_comp_id 
_struct_sheet_range.beg_label_asym_id 
_struct_sheet_range.beg_label_seq_id 
_struct_sheet_range.pdbx_beg_PDB_ins_code 
_struct_sheet_range.end_label_comp_id 
_struct_sheet_range.end_label_asym_id 
_struct_sheet_range.end_label_seq_id 
_struct_sheet_range.pdbx_end_PDB_ins_code 
_struct_sheet_range.beg_auth_comp_id 
_struct_sheet_range.beg_auth_asym_id 
_struct_sheet_range.beg_auth_seq_id 
_struct_sheet_range.end_auth_comp_id 
_struct_sheet_range.end_auth_asym_id 
_struct_sheet_range.end_auth_seq_id 
AA1 1 TRP A 34  ? GLU A 35  ? TRP A 162 GLU A 163 
AA1 2 VAL A 18  ? GLY A 23  ? VAL A 146 GLY A 151 
AA1 3 PHE A 147 ? LYS A 152 ? PHE A 275 LYS A 280 
AA1 4 GLY A 59  ? GLY A 71  ? GLY A 187 GLY A 199 
AA1 5 TRP A 111 ? LEU A 123 ? TRP A 239 LEU A 251 
AA2 1 LEU A 42  ? SER A 44  ? LEU A 170 SER A 172 
AA2 2 VAL A 18  ? GLY A 23  ? VAL A 146 GLY A 151 
AA2 3 PHE A 147 ? LYS A 152 ? PHE A 275 LYS A 280 
AA2 4 GLY A 59  ? GLY A 71  ? GLY A 187 GLY A 199 
AA2 5 VAL A 139 ? ASN A 140 ? VAL A 267 ASN A 268 
AA3 1 LYS A 47  ? LYS A 49  ? LYS A 175 LYS A 177 
AA3 2 GLY A 52  ? VAL A 54  ? GLY A 180 VAL A 182 
AA3 3 HIS A 128 ? VAL A 133 ? HIS A 256 VAL A 261 
AA3 4 LEU A 79  ? ARG A 86  ? LEU A 207 ARG A 214 
AA3 5 LEU A 94  ? MET A 101 ? LEU A 222 MET A 229 
# 
loop_
_pdbx_struct_sheet_hbond.sheet_id 
_pdbx_struct_sheet_hbond.range_id_1 
_pdbx_struct_sheet_hbond.range_id_2 
_pdbx_struct_sheet_hbond.range_1_label_atom_id 
_pdbx_struct_sheet_hbond.range_1_label_comp_id 
_pdbx_struct_sheet_hbond.range_1_label_asym_id 
_pdbx_struct_sheet_hbond.range_1_label_seq_id 
_pdbx_struct_sheet_hbond.range_1_PDB_ins_code 
_pdbx_struct_sheet_hbond.range_1_auth_atom_id 
_pdbx_struct_sheet_hbond.range_1_auth_comp_id 
_pdbx_struct_sheet_hbond.range_1_auth_asym_id 
_pdbx_struct_sheet_hbond.range_1_auth_seq_id 
_pdbx_struct_sheet_hbond.range_2_label_atom_id 
_pdbx_struct_sheet_hbond.range_2_label_comp_id 
_pdbx_struct_sheet_hbond.range_2_label_asym_id 
_pdbx_struct_sheet_hbond.range_2_label_seq_id 
_pdbx_struct_sheet_hbond.range_2_PDB_ins_code 
_pdbx_struct_sheet_hbond.range_2_auth_atom_id 
_pdbx_struct_sheet_hbond.range_2_auth_comp_id 
_pdbx_struct_sheet_hbond.range_2_auth_asym_id 
_pdbx_struct_sheet_hbond.range_2_auth_seq_id 
AA1 1 2 O GLU A 35  ? O GLU A 163 N THR A 22  ? N THR A 150 
AA1 2 3 N LEU A 21  ? N LEU A 149 O PHE A 148 ? O PHE A 276 
AA1 3 4 O GLY A 149 ? O GLY A 277 N TYR A 64  ? N TYR A 192 
AA1 4 5 N VAL A 63  ? N VAL A 191 O ALA A 119 ? O ALA A 247 
AA2 1 2 O SER A 44  ? O SER A 172 N VAL A 18  ? N VAL A 146 
AA2 2 3 N LEU A 21  ? N LEU A 149 O PHE A 148 ? O PHE A 276 
AA2 3 4 O GLY A 149 ? O GLY A 277 N TYR A 64  ? N TYR A 192 
AA2 4 5 N TYR A 68  ? N TYR A 196 O ASN A 140 ? O ASN A 268 
AA3 1 2 N LYS A 47  ? N LYS A 175 O VAL A 54  ? O VAL A 182 
AA3 2 3 N LEU A 53  ? N LEU A 181 O LEU A 129 ? O LEU A 257 
AA3 3 4 O TYR A 130 ? O TYR A 258 N TYR A 84  ? N TYR A 212 
AA3 4 5 N MET A 85  ? N MET A 213 O LEU A 94  ? O LEU A 222 
# 
loop_
_struct_site.id 
_struct_site.pdbx_evidence_code 
_struct_site.pdbx_auth_asym_id 
_struct_site.pdbx_auth_comp_id 
_struct_site.pdbx_auth_seq_id 
_struct_site.pdbx_auth_ins_code 
_struct_site.pdbx_num_residues 
_struct_site.details 
AC1 Software A SO4 301 ? 6 'binding site for residue SO4 A 301' 
AC2 Software A ZN  302 ? 4 'binding site for residue ZN A 302'  
# 
loop_
_struct_site_gen.id 
_struct_site_gen.site_id 
_struct_site_gen.pdbx_num_res 
_struct_site_gen.label_comp_id 
_struct_site_gen.label_asym_id 
_struct_site_gen.label_seq_id 
_struct_site_gen.pdbx_auth_ins_code 
_struct_site_gen.auth_comp_id 
_struct_site_gen.auth_asym_id 
_struct_site_gen.auth_seq_id 
_struct_site_gen.label_atom_id 
_struct_site_gen.label_alt_id 
_struct_site_gen.symmetry 
_struct_site_gen.details 
1  AC1 6 TYR A 48  ? TYR A 176 . ? 3_555 ? 
2  AC1 6 LYS A 49  ? LYS A 177 . ? 3_555 ? 
3  AC1 6 LYS A 49  ? LYS A 177 . ? 1_555 ? 
4  AC1 6 LYS A 50  ? LYS A 178 . ? 1_555 ? 
5  AC1 6 LYS A 50  ? LYS A 178 . ? 3_555 ? 
6  AC1 6 HOH D .   ? HOH A 404 . ? 3_555 ? 
7  AC2 4 HIS A 5   ? HIS A 133 . ? 1_555 ? 
8  AC2 4 GLU A 37  ? GLU A 165 . ? 6_555 ? 
9  AC2 4 HIS A 128 ? HIS A 256 . ? 4_555 ? 
10 AC2 4 HOH D .   ? HOH A 437 . ? 6_555 ? 
# 
_pdbx_entry_details.entry_id                   5L19 
_pdbx_entry_details.compound_details           ? 
_pdbx_entry_details.source_details             ? 
_pdbx_entry_details.nonpolymer_details         ? 
_pdbx_entry_details.sequence_details           ? 
_pdbx_entry_details.has_ligand_of_interest     ? 
_pdbx_entry_details.has_protein_modification   Y 
# 
_pdbx_validate_symm_contact.id                1 
_pdbx_validate_symm_contact.PDB_model_num     1 
_pdbx_validate_symm_contact.auth_atom_id_1    OH 
_pdbx_validate_symm_contact.auth_asym_id_1    A 
_pdbx_validate_symm_contact.auth_comp_id_1    TYR 
_pdbx_validate_symm_contact.auth_seq_id_1     279 
_pdbx_validate_symm_contact.PDB_ins_code_1    ? 
_pdbx_validate_symm_contact.label_alt_id_1    ? 
_pdbx_validate_symm_contact.site_symmetry_1   1_555 
_pdbx_validate_symm_contact.auth_atom_id_2    OH 
_pdbx_validate_symm_contact.auth_asym_id_2    A 
_pdbx_validate_symm_contact.auth_comp_id_2    TYR 
_pdbx_validate_symm_contact.auth_seq_id_2     279 
_pdbx_validate_symm_contact.PDB_ins_code_2    ? 
_pdbx_validate_symm_contact.label_alt_id_2    ? 
_pdbx_validate_symm_contact.site_symmetry_2   3_565 
_pdbx_validate_symm_contact.dist              2.05 
# 
loop_
_pdbx_validate_torsion.id 
_pdbx_validate_torsion.PDB_model_num 
_pdbx_validate_torsion.auth_comp_id 
_pdbx_validate_torsion.auth_asym_id 
_pdbx_validate_torsion.auth_seq_id 
_pdbx_validate_torsion.PDB_ins_code 
_pdbx_validate_torsion.label_alt_id 
_pdbx_validate_torsion.phi 
_pdbx_validate_torsion.psi 
1 1 ASN A 154 ? ? -97.74 35.04  
2 1 ASP A 221 ? ? 87.32  140.02 
# 
loop_
_pdbx_struct_special_symmetry.id 
_pdbx_struct_special_symmetry.PDB_model_num 
_pdbx_struct_special_symmetry.auth_asym_id 
_pdbx_struct_special_symmetry.auth_comp_id 
_pdbx_struct_special_symmetry.auth_seq_id 
_pdbx_struct_special_symmetry.PDB_ins_code 
_pdbx_struct_special_symmetry.label_asym_id 
_pdbx_struct_special_symmetry.label_comp_id 
_pdbx_struct_special_symmetry.label_seq_id 
1 1 A HOH 455 ? D HOH . 
2 1 A HOH 461 ? D HOH . 
# 
loop_
_pdbx_unobs_or_zero_occ_residues.id 
_pdbx_unobs_or_zero_occ_residues.PDB_model_num 
_pdbx_unobs_or_zero_occ_residues.polymer_flag 
_pdbx_unobs_or_zero_occ_residues.occupancy_flag 
_pdbx_unobs_or_zero_occ_residues.auth_asym_id 
_pdbx_unobs_or_zero_occ_residues.auth_comp_id 
_pdbx_unobs_or_zero_occ_residues.auth_seq_id 
_pdbx_unobs_or_zero_occ_residues.PDB_ins_code 
_pdbx_unobs_or_zero_occ_residues.label_asym_id 
_pdbx_unobs_or_zero_occ_residues.label_comp_id 
_pdbx_unobs_or_zero_occ_residues.label_seq_id 
1 1 Y 1 A MET 129 ? A MET 1 
2 1 Y 1 A GLN 130 ? A GLN 2 
3 1 Y 1 A ILE 131 ? A ILE 3 
# 
loop_
_chem_comp_atom.comp_id 
_chem_comp_atom.atom_id 
_chem_comp_atom.type_symbol 
_chem_comp_atom.pdbx_aromatic_flag 
_chem_comp_atom.pdbx_stereo_config 
_chem_comp_atom.pdbx_ordinal 
ALA N    N  N N 1   
ALA CA   C  N S 2   
ALA C    C  N N 3   
ALA O    O  N N 4   
ALA CB   C  N N 5   
ALA OXT  O  N N 6   
ALA H    H  N N 7   
ALA H2   H  N N 8   
ALA HA   H  N N 9   
ALA HB1  H  N N 10  
ALA HB2  H  N N 11  
ALA HB3  H  N N 12  
ALA HXT  H  N N 13  
ARG N    N  N N 14  
ARG CA   C  N S 15  
ARG C    C  N N 16  
ARG O    O  N N 17  
ARG CB   C  N N 18  
ARG CG   C  N N 19  
ARG CD   C  N N 20  
ARG NE   N  N N 21  
ARG CZ   C  N N 22  
ARG NH1  N  N N 23  
ARG NH2  N  N N 24  
ARG OXT  O  N N 25  
ARG H    H  N N 26  
ARG H2   H  N N 27  
ARG HA   H  N N 28  
ARG HB2  H  N N 29  
ARG HB3  H  N N 30  
ARG HG2  H  N N 31  
ARG HG3  H  N N 32  
ARG HD2  H  N N 33  
ARG HD3  H  N N 34  
ARG HE   H  N N 35  
ARG HH11 H  N N 36  
ARG HH12 H  N N 37  
ARG HH21 H  N N 38  
ARG HH22 H  N N 39  
ARG HXT  H  N N 40  
ASN N    N  N N 41  
ASN CA   C  N S 42  
ASN C    C  N N 43  
ASN O    O  N N 44  
ASN CB   C  N N 45  
ASN CG   C  N N 46  
ASN OD1  O  N N 47  
ASN ND2  N  N N 48  
ASN OXT  O  N N 49  
ASN H    H  N N 50  
ASN H2   H  N N 51  
ASN HA   H  N N 52  
ASN HB2  H  N N 53  
ASN HB3  H  N N 54  
ASN HD21 H  N N 55  
ASN HD22 H  N N 56  
ASN HXT  H  N N 57  
ASP N    N  N N 58  
ASP CA   C  N S 59  
ASP C    C  N N 60  
ASP O    O  N N 61  
ASP CB   C  N N 62  
ASP CG   C  N N 63  
ASP OD1  O  N N 64  
ASP OD2  O  N N 65  
ASP OXT  O  N N 66  
ASP H    H  N N 67  
ASP H2   H  N N 68  
ASP HA   H  N N 69  
ASP HB2  H  N N 70  
ASP HB3  H  N N 71  
ASP HD2  H  N N 72  
ASP HXT  H  N N 73  
CYS N    N  N N 74  
CYS CA   C  N R 75  
CYS C    C  N N 76  
CYS O    O  N N 77  
CYS CB   C  N N 78  
CYS SG   S  N N 79  
CYS OXT  O  N N 80  
CYS H    H  N N 81  
CYS H2   H  N N 82  
CYS HA   H  N N 83  
CYS HB2  H  N N 84  
CYS HB3  H  N N 85  
CYS HG   H  N N 86  
CYS HXT  H  N N 87  
GLN N    N  N N 88  
GLN CA   C  N S 89  
GLN C    C  N N 90  
GLN O    O  N N 91  
GLN CB   C  N N 92  
GLN CG   C  N N 93  
GLN CD   C  N N 94  
GLN OE1  O  N N 95  
GLN NE2  N  N N 96  
GLN OXT  O  N N 97  
GLN H    H  N N 98  
GLN H2   H  N N 99  
GLN HA   H  N N 100 
GLN HB2  H  N N 101 
GLN HB3  H  N N 102 
GLN HG2  H  N N 103 
GLN HG3  H  N N 104 
GLN HE21 H  N N 105 
GLN HE22 H  N N 106 
GLN HXT  H  N N 107 
GLU N    N  N N 108 
GLU CA   C  N S 109 
GLU C    C  N N 110 
GLU O    O  N N 111 
GLU CB   C  N N 112 
GLU CG   C  N N 113 
GLU CD   C  N N 114 
GLU OE1  O  N N 115 
GLU OE2  O  N N 116 
GLU OXT  O  N N 117 
GLU H    H  N N 118 
GLU H2   H  N N 119 
GLU HA   H  N N 120 
GLU HB2  H  N N 121 
GLU HB3  H  N N 122 
GLU HG2  H  N N 123 
GLU HG3  H  N N 124 
GLU HE2  H  N N 125 
GLU HXT  H  N N 126 
GLY N    N  N N 127 
GLY CA   C  N N 128 
GLY C    C  N N 129 
GLY O    O  N N 130 
GLY OXT  O  N N 131 
GLY H    H  N N 132 
GLY H2   H  N N 133 
GLY HA2  H  N N 134 
GLY HA3  H  N N 135 
GLY HXT  H  N N 136 
HIS N    N  N N 137 
HIS CA   C  N S 138 
HIS C    C  N N 139 
HIS O    O  N N 140 
HIS CB   C  N N 141 
HIS CG   C  Y N 142 
HIS ND1  N  Y N 143 
HIS CD2  C  Y N 144 
HIS CE1  C  Y N 145 
HIS NE2  N  Y N 146 
HIS OXT  O  N N 147 
HIS H    H  N N 148 
HIS H2   H  N N 149 
HIS HA   H  N N 150 
HIS HB2  H  N N 151 
HIS HB3  H  N N 152 
HIS HD1  H  N N 153 
HIS HD2  H  N N 154 
HIS HE1  H  N N 155 
HIS HE2  H  N N 156 
HIS HXT  H  N N 157 
HOH O    O  N N 158 
HOH H1   H  N N 159 
HOH H2   H  N N 160 
ILE N    N  N N 161 
ILE CA   C  N S 162 
ILE C    C  N N 163 
ILE O    O  N N 164 
ILE CB   C  N S 165 
ILE CG1  C  N N 166 
ILE CG2  C  N N 167 
ILE CD1  C  N N 168 
ILE OXT  O  N N 169 
ILE H    H  N N 170 
ILE H2   H  N N 171 
ILE HA   H  N N 172 
ILE HB   H  N N 173 
ILE HG12 H  N N 174 
ILE HG13 H  N N 175 
ILE HG21 H  N N 176 
ILE HG22 H  N N 177 
ILE HG23 H  N N 178 
ILE HD11 H  N N 179 
ILE HD12 H  N N 180 
ILE HD13 H  N N 181 
ILE HXT  H  N N 182 
LEU N    N  N N 183 
LEU CA   C  N S 184 
LEU C    C  N N 185 
LEU O    O  N N 186 
LEU CB   C  N N 187 
LEU CG   C  N N 188 
LEU CD1  C  N N 189 
LEU CD2  C  N N 190 
LEU OXT  O  N N 191 
LEU H    H  N N 192 
LEU H2   H  N N 193 
LEU HA   H  N N 194 
LEU HB2  H  N N 195 
LEU HB3  H  N N 196 
LEU HG   H  N N 197 
LEU HD11 H  N N 198 
LEU HD12 H  N N 199 
LEU HD13 H  N N 200 
LEU HD21 H  N N 201 
LEU HD22 H  N N 202 
LEU HD23 H  N N 203 
LEU HXT  H  N N 204 
LYS N    N  N N 205 
LYS CA   C  N S 206 
LYS C    C  N N 207 
LYS O    O  N N 208 
LYS CB   C  N N 209 
LYS CG   C  N N 210 
LYS CD   C  N N 211 
LYS CE   C  N N 212 
LYS NZ   N  N N 213 
LYS OXT  O  N N 214 
LYS H    H  N N 215 
LYS H2   H  N N 216 
LYS HA   H  N N 217 
LYS HB2  H  N N 218 
LYS HB3  H  N N 219 
LYS HG2  H  N N 220 
LYS HG3  H  N N 221 
LYS HD2  H  N N 222 
LYS HD3  H  N N 223 
LYS HE2  H  N N 224 
LYS HE3  H  N N 225 
LYS HZ1  H  N N 226 
LYS HZ2  H  N N 227 
LYS HZ3  H  N N 228 
LYS HXT  H  N N 229 
MET N    N  N N 230 
MET CA   C  N S 231 
MET C    C  N N 232 
MET O    O  N N 233 
MET CB   C  N N 234 
MET CG   C  N N 235 
MET SD   S  N N 236 
MET CE   C  N N 237 
MET OXT  O  N N 238 
MET H    H  N N 239 
MET H2   H  N N 240 
MET HA   H  N N 241 
MET HB2  H  N N 242 
MET HB3  H  N N 243 
MET HG2  H  N N 244 
MET HG3  H  N N 245 
MET HE1  H  N N 246 
MET HE2  H  N N 247 
MET HE3  H  N N 248 
MET HXT  H  N N 249 
PHE N    N  N N 250 
PHE CA   C  N S 251 
PHE C    C  N N 252 
PHE O    O  N N 253 
PHE CB   C  N N 254 
PHE CG   C  Y N 255 
PHE CD1  C  Y N 256 
PHE CD2  C  Y N 257 
PHE CE1  C  Y N 258 
PHE CE2  C  Y N 259 
PHE CZ   C  Y N 260 
PHE OXT  O  N N 261 
PHE H    H  N N 262 
PHE H2   H  N N 263 
PHE HA   H  N N 264 
PHE HB2  H  N N 265 
PHE HB3  H  N N 266 
PHE HD1  H  N N 267 
PHE HD2  H  N N 268 
PHE HE1  H  N N 269 
PHE HE2  H  N N 270 
PHE HZ   H  N N 271 
PHE HXT  H  N N 272 
PRO N    N  N N 273 
PRO CA   C  N S 274 
PRO C    C  N N 275 
PRO O    O  N N 276 
PRO CB   C  N N 277 
PRO CG   C  N N 278 
PRO CD   C  N N 279 
PRO OXT  O  N N 280 
PRO H    H  N N 281 
PRO HA   H  N N 282 
PRO HB2  H  N N 283 
PRO HB3  H  N N 284 
PRO HG2  H  N N 285 
PRO HG3  H  N N 286 
PRO HD2  H  N N 287 
PRO HD3  H  N N 288 
PRO HXT  H  N N 289 
SER N    N  N N 290 
SER CA   C  N S 291 
SER C    C  N N 292 
SER O    O  N N 293 
SER CB   C  N N 294 
SER OG   O  N N 295 
SER OXT  O  N N 296 
SER H    H  N N 297 
SER H2   H  N N 298 
SER HA   H  N N 299 
SER HB2  H  N N 300 
SER HB3  H  N N 301 
SER HG   H  N N 302 
SER HXT  H  N N 303 
SO4 S    S  N N 304 
SO4 O1   O  N N 305 
SO4 O2   O  N N 306 
SO4 O3   O  N N 307 
SO4 O4   O  N N 308 
THR N    N  N N 309 
THR CA   C  N S 310 
THR C    C  N N 311 
THR O    O  N N 312 
THR CB   C  N R 313 
THR OG1  O  N N 314 
THR CG2  C  N N 315 
THR OXT  O  N N 316 
THR H    H  N N 317 
THR H2   H  N N 318 
THR HA   H  N N 319 
THR HB   H  N N 320 
THR HG1  H  N N 321 
THR HG21 H  N N 322 
THR HG22 H  N N 323 
THR HG23 H  N N 324 
THR HXT  H  N N 325 
TRP N    N  N N 326 
TRP CA   C  N S 327 
TRP C    C  N N 328 
TRP O    O  N N 329 
TRP CB   C  N N 330 
TRP CG   C  Y N 331 
TRP CD1  C  Y N 332 
TRP CD2  C  Y N 333 
TRP NE1  N  Y N 334 
TRP CE2  C  Y N 335 
TRP CE3  C  Y N 336 
TRP CZ2  C  Y N 337 
TRP CZ3  C  Y N 338 
TRP CH2  C  Y N 339 
TRP OXT  O  N N 340 
TRP H    H  N N 341 
TRP H2   H  N N 342 
TRP HA   H  N N 343 
TRP HB2  H  N N 344 
TRP HB3  H  N N 345 
TRP HD1  H  N N 346 
TRP HE1  H  N N 347 
TRP HE3  H  N N 348 
TRP HZ2  H  N N 349 
TRP HZ3  H  N N 350 
TRP HH2  H  N N 351 
TRP HXT  H  N N 352 
TYR N    N  N N 353 
TYR CA   C  N S 354 
TYR C    C  N N 355 
TYR O    O  N N 356 
TYR CB   C  N N 357 
TYR CG   C  Y N 358 
TYR CD1  C  Y N 359 
TYR CD2  C  Y N 360 
TYR CE1  C  Y N 361 
TYR CE2  C  Y N 362 
TYR CZ   C  Y N 363 
TYR OH   O  N N 364 
TYR OXT  O  N N 365 
TYR H    H  N N 366 
TYR H2   H  N N 367 
TYR HA   H  N N 368 
TYR HB2  H  N N 369 
TYR HB3  H  N N 370 
TYR HD1  H  N N 371 
TYR HD2  H  N N 372 
TYR HE1  H  N N 373 
TYR HE2  H  N N 374 
TYR HH   H  N N 375 
TYR HXT  H  N N 376 
VAL N    N  N N 377 
VAL CA   C  N S 378 
VAL C    C  N N 379 
VAL O    O  N N 380 
VAL CB   C  N N 381 
VAL CG1  C  N N 382 
VAL CG2  C  N N 383 
VAL OXT  O  N N 384 
VAL H    H  N N 385 
VAL H2   H  N N 386 
VAL HA   H  N N 387 
VAL HB   H  N N 388 
VAL HG11 H  N N 389 
VAL HG12 H  N N 390 
VAL HG13 H  N N 391 
VAL HG21 H  N N 392 
VAL HG22 H  N N 393 
VAL HG23 H  N N 394 
VAL HXT  H  N N 395 
ZN  ZN   ZN N N 396 
# 
loop_
_chem_comp_bond.comp_id 
_chem_comp_bond.atom_id_1 
_chem_comp_bond.atom_id_2 
_chem_comp_bond.value_order 
_chem_comp_bond.pdbx_aromatic_flag 
_chem_comp_bond.pdbx_stereo_config 
_chem_comp_bond.pdbx_ordinal 
ALA N   CA   sing N N 1   
ALA N   H    sing N N 2   
ALA N   H2   sing N N 3   
ALA CA  C    sing N N 4   
ALA CA  CB   sing N N 5   
ALA CA  HA   sing N N 6   
ALA C   O    doub N N 7   
ALA C   OXT  sing N N 8   
ALA CB  HB1  sing N N 9   
ALA CB  HB2  sing N N 10  
ALA CB  HB3  sing N N 11  
ALA OXT HXT  sing N N 12  
ARG N   CA   sing N N 13  
ARG N   H    sing N N 14  
ARG N   H2   sing N N 15  
ARG CA  C    sing N N 16  
ARG CA  CB   sing N N 17  
ARG CA  HA   sing N N 18  
ARG C   O    doub N N 19  
ARG C   OXT  sing N N 20  
ARG CB  CG   sing N N 21  
ARG CB  HB2  sing N N 22  
ARG CB  HB3  sing N N 23  
ARG CG  CD   sing N N 24  
ARG CG  HG2  sing N N 25  
ARG CG  HG3  sing N N 26  
ARG CD  NE   sing N N 27  
ARG CD  HD2  sing N N 28  
ARG CD  HD3  sing N N 29  
ARG NE  CZ   sing N N 30  
ARG NE  HE   sing N N 31  
ARG CZ  NH1  sing N N 32  
ARG CZ  NH2  doub N N 33  
ARG NH1 HH11 sing N N 34  
ARG NH1 HH12 sing N N 35  
ARG NH2 HH21 sing N N 36  
ARG NH2 HH22 sing N N 37  
ARG OXT HXT  sing N N 38  
ASN N   CA   sing N N 39  
ASN N   H    sing N N 40  
ASN N   H2   sing N N 41  
ASN CA  C    sing N N 42  
ASN CA  CB   sing N N 43  
ASN CA  HA   sing N N 44  
ASN C   O    doub N N 45  
ASN C   OXT  sing N N 46  
ASN CB  CG   sing N N 47  
ASN CB  HB2  sing N N 48  
ASN CB  HB3  sing N N 49  
ASN CG  OD1  doub N N 50  
ASN CG  ND2  sing N N 51  
ASN ND2 HD21 sing N N 52  
ASN ND2 HD22 sing N N 53  
ASN OXT HXT  sing N N 54  
ASP N   CA   sing N N 55  
ASP N   H    sing N N 56  
ASP N   H2   sing N N 57  
ASP CA  C    sing N N 58  
ASP CA  CB   sing N N 59  
ASP CA  HA   sing N N 60  
ASP C   O    doub N N 61  
ASP C   OXT  sing N N 62  
ASP CB  CG   sing N N 63  
ASP CB  HB2  sing N N 64  
ASP CB  HB3  sing N N 65  
ASP CG  OD1  doub N N 66  
ASP CG  OD2  sing N N 67  
ASP OD2 HD2  sing N N 68  
ASP OXT HXT  sing N N 69  
CYS N   CA   sing N N 70  
CYS N   H    sing N N 71  
CYS N   H2   sing N N 72  
CYS CA  C    sing N N 73  
CYS CA  CB   sing N N 74  
CYS CA  HA   sing N N 75  
CYS C   O    doub N N 76  
CYS C   OXT  sing N N 77  
CYS CB  SG   sing N N 78  
CYS CB  HB2  sing N N 79  
CYS CB  HB3  sing N N 80  
CYS SG  HG   sing N N 81  
CYS OXT HXT  sing N N 82  
GLN N   CA   sing N N 83  
GLN N   H    sing N N 84  
GLN N   H2   sing N N 85  
GLN CA  C    sing N N 86  
GLN CA  CB   sing N N 87  
GLN CA  HA   sing N N 88  
GLN C   O    doub N N 89  
GLN C   OXT  sing N N 90  
GLN CB  CG   sing N N 91  
GLN CB  HB2  sing N N 92  
GLN CB  HB3  sing N N 93  
GLN CG  CD   sing N N 94  
GLN CG  HG2  sing N N 95  
GLN CG  HG3  sing N N 96  
GLN CD  OE1  doub N N 97  
GLN CD  NE2  sing N N 98  
GLN NE2 HE21 sing N N 99  
GLN NE2 HE22 sing N N 100 
GLN OXT HXT  sing N N 101 
GLU N   CA   sing N N 102 
GLU N   H    sing N N 103 
GLU N   H2   sing N N 104 
GLU CA  C    sing N N 105 
GLU CA  CB   sing N N 106 
GLU CA  HA   sing N N 107 
GLU C   O    doub N N 108 
GLU C   OXT  sing N N 109 
GLU CB  CG   sing N N 110 
GLU CB  HB2  sing N N 111 
GLU CB  HB3  sing N N 112 
GLU CG  CD   sing N N 113 
GLU CG  HG2  sing N N 114 
GLU CG  HG3  sing N N 115 
GLU CD  OE1  doub N N 116 
GLU CD  OE2  sing N N 117 
GLU OE2 HE2  sing N N 118 
GLU OXT HXT  sing N N 119 
GLY N   CA   sing N N 120 
GLY N   H    sing N N 121 
GLY N   H2   sing N N 122 
GLY CA  C    sing N N 123 
GLY CA  HA2  sing N N 124 
GLY CA  HA3  sing N N 125 
GLY C   O    doub N N 126 
GLY C   OXT  sing N N 127 
GLY OXT HXT  sing N N 128 
HIS N   CA   sing N N 129 
HIS N   H    sing N N 130 
HIS N   H2   sing N N 131 
HIS CA  C    sing N N 132 
HIS CA  CB   sing N N 133 
HIS CA  HA   sing N N 134 
HIS C   O    doub N N 135 
HIS C   OXT  sing N N 136 
HIS CB  CG   sing N N 137 
HIS CB  HB2  sing N N 138 
HIS CB  HB3  sing N N 139 
HIS CG  ND1  sing Y N 140 
HIS CG  CD2  doub Y N 141 
HIS ND1 CE1  doub Y N 142 
HIS ND1 HD1  sing N N 143 
HIS CD2 NE2  sing Y N 144 
HIS CD2 HD2  sing N N 145 
HIS CE1 NE2  sing Y N 146 
HIS CE1 HE1  sing N N 147 
HIS NE2 HE2  sing N N 148 
HIS OXT HXT  sing N N 149 
HOH O   H1   sing N N 150 
HOH O   H2   sing N N 151 
ILE N   CA   sing N N 152 
ILE N   H    sing N N 153 
ILE N   H2   sing N N 154 
ILE CA  C    sing N N 155 
ILE CA  CB   sing N N 156 
ILE CA  HA   sing N N 157 
ILE C   O    doub N N 158 
ILE C   OXT  sing N N 159 
ILE CB  CG1  sing N N 160 
ILE CB  CG2  sing N N 161 
ILE CB  HB   sing N N 162 
ILE CG1 CD1  sing N N 163 
ILE CG1 HG12 sing N N 164 
ILE CG1 HG13 sing N N 165 
ILE CG2 HG21 sing N N 166 
ILE CG2 HG22 sing N N 167 
ILE CG2 HG23 sing N N 168 
ILE CD1 HD11 sing N N 169 
ILE CD1 HD12 sing N N 170 
ILE CD1 HD13 sing N N 171 
ILE OXT HXT  sing N N 172 
LEU N   CA   sing N N 173 
LEU N   H    sing N N 174 
LEU N   H2   sing N N 175 
LEU CA  C    sing N N 176 
LEU CA  CB   sing N N 177 
LEU CA  HA   sing N N 178 
LEU C   O    doub N N 179 
LEU C   OXT  sing N N 180 
LEU CB  CG   sing N N 181 
LEU CB  HB2  sing N N 182 
LEU CB  HB3  sing N N 183 
LEU CG  CD1  sing N N 184 
LEU CG  CD2  sing N N 185 
LEU CG  HG   sing N N 186 
LEU CD1 HD11 sing N N 187 
LEU CD1 HD12 sing N N 188 
LEU CD1 HD13 sing N N 189 
LEU CD2 HD21 sing N N 190 
LEU CD2 HD22 sing N N 191 
LEU CD2 HD23 sing N N 192 
LEU OXT HXT  sing N N 193 
LYS N   CA   sing N N 194 
LYS N   H    sing N N 195 
LYS N   H2   sing N N 196 
LYS CA  C    sing N N 197 
LYS CA  CB   sing N N 198 
LYS CA  HA   sing N N 199 
LYS C   O    doub N N 200 
LYS C   OXT  sing N N 201 
LYS CB  CG   sing N N 202 
LYS CB  HB2  sing N N 203 
LYS CB  HB3  sing N N 204 
LYS CG  CD   sing N N 205 
LYS CG  HG2  sing N N 206 
LYS CG  HG3  sing N N 207 
LYS CD  CE   sing N N 208 
LYS CD  HD2  sing N N 209 
LYS CD  HD3  sing N N 210 
LYS CE  NZ   sing N N 211 
LYS CE  HE2  sing N N 212 
LYS CE  HE3  sing N N 213 
LYS NZ  HZ1  sing N N 214 
LYS NZ  HZ2  sing N N 215 
LYS NZ  HZ3  sing N N 216 
LYS OXT HXT  sing N N 217 
MET N   CA   sing N N 218 
MET N   H    sing N N 219 
MET N   H2   sing N N 220 
MET CA  C    sing N N 221 
MET CA  CB   sing N N 222 
MET CA  HA   sing N N 223 
MET C   O    doub N N 224 
MET C   OXT  sing N N 225 
MET CB  CG   sing N N 226 
MET CB  HB2  sing N N 227 
MET CB  HB3  sing N N 228 
MET CG  SD   sing N N 229 
MET CG  HG2  sing N N 230 
MET CG  HG3  sing N N 231 
MET SD  CE   sing N N 232 
MET CE  HE1  sing N N 233 
MET CE  HE2  sing N N 234 
MET CE  HE3  sing N N 235 
MET OXT HXT  sing N N 236 
PHE N   CA   sing N N 237 
PHE N   H    sing N N 238 
PHE N   H2   sing N N 239 
PHE CA  C    sing N N 240 
PHE CA  CB   sing N N 241 
PHE CA  HA   sing N N 242 
PHE C   O    doub N N 243 
PHE C   OXT  sing N N 244 
PHE CB  CG   sing N N 245 
PHE CB  HB2  sing N N 246 
PHE CB  HB3  sing N N 247 
PHE CG  CD1  doub Y N 248 
PHE CG  CD2  sing Y N 249 
PHE CD1 CE1  sing Y N 250 
PHE CD1 HD1  sing N N 251 
PHE CD2 CE2  doub Y N 252 
PHE CD2 HD2  sing N N 253 
PHE CE1 CZ   doub Y N 254 
PHE CE1 HE1  sing N N 255 
PHE CE2 CZ   sing Y N 256 
PHE CE2 HE2  sing N N 257 
PHE CZ  HZ   sing N N 258 
PHE OXT HXT  sing N N 259 
PRO N   CA   sing N N 260 
PRO N   CD   sing N N 261 
PRO N   H    sing N N 262 
PRO CA  C    sing N N 263 
PRO CA  CB   sing N N 264 
PRO CA  HA   sing N N 265 
PRO C   O    doub N N 266 
PRO C   OXT  sing N N 267 
PRO CB  CG   sing N N 268 
PRO CB  HB2  sing N N 269 
PRO CB  HB3  sing N N 270 
PRO CG  CD   sing N N 271 
PRO CG  HG2  sing N N 272 
PRO CG  HG3  sing N N 273 
PRO CD  HD2  sing N N 274 
PRO CD  HD3  sing N N 275 
PRO OXT HXT  sing N N 276 
SER N   CA   sing N N 277 
SER N   H    sing N N 278 
SER N   H2   sing N N 279 
SER CA  C    sing N N 280 
SER CA  CB   sing N N 281 
SER CA  HA   sing N N 282 
SER C   O    doub N N 283 
SER C   OXT  sing N N 284 
SER CB  OG   sing N N 285 
SER CB  HB2  sing N N 286 
SER CB  HB3  sing N N 287 
SER OG  HG   sing N N 288 
SER OXT HXT  sing N N 289 
SO4 S   O1   doub N N 290 
SO4 S   O2   doub N N 291 
SO4 S   O3   sing N N 292 
SO4 S   O4   sing N N 293 
THR N   CA   sing N N 294 
THR N   H    sing N N 295 
THR N   H2   sing N N 296 
THR CA  C    sing N N 297 
THR CA  CB   sing N N 298 
THR CA  HA   sing N N 299 
THR C   O    doub N N 300 
THR C   OXT  sing N N 301 
THR CB  OG1  sing N N 302 
THR CB  CG2  sing N N 303 
THR CB  HB   sing N N 304 
THR OG1 HG1  sing N N 305 
THR CG2 HG21 sing N N 306 
THR CG2 HG22 sing N N 307 
THR CG2 HG23 sing N N 308 
THR OXT HXT  sing N N 309 
TRP N   CA   sing N N 310 
TRP N   H    sing N N 311 
TRP N   H2   sing N N 312 
TRP CA  C    sing N N 313 
TRP CA  CB   sing N N 314 
TRP CA  HA   sing N N 315 
TRP C   O    doub N N 316 
TRP C   OXT  sing N N 317 
TRP CB  CG   sing N N 318 
TRP CB  HB2  sing N N 319 
TRP CB  HB3  sing N N 320 
TRP CG  CD1  doub Y N 321 
TRP CG  CD2  sing Y N 322 
TRP CD1 NE1  sing Y N 323 
TRP CD1 HD1  sing N N 324 
TRP CD2 CE2  doub Y N 325 
TRP CD2 CE3  sing Y N 326 
TRP NE1 CE2  sing Y N 327 
TRP NE1 HE1  sing N N 328 
TRP CE2 CZ2  sing Y N 329 
TRP CE3 CZ3  doub Y N 330 
TRP CE3 HE3  sing N N 331 
TRP CZ2 CH2  doub Y N 332 
TRP CZ2 HZ2  sing N N 333 
TRP CZ3 CH2  sing Y N 334 
TRP CZ3 HZ3  sing N N 335 
TRP CH2 HH2  sing N N 336 
TRP OXT HXT  sing N N 337 
TYR N   CA   sing N N 338 
TYR N   H    sing N N 339 
TYR N   H2   sing N N 340 
TYR CA  C    sing N N 341 
TYR CA  CB   sing N N 342 
TYR CA  HA   sing N N 343 
TYR C   O    doub N N 344 
TYR C   OXT  sing N N 345 
TYR CB  CG   sing N N 346 
TYR CB  HB2  sing N N 347 
TYR CB  HB3  sing N N 348 
TYR CG  CD1  doub Y N 349 
TYR CG  CD2  sing Y N 350 
TYR CD1 CE1  sing Y N 351 
TYR CD1 HD1  sing N N 352 
TYR CD2 CE2  doub Y N 353 
TYR CD2 HD2  sing N N 354 
TYR CE1 CZ   doub Y N 355 
TYR CE1 HE1  sing N N 356 
TYR CE2 CZ   sing Y N 357 
TYR CE2 HE2  sing N N 358 
TYR CZ  OH   sing N N 359 
TYR OH  HH   sing N N 360 
TYR OXT HXT  sing N N 361 
VAL N   CA   sing N N 362 
VAL N   H    sing N N 363 
VAL N   H2   sing N N 364 
VAL CA  C    sing N N 365 
VAL CA  CB   sing N N 366 
VAL CA  HA   sing N N 367 
VAL C   O    doub N N 368 
VAL C   OXT  sing N N 369 
VAL CB  CG1  sing N N 370 
VAL CB  CG2  sing N N 371 
VAL CB  HB   sing N N 372 
VAL CG1 HG11 sing N N 373 
VAL CG1 HG12 sing N N 374 
VAL CG1 HG13 sing N N 375 
VAL CG2 HG21 sing N N 376 
VAL CG2 HG22 sing N N 377 
VAL CG2 HG23 sing N N 378 
VAL OXT HXT  sing N N 379 
# 
loop_
_pdbx_audit_support.funding_organization 
_pdbx_audit_support.country 
_pdbx_audit_support.grant_number 
_pdbx_audit_support.ordinal 
'National Institutes of Health/National Institute of General Medical Sciences (NIH/NIGMS)' 'United States' GM094662    1 
'National Institutes of Health/National Institute of General Medical Sciences (NIH/NIGMS)' 'United States' GM094665    2 
'Albert Einstein Cancer Center'                                                            'United States' P30CA013330 3 
# 
_pdbx_initial_refinement_model.id               1 
_pdbx_initial_refinement_model.entity_id_list   ? 
_pdbx_initial_refinement_model.type             'experimental model' 
_pdbx_initial_refinement_model.source_name      PDB 
_pdbx_initial_refinement_model.accession_code   4MSV 
_pdbx_initial_refinement_model.details          ? 
# 
_atom_sites.entry_id                    5L19 
_atom_sites.fract_transf_matrix[1][1]   -0.00200018 
_atom_sites.fract_transf_matrix[1][2]   -0.00913565 
_atom_sites.fract_transf_matrix[1][3]   -0.01981912 
_atom_sites.fract_transf_matrix[2][1]   0.01179863 
_atom_sites.fract_transf_matrix[2][2]   -0.01774142 
_atom_sites.fract_transf_matrix[2][3]   -0.00512851 
_atom_sites.fract_transf_matrix[3][1]   -0.00838554 
_atom_sites.fract_transf_matrix[3][2]   -0.00671621 
_atom_sites.fract_transf_matrix[3][3]   0.00394213 
_atom_sites.fract_transf_vector[1]      0.223269 
_atom_sites.fract_transf_vector[2]      0.385988 
_atom_sites.fract_transf_vector[3]      0.258876 
# 
loop_
_atom_type.symbol 
C  
N  
O  
S  
ZN 
# 
loop_
_atom_site.group_PDB 
_atom_site.id 
_atom_site.type_symbol 
_atom_site.label_atom_id 
_atom_site.label_alt_id 
_atom_site.label_comp_id 
_atom_site.label_asym_id 
_atom_site.label_entity_id 
_atom_site.label_seq_id 
_atom_site.pdbx_PDB_ins_code 
_atom_site.Cartn_x 
_atom_site.Cartn_y 
_atom_site.Cartn_z 
_atom_site.occupancy 
_atom_site.B_iso_or_equiv 
_atom_site.pdbx_formal_charge 
_atom_site.auth_seq_id 
_atom_site.auth_comp_id 
_atom_site.auth_asym_id 
_atom_site.auth_atom_id 
_atom_site.pdbx_PDB_model_num 
ATOM   1    N  N   . GLY A 1 4   ? 13.437  26.387  -6.902  1.00 66.65  ? 132 GLY A N   1 
ATOM   2    C  CA  . GLY A 1 4   ? 14.148  27.068  -8.035  1.00 67.97  ? 132 GLY A CA  1 
ATOM   3    C  C   . GLY A 1 4   ? 15.238  26.219  -8.706  1.00 67.23  ? 132 GLY A C   1 
ATOM   4    O  O   . GLY A 1 4   ? 15.042  25.656  -9.824  1.00 62.64  ? 132 GLY A O   1 
ATOM   5    N  N   . HIS A 1 5   ? 16.390  26.109  -8.032  1.00 54.47  ? 133 HIS A N   1 
ATOM   6    C  CA  . HIS A 1 5   ? 17.574  25.536  -8.696  1.00 50.40  ? 133 HIS A CA  1 
ATOM   7    C  C   . HIS A 1 5   ? 17.470  23.987  -8.845  1.00 44.23  ? 133 HIS A C   1 
ATOM   8    O  O   . HIS A 1 5   ? 17.268  23.295  -7.843  1.00 43.03  ? 133 HIS A O   1 
ATOM   9    C  CB  . HIS A 1 5   ? 18.885  25.969  -8.000  1.00 45.02  ? 133 HIS A CB  1 
ATOM   10   C  CG  . HIS A 1 5   ? 20.121  25.787  -8.844  1.00 38.86  ? 133 HIS A CG  1 
ATOM   11   N  ND1 . HIS A 1 5   ? 20.591  24.550  -9.233  1.00 33.80  ? 133 HIS A ND1 1 
ATOM   12   C  CD2 . HIS A 1 5   ? 20.978  26.698  -9.380  1.00 36.75  ? 133 HIS A CD2 1 
ATOM   13   C  CE1 . HIS A 1 5   ? 21.691  24.702  -9.944  1.00 33.33  ? 133 HIS A CE1 1 
ATOM   14   N  NE2 . HIS A 1 5   ? 21.959  25.993  -10.027 1.00 29.11  ? 133 HIS A NE2 1 
ATOM   15   N  N   . PRO A 1 6   ? 17.600  23.453  -10.097 1.00 39.06  ? 134 PRO A N   1 
ATOM   16   C  CA  . PRO A 1 6   ? 17.669  21.983  -10.276 1.00 38.43  ? 134 PRO A CA  1 
ATOM   17   C  C   . PRO A 1 6   ? 18.829  21.297  -9.506  1.00 42.38  ? 134 PRO A C   1 
ATOM   18   O  O   . PRO A 1 6   ? 19.900  21.914  -9.237  1.00 42.97  ? 134 PRO A O   1 
ATOM   19   C  CB  . PRO A 1 6   ? 17.859  21.801  -11.805 1.00 34.77  ? 134 PRO A CB  1 
ATOM   20   C  CG  . PRO A 1 6   ? 18.330  23.111  -12.300 1.00 34.83  ? 134 PRO A CG  1 
ATOM   21   C  CD  . PRO A 1 6   ? 17.672  24.145  -11.403 1.00 37.27  ? 134 PRO A CD  1 
ATOM   22   N  N   . SER A 1 7   ? 18.599  20.022  -9.178  1.00 47.73  ? 135 SER A N   1 
ATOM   23   C  CA  . SER A 1 7   ? 19.573  19.171  -8.479  1.00 52.87  ? 135 SER A CA  1 
ATOM   24   C  C   . SER A 1 7   ? 20.417  18.463  -9.552  1.00 56.03  ? 135 SER A C   1 
ATOM   25   O  O   . SER A 1 7   ? 19.879  17.833  -10.487 1.00 50.62  ? 135 SER A O   1 
ATOM   26   C  CB  . SER A 1 7   ? 18.882  18.147  -7.537  1.00 49.48  ? 135 SER A CB  1 
ATOM   27   N  N   . PRO A 1 8   ? 21.750  18.594  -9.448  1.00 68.80  ? 136 PRO A N   1 
ATOM   28   C  CA  . PRO A 1 8   ? 22.671  17.889  -10.352 1.00 76.38  ? 136 PRO A CA  1 
ATOM   29   C  C   . PRO A 1 8   ? 22.466  16.408  -10.159 1.00 85.25  ? 136 PRO A C   1 
ATOM   30   O  O   . PRO A 1 8   ? 22.204  16.030  -9.016  1.00 91.94  ? 136 PRO A O   1 
ATOM   31   C  CB  . PRO A 1 8   ? 24.051  18.304  -9.823  1.00 73.55  ? 136 PRO A CB  1 
ATOM   32   C  CG  . PRO A 1 8   ? 23.803  18.744  -8.418  1.00 72.06  ? 136 PRO A CG  1 
ATOM   33   C  CD  . PRO A 1 8   ? 22.485  19.422  -8.471  1.00 69.33  ? 136 PRO A CD  1 
ATOM   34   N  N   . PRO A 1 9   ? 22.568  15.567  -11.226 1.00 90.72  ? 137 PRO A N   1 
ATOM   35   C  CA  . PRO A 1 9   ? 22.332  14.123  -10.991 1.00 100.10 ? 137 PRO A CA  1 
ATOM   36   C  C   . PRO A 1 9   ? 23.080  13.357  -9.864  1.00 106.07 ? 137 PRO A C   1 
ATOM   37   O  O   . PRO A 1 9   ? 22.625  12.224  -9.471  1.00 99.12  ? 137 PRO A O   1 
ATOM   38   C  CB  . PRO A 1 9   ? 22.771  13.505  -12.303 1.00 100.14 ? 137 PRO A CB  1 
ATOM   39   C  CG  . PRO A 1 9   ? 22.306  14.482  -13.282 1.00 97.05  ? 137 PRO A CG  1 
ATOM   40   C  CD  . PRO A 1 9   ? 22.761  15.802  -12.673 1.00 94.05  ? 137 PRO A CD  1 
ATOM   41   N  N   . PRO A 1 10  ? 24.254  13.877  -9.425  1.00 98.58  ? 138 PRO A N   1 
ATOM   42   C  CA  . PRO A 1 10  ? 24.873  13.363  -8.199  1.00 92.53  ? 138 PRO A CA  1 
ATOM   43   C  C   . PRO A 1 10  ? 23.978  13.570  -6.946  1.00 91.46  ? 138 PRO A C   1 
ATOM   44   O  O   . PRO A 1 10  ? 23.716  12.613  -6.199  1.00 87.43  ? 138 PRO A O   1 
ATOM   45   C  CB  . PRO A 1 10  ? 26.164  14.195  -8.107  1.00 83.01  ? 138 PRO A CB  1 
ATOM   46   N  N   . GLU A 1 11  ? 23.522  14.815  -6.750  1.00 90.24  ? 139 GLU A N   1 
ATOM   47   C  CA  . GLU A 1 11  ? 22.636  15.209  -5.636  1.00 80.12  ? 139 GLU A CA  1 
ATOM   48   C  C   . GLU A 1 11  ? 21.186  14.718  -5.794  1.00 83.10  ? 139 GLU A C   1 
ATOM   49   O  O   . GLU A 1 11  ? 20.461  14.565  -4.784  1.00 73.03  ? 139 GLU A O   1 
ATOM   50   C  CB  . GLU A 1 11  ? 22.624  16.737  -5.435  1.00 75.05  ? 139 GLU A CB  1 
ATOM   51   N  N   . LYS A 1 12  ? 20.747  14.509  -7.043  1.00 91.13  ? 140 LYS A N   1 
ATOM   52   C  CA  . LYS A 1 12  ? 19.429  13.897  -7.315  1.00 98.16  ? 140 LYS A CA  1 
ATOM   53   C  C   . LYS A 1 12  ? 19.444  12.443  -6.817  1.00 104.81 ? 140 LYS A C   1 
ATOM   54   O  O   . LYS A 1 12  ? 18.486  11.970  -6.170  1.00 105.86 ? 140 LYS A O   1 
ATOM   55   C  CB  . LYS A 1 12  ? 19.112  13.915  -8.823  1.00 91.20  ? 140 LYS A CB  1 
ATOM   56   N  N   . LYS A 1 13  ? 20.560  11.766  -7.128  1.00 104.63 ? 141 LYS A N   1 
ATOM   57   C  CA  . LYS A 1 13  ? 20.793  10.345  -6.814  1.00 94.72  ? 141 LYS A CA  1 
ATOM   58   C  C   . LYS A 1 13  ? 21.256  10.010  -5.369  1.00 93.67  ? 141 LYS A C   1 
ATOM   59   O  O   . LYS A 1 13  ? 21.282  8.834   -5.004  1.00 88.26  ? 141 LYS A O   1 
ATOM   60   C  CB  . LYS A 1 13  ? 21.784  9.751   -7.834  1.00 84.89  ? 141 LYS A CB  1 
ATOM   61   N  N   . GLU A 1 14  ? 21.630  11.005  -4.558  1.00 95.25  ? 142 GLU A N   1 
ATOM   62   C  CA  . GLU A 1 14  ? 21.928  10.762  -3.130  1.00 93.04  ? 142 GLU A CA  1 
ATOM   63   C  C   . GLU A 1 14  ? 20.636  10.480  -2.384  1.00 92.48  ? 142 GLU A C   1 
ATOM   64   O  O   . GLU A 1 14  ? 20.556  9.524   -1.608  1.00 97.67  ? 142 GLU A O   1 
ATOM   65   C  CB  . GLU A 1 14  ? 22.609  11.966  -2.467  1.00 96.77  ? 142 GLU A CB  1 
ATOM   66   N  N   . LEU A 1 15  ? 19.645  11.347  -2.614  1.00 89.69  ? 143 LEU A N   1 
ATOM   67   C  CA  . LEU A 1 15  ? 18.276  11.178  -2.100  1.00 87.71  ? 143 LEU A CA  1 
ATOM   68   C  C   . LEU A 1 15  ? 17.581  10.023  -2.852  1.00 81.71  ? 143 LEU A C   1 
ATOM   69   O  O   . LEU A 1 15  ? 17.249  10.157  -4.046  1.00 74.04  ? 143 LEU A O   1 
ATOM   70   C  CB  . LEU A 1 15  ? 17.460  12.472  -2.252  1.00 82.85  ? 143 LEU A CB  1 
ATOM   71   N  N   . ARG A 1 16  ? 17.391  8.898   -2.146  1.00 70.14  ? 144 ARG A N   1 
ATOM   72   C  CA  . ARG A 1 16  ? 16.795  7.682   -2.706  1.00 56.35  ? 144 ARG A CA  1 
ATOM   73   C  C   . ARG A 1 16  ? 15.248  7.809   -2.648  1.00 42.14  ? 144 ARG A C   1 
ATOM   74   O  O   . ARG A 1 16  ? 14.668  8.502   -1.801  1.00 44.81  ? 144 ARG A O   1 
ATOM   75   C  CB  . ARG A 1 16  ? 17.338  6.474   -1.949  1.00 61.68  ? 144 ARG A CB  1 
ATOM   76   C  CG  . ARG A 1 16  ? 17.186  5.152   -2.655  1.00 68.72  ? 144 ARG A CG  1 
ATOM   77   C  CD  . ARG A 1 16  ? 18.423  4.734   -3.448  1.00 79.40  ? 144 ARG A CD  1 
ATOM   78   N  NE  . ARG A 1 16  ? 18.119  3.520   -4.234  1.00 93.03  ? 144 ARG A NE  1 
ATOM   79   C  CZ  . ARG A 1 16  ? 18.989  2.780   -4.939  1.00 100.20 ? 144 ARG A CZ  1 
ATOM   80   N  NH1 . ARG A 1 16  ? 20.290  3.101   -4.974  1.00 107.74 ? 144 ARG A NH1 1 
ATOM   81   N  NH2 . ARG A 1 16  ? 18.552  1.692   -5.614  1.00 87.28  ? 144 ARG A NH2 1 
ATOM   82   N  N   . LYS A 1 17  ? 14.578  7.232   -3.620  1.00 30.89  ? 145 LYS A N   1 
ATOM   83   C  CA  . LYS A 1 17  ? 13.109  7.383   -3.753  1.00 28.48  ? 145 LYS A CA  1 
ATOM   84   C  C   . LYS A 1 17  ? 12.547  6.113   -3.114  1.00 22.64  ? 145 LYS A C   1 
ATOM   85   O  O   . LYS A 1 17  ? 12.744  5.012   -3.669  1.00 19.71  ? 145 LYS A O   1 
ATOM   86   C  CB  . LYS A 1 17  ? 12.648  7.475   -5.231  1.00 30.75  ? 145 LYS A CB  1 
ATOM   87   C  CG  . LYS A 1 17  ? 12.735  8.833   -5.899  1.00 37.10  ? 145 LYS A CG  1 
ATOM   88   C  CD  . LYS A 1 17  ? 14.011  9.557   -5.515  1.00 42.82  ? 145 LYS A CD  1 
ATOM   89   C  CE  . LYS A 1 17  ? 14.533  10.535  -6.551  1.00 53.19  ? 145 LYS A CE  1 
ATOM   90   N  NZ  . LYS A 1 17  ? 13.455  11.464  -7.048  1.00 60.50  ? 145 LYS A NZ  1 
ATOM   91   N  N   . VAL A 1 18  ? 11.855  6.281   -1.993  1.00 18.41  ? 146 VAL A N   1 
ATOM   92   C  CA  . VAL A 1 18  ? 11.433  5.184   -1.134  1.00 17.09  ? 146 VAL A CA  1 
ATOM   93   C  C   . VAL A 1 18  ? 10.228  5.572   -0.306  1.00 16.22  ? 146 VAL A C   1 
ATOM   94   O  O   . VAL A 1 18  ? 10.034  6.763   0.078   1.00 14.87  ? 146 VAL A O   1 
ATOM   95   C  CB  . VAL A 1 18  ? 12.625  4.710   -0.239  1.00 18.44  ? 146 VAL A CB  1 
ATOM   96   C  CG1 . VAL A 1 18  ? 13.046  5.753   0.788   1.00 17.65  ? 146 VAL A CG1 1 
ATOM   97   C  CG2 . VAL A 1 18  ? 12.240  3.508   0.542   1.00 19.28  ? 146 VAL A CG2 1 
ATOM   98   N  N   . ALA A 1 19  ? 9.381   4.577   -0.076  1.00 14.57  ? 147 ALA A N   1 
ATOM   99   C  CA  . ALA A 1 19  ? 8.239   4.688   0.811   1.00 15.48  ? 147 ALA A CA  1 
ATOM   100  C  C   . ALA A 1 19  ? 8.027   3.365   1.509   1.00 15.82  ? 147 ALA A C   1 
ATOM   101  O  O   . ALA A 1 19  ? 8.192   2.267   0.925   1.00 16.04  ? 147 ALA A O   1 
ATOM   102  C  CB  . ALA A 1 19  ? 6.982   5.075   0.056   1.00 16.47  ? 147 ALA A CB  1 
ATOM   103  N  N   . HIS A 1 20  ? 7.755   3.483   2.801   1.00 16.07  ? 148 HIS A N   1 
ATOM   104  C  CA  . HIS A 1 20  ? 7.311   2.380   3.645   1.00 15.43  ? 148 HIS A CA  1 
ATOM   105  C  C   . HIS A 1 20  ? 6.244   2.955   4.651   1.00 17.06  ? 148 HIS A C   1 
ATOM   106  O  O   . HIS A 1 20  ? 6.589   3.687   5.592   1.00 17.08  ? 148 HIS A O   1 
ATOM   107  C  CB  . HIS A 1 20  ? 8.467   1.678   4.356   1.00 14.89  ? 148 HIS A CB  1 
ATOM   108  C  CG  . HIS A 1 20  ? 8.013   0.502   5.150   1.00 14.28  ? 148 HIS A CG  1 
ATOM   109  N  ND1 . HIS A 1 20  ? 7.566   -0.647  4.558   1.00 14.31  ? 148 HIS A ND1 1 
ATOM   110  C  CD2 . HIS A 1 20  ? 7.801   0.343   6.469   1.00 14.65  ? 148 HIS A CD2 1 
ATOM   111  C  CE1 . HIS A 1 20  ? 7.182   -1.501  5.478   1.00 14.61  ? 148 HIS A CE1 1 
ATOM   112  N  NE2 . HIS A 1 20  ? 7.268   -0.898  6.650   1.00 14.59  ? 148 HIS A NE2 1 
ATOM   113  N  N   . LEU A 1 21  ? 4.970   2.625   4.400   1.00 16.14  ? 149 LEU A N   1 
ATOM   114  C  CA  . LEU A 1 21  ? 3.852   3.207   5.078   1.00 16.31  ? 149 LEU A CA  1 
ATOM   115  C  C   . LEU A 1 21  ? 3.320   2.105   5.914   1.00 14.87  ? 149 LEU A C   1 
ATOM   116  O  O   . LEU A 1 21  ? 3.335   0.989   5.484   1.00 13.57  ? 149 LEU A O   1 
ATOM   117  C  CB  . LEU A 1 21  ? 2.763   3.696   4.113   1.00 16.75  ? 149 LEU A CB  1 
ATOM   118  C  CG  . LEU A 1 21  ? 3.168   4.663   3.033   1.00 18.06  ? 149 LEU A CG  1 
ATOM   119  C  CD1 . LEU A 1 21  ? 1.954   5.197   2.329   1.00 18.95  ? 149 LEU A CD1 1 
ATOM   120  C  CD2 . LEU A 1 21  ? 4.071   5.777   3.485   1.00 19.87  ? 149 LEU A CD2 1 
ATOM   121  N  N   . THR A 1 22  ? 2.904   2.441   7.133   1.00 15.98  ? 150 THR A N   1 
ATOM   122  C  CA  . THR A 1 22  ? 2.518   1.435   8.160   1.00 17.37  ? 150 THR A CA  1 
ATOM   123  C  C   . THR A 1 22  ? 1.130   1.681   8.644   1.00 17.17  ? 150 THR A C   1 
ATOM   124  O  O   . THR A 1 22  ? 0.598   2.799   8.534   1.00 14.65  ? 150 THR A O   1 
ATOM   125  C  CB  . THR A 1 22  ? 3.545   1.369   9.312   1.00 18.87  ? 150 THR A CB  1 
ATOM   126  O  OG1 . THR A 1 22  ? 3.566   2.580   10.081  1.00 20.63  ? 150 THR A OG1 1 
ATOM   127  C  CG2 . THR A 1 22  ? 5.003   1.125   8.775   1.00 17.79  ? 150 THR A CG2 1 
ATOM   128  N  N   . GLY A 1 23  ? 0.556   0.617   9.148   1.00 17.35  ? 151 GLY A N   1 
ATOM   129  C  CA  . GLY A 1 23  ? -0.841  0.558   9.389   1.00 21.18  ? 151 GLY A CA  1 
ATOM   130  C  C   . GLY A 1 23  ? -1.298  1.671   10.330  1.00 25.12  ? 151 GLY A C   1 
ATOM   131  O  O   . GLY A 1 23  ? -0.646  1.962   11.313  1.00 23.20  ? 151 GLY A O   1 
ATOM   132  N  N   . LYS A 1 24  ? -2.467  2.214   10.036  1.00 28.67  ? 152 LYS A N   1 
ATOM   133  C  CA  . LYS A 1 24  ? -3.081  3.312   10.749  1.00 32.61  ? 152 LYS A CA  1 
ATOM   134  C  C   . LYS A 1 24  ? -4.500  2.899   11.154  1.00 33.67  ? 152 LYS A C   1 
ATOM   135  O  O   . LYS A 1 24  ? -5.411  2.865   10.329  1.00 30.74  ? 152 LYS A O   1 
ATOM   136  C  CB  . LYS A 1 24  ? -3.132  4.507   9.825   1.00 33.83  ? 152 LYS A CB  1 
ATOM   137  C  CG  . LYS A 1 24  ? -3.574  5.743   10.534  1.00 40.04  ? 152 LYS A CG  1 
ATOM   138  C  CD  . LYS A 1 24  ? -3.586  6.906   9.579   1.00 44.85  ? 152 LYS A CD  1 
ATOM   139  C  CE  . LYS A 1 24  ? -3.507  8.213   10.355  1.00 52.47  ? 152 LYS A CE  1 
ATOM   140  N  NZ  . LYS A 1 24  ? -2.102  8.456   10.843  1.00 55.11  ? 152 LYS A NZ  1 
ATOM   141  N  N   . SER A 1 25  ? -4.665  2.647   12.441  1.00 33.56  ? 153 SER A N   1 
ATOM   142  C  CA  . SER A 1 25  ? -5.898  2.059   12.990  1.00 43.41  ? 153 SER A CA  1 
ATOM   143  C  C   . SER A 1 25  ? -7.024  3.028   13.155  1.00 44.83  ? 153 SER A C   1 
ATOM   144  O  O   . SER A 1 25  ? -8.157  2.606   13.233  1.00 53.40  ? 153 SER A O   1 
ATOM   145  C  CB  . SER A 1 25  ? -5.659  1.473   14.383  1.00 42.35  ? 153 SER A CB  1 
ATOM   146  O  OG  . SER A 1 25  ? -5.174  2.468   15.264  1.00 42.18  ? 153 SER A OG  1 
ATOM   147  N  N   . ASN A 1 26  ? -6.717  4.314   13.238  1.00 49.28  ? 154 ASN A N   1 
ATOM   148  C  CA  . ASN A 1 26  ? -7.735  5.330   13.598  1.00 52.53  ? 154 ASN A CA  1 
ATOM   149  C  C   . ASN A 1 26  ? -8.318  6.030   12.352  1.00 52.26  ? 154 ASN A C   1 
ATOM   150  O  O   . ASN A 1 26  ? -8.625  7.236   12.390  1.00 49.04  ? 154 ASN A O   1 
ATOM   151  C  CB  . ASN A 1 26  ? -7.148  6.346   14.601  1.00 54.70  ? 154 ASN A CB  1 
ATOM   152  C  CG  . ASN A 1 26  ? -5.918  7.057   14.047  1.00 54.45  ? 154 ASN A CG  1 
ATOM   153  O  OD1 . ASN A 1 26  ? -5.237  6.541   13.158  1.00 53.78  ? 154 ASN A OD1 1 
ATOM   154  N  ND2 . ASN A 1 26  ? -5.649  8.241   14.544  1.00 53.88  ? 154 ASN A ND2 1 
ATOM   155  N  N   . SER A 1 27  ? -8.451  5.259   11.264  1.00 47.64  ? 155 SER A N   1 
ATOM   156  C  CA  . SER A 1 27  ? -9.053  5.716   10.023  1.00 48.48  ? 155 SER A CA  1 
ATOM   157  C  C   . SER A 1 27  ? -10.121 4.732   9.527   1.00 48.04  ? 155 SER A C   1 
ATOM   158  O  O   . SER A 1 27  ? -9.924  3.506   9.520   1.00 48.76  ? 155 SER A O   1 
ATOM   159  C  CB  . SER A 1 27  ? -7.983  5.911   8.945   1.00 50.59  ? 155 SER A CB  1 
ATOM   160  O  OG  . SER A 1 27  ? -8.572  6.240   7.695   1.00 50.59  ? 155 SER A OG  1 
ATOM   161  N  N   . ARG A 1 28  ? -11.218 5.323   9.076   1.00 45.43  ? 156 ARG A N   1 
ATOM   162  C  CA  . ARG A 1 28  ? -12.387 4.644   8.572   1.00 48.85  ? 156 ARG A CA  1 
ATOM   163  C  C   . ARG A 1 28  ? -12.380 4.631   7.036   1.00 40.83  ? 156 ARG A C   1 
ATOM   164  O  O   . ARG A 1 28  ? -13.313 4.142   6.401   1.00 38.19  ? 156 ARG A O   1 
ATOM   165  C  CB  . ARG A 1 28  ? -13.610 5.405   9.076   1.00 60.89  ? 156 ARG A CB  1 
ATOM   166  C  CG  . ARG A 1 28  ? -14.871 4.576   9.223   1.00 73.41  ? 156 ARG A CG  1 
ATOM   167  C  CD  . ARG A 1 28  ? -15.951 5.364   9.960   1.00 83.90  ? 156 ARG A CD  1 
ATOM   168  N  NE  . ARG A 1 28  ? -15.648 5.613   11.380  1.00 87.93  ? 156 ARG A NE  1 
ATOM   169  C  CZ  . ARG A 1 28  ? -15.148 6.742   11.899  1.00 94.07  ? 156 ARG A CZ  1 
ATOM   170  N  NH1 . ARG A 1 28  ? -14.845 7.799   11.135  1.00 94.47  ? 156 ARG A NH1 1 
ATOM   171  N  NH2 . ARG A 1 28  ? -14.938 6.812   13.216  1.00 96.12  ? 156 ARG A NH2 1 
ATOM   172  N  N   . SER A 1 29  ? -11.324 5.196   6.466   1.00 35.71  ? 157 SER A N   1 
ATOM   173  C  CA  . SER A 1 29  ? -11.201 5.416   5.040   1.00 35.35  ? 157 SER A CA  1 
ATOM   174  C  C   . SER A 1 29  ? -10.886 4.185   4.167   1.00 30.16  ? 157 SER A C   1 
ATOM   175  O  O   . SER A 1 29  ? -10.203 3.267   4.585   1.00 26.41  ? 157 SER A O   1 
ATOM   176  C  CB  . SER A 1 29  ? -10.093 6.449   4.805   1.00 39.44  ? 157 SER A CB  1 
ATOM   177  O  OG  . SER A 1 29  ? -10.421 7.672   5.443   1.00 40.41  ? 157 SER A OG  1 
ATOM   178  N  N   . MET A 1 30  ? -11.386 4.244   2.940   1.00 24.62  ? 158 MET A N   1 
ATOM   179  C  CA  . MET A 1 30  ? -11.088 3.336   1.891   1.00 24.12  ? 158 MET A CA  1 
ATOM   180  C  C   . MET A 1 30  ? -10.931 4.199   0.623   1.00 23.84  ? 158 MET A C   1 
ATOM   181  O  O   . MET A 1 30  ? -11.882 4.858   0.281   1.00 23.03  ? 158 MET A O   1 
ATOM   182  C  CB  . MET A 1 30  ? -12.181 2.322   1.733   1.00 25.37  ? 158 MET A CB  1 
ATOM   183  C  CG  . MET A 1 30  ? -11.718 1.069   1.006   1.00 25.77  ? 158 MET A CG  1 
ATOM   184  S  SD  . MET A 1 30  ? -10.295 0.147   1.717   1.00 26.07  ? 158 MET A SD  1 
ATOM   185  C  CE  . MET A 1 30  ? -10.992 -0.480  3.205   1.00 27.20  ? 158 MET A CE  1 
ATOM   186  N  N   . PRO A 1 31  ? -9.761  4.241   -0.044  1.00 20.62  ? 159 PRO A N   1 
ATOM   187  C  CA  . PRO A 1 31  ? -8.700  3.370   0.347   1.00 21.80  ? 159 PRO A CA  1 
ATOM   188  C  C   . PRO A 1 31  ? -8.098  3.706   1.698   1.00 24.51  ? 159 PRO A C   1 
ATOM   189  O  O   . PRO A 1 31  ? -8.375  4.768   2.321   1.00 24.05  ? 159 PRO A O   1 
ATOM   190  C  CB  . PRO A 1 31  ? -7.661  3.588   -0.707  1.00 20.60  ? 159 PRO A CB  1 
ATOM   191  C  CG  . PRO A 1 31  ? -7.767  5.014   -0.964  1.00 22.02  ? 159 PRO A CG  1 
ATOM   192  C  CD  . PRO A 1 31  ? -9.253  5.195   -1.046  1.00 21.07  ? 159 PRO A CD  1 
ATOM   193  N  N   . LEU A 1 32  ? -7.297  2.749   2.155   1.00 21.10  ? 160 LEU A N   1 
ATOM   194  C  CA  . LEU A 1 32  ? -6.637  2.857   3.431   1.00 21.18  ? 160 LEU A CA  1 
ATOM   195  C  C   . LEU A 1 32  ? -5.731  4.113   3.521   1.00 22.78  ? 160 LEU A C   1 
ATOM   196  O  O   . LEU A 1 32  ? -5.019  4.488   2.554   1.00 18.90  ? 160 LEU A O   1 
ATOM   197  C  CB  . LEU A 1 32  ? -5.780  1.605   3.635   1.00 21.01  ? 160 LEU A CB  1 
ATOM   198  C  CG  . LEU A 1 32  ? -6.475  0.261   3.752   1.00 22.16  ? 160 LEU A CG  1 
ATOM   199  C  CD1 . LEU A 1 32  ? -5.495  -0.839  4.089   1.00 24.37  ? 160 LEU A CD1 1 
ATOM   200  C  CD2 . LEU A 1 32  ? -7.518  0.311   4.833   1.00 23.74  ? 160 LEU A CD2 1 
ATOM   201  N  N   . GLU A 1 33  ? -5.756  4.730   4.700   1.00 22.41  ? 161 GLU A N   1 
ATOM   202  C  CA  . GLU A 1 33  ? -4.750  5.696   5.080   1.00 25.47  ? 161 GLU A CA  1 
ATOM   203  C  C   . GLU A 1 33  ? -3.604  5.048   5.893   1.00 22.30  ? 161 GLU A C   1 
ATOM   204  O  O   . GLU A 1 33  ? -3.771  4.010   6.485   1.00 20.71  ? 161 GLU A O   1 
ATOM   205  C  CB  . GLU A 1 33  ? -5.413  6.798   5.893   1.00 31.74  ? 161 GLU A CB  1 
ATOM   206  C  CG  . GLU A 1 33  ? -6.467  7.519   5.051   1.00 37.20  ? 161 GLU A CG  1 
ATOM   207  C  CD  . GLU A 1 33  ? -7.015  8.781   5.693   1.00 45.87  ? 161 GLU A CD  1 
ATOM   208  O  OE1 . GLU A 1 33  ? -7.930  9.401   5.072   1.00 55.33  ? 161 GLU A OE1 1 
ATOM   209  O  OE2 . GLU A 1 33  ? -6.532  9.147   6.791   1.00 51.89  ? 161 GLU A OE2 1 
ATOM   210  N  N   . TRP A 1 34  ? -2.467  5.728   5.921   1.00 18.57  ? 162 TRP A N   1 
ATOM   211  C  CA  . TRP A 1 34  ? -1.215  5.181   6.384   1.00 17.19  ? 162 TRP A CA  1 
ATOM   212  C  C   . TRP A 1 34  ? -0.437  6.198   7.193   1.00 17.16  ? 162 TRP A C   1 
ATOM   213  O  O   . TRP A 1 34  ? -0.555  7.401   6.957   1.00 16.20  ? 162 TRP A O   1 
ATOM   214  C  CB  . TRP A 1 34  ? -0.347  4.748   5.201   1.00 16.03  ? 162 TRP A CB  1 
ATOM   215  C  CG  . TRP A 1 34  ? -1.015  3.695   4.271   1.00 15.29  ? 162 TRP A CG  1 
ATOM   216  C  CD1 . TRP A 1 34  ? -1.753  3.940   3.167   1.00 16.25  ? 162 TRP A CD1 1 
ATOM   217  C  CD2 . TRP A 1 34  ? -1.070  2.292   4.483   1.00 14.54  ? 162 TRP A CD2 1 
ATOM   218  N  NE1 . TRP A 1 34  ? -2.257  2.773   2.643   1.00 14.71  ? 162 TRP A NE1 1 
ATOM   219  C  CE2 . TRP A 1 34  ? -1.832  1.739   3.429   1.00 15.15  ? 162 TRP A CE2 1 
ATOM   220  C  CE3 . TRP A 1 34  ? -0.484  1.430   5.413   1.00 14.09  ? 162 TRP A CE3 1 
ATOM   221  C  CZ2 . TRP A 1 34  ? -2.046  0.382   3.316   1.00 13.87  ? 162 TRP A CZ2 1 
ATOM   222  C  CZ3 . TRP A 1 34  ? -0.721  0.101   5.314   1.00 13.37  ? 162 TRP A CZ3 1 
ATOM   223  C  CH2 . TRP A 1 34  ? -1.483  -0.428  4.277   1.00 13.37  ? 162 TRP A CH2 1 
ATOM   224  N  N   . GLU A 1 35  ? 0.385   5.664   8.105   1.00 16.86  ? 163 GLU A N   1 
ATOM   225  C  CA  . GLU A 1 35  ? 1.435   6.373   8.784   1.00 17.91  ? 163 GLU A CA  1 
ATOM   226  C  C   . GLU A 1 35  ? 2.606   6.502   7.865   1.00 17.68  ? 163 GLU A C   1 
ATOM   227  O  O   . GLU A 1 35  ? 3.077   5.524   7.316   1.00 16.51  ? 163 GLU A O   1 
ATOM   228  C  CB  . GLU A 1 35  ? 1.876   5.598   10.029  1.00 20.37  ? 163 GLU A CB  1 
ATOM   229  C  CG  . GLU A 1 35  ? 3.107   6.151   10.743  1.00 22.61  ? 163 GLU A CG  1 
ATOM   230  C  CD  . GLU A 1 35  ? 2.845   7.519   11.344  1.00 25.71  ? 163 GLU A CD  1 
ATOM   231  O  OE1 . GLU A 1 35  ? 1.768   7.653   11.955  1.00 28.17  ? 163 GLU A OE1 1 
ATOM   232  O  OE2 . GLU A 1 35  ? 3.686   8.442   11.184  1.00 25.91  ? 163 GLU A OE2 1 
ATOM   233  N  N   . HIS A 1 36  ? 3.158   7.686   7.780   1.00 18.23  ? 164 HIS A N   1 
ATOM   234  C  CA  . HIS A 1 36  ? 4.272   7.921   6.872   1.00 19.68  ? 164 HIS A CA  1 
ATOM   235  C  C   . HIS A 1 36  ? 5.386   8.768   7.417   1.00 20.13  ? 164 HIS A C   1 
ATOM   236  O  O   . HIS A 1 36  ? 6.275   9.153   6.646   1.00 21.81  ? 164 HIS A O   1 
ATOM   237  C  CB  . HIS A 1 36  ? 3.752   8.492   5.527   1.00 24.06  ? 164 HIS A CB  1 
ATOM   238  C  CG  . HIS A 1 36  ? 3.198   9.840   5.667   1.00 24.90  ? 164 HIS A CG  1 
ATOM   239  N  ND1 . HIS A 1 36  ? 1.851   10.057  5.850   1.00 30.62  ? 164 HIS A ND1 1 
ATOM   240  C  CD2 . HIS A 1 36  ? 3.816   11.027  5.835   1.00 24.83  ? 164 HIS A CD2 1 
ATOM   241  C  CE1 . HIS A 1 36  ? 1.658   11.338  6.079   1.00 29.39  ? 164 HIS A CE1 1 
ATOM   242  N  NE2 . HIS A 1 36  ? 2.837   11.948  6.066   1.00 29.45  ? 164 HIS A NE2 1 
ATOM   243  N  N   . GLU A 1 37  ? 5.382   9.039   8.727   1.00 19.44  ? 165 GLU A N   1 
ATOM   244  C  CA  . GLU A 1 37  ? 6.452   9.811   9.333   1.00 20.58  ? 165 GLU A CA  1 
ATOM   245  C  C   . GLU A 1 37  ? 7.204   9.111   10.447  1.00 19.92  ? 165 GLU A C   1 
ATOM   246  O  O   . GLU A 1 37  ? 8.379   9.297   10.533  1.00 23.77  ? 165 GLU A O   1 
ATOM   247  C  CB  . GLU A 1 37  ? 5.962   11.091  10.004  1.00 22.17  ? 165 GLU A CB  1 
ATOM   248  C  CG  . GLU A 1 37  ? 5.295   12.093  9.123   1.00 24.81  ? 165 GLU A CG  1 
ATOM   249  C  CD  . GLU A 1 37  ? 4.992   13.392  9.956   1.00 24.76  ? 165 GLU A CD  1 
ATOM   250  O  OE1 . GLU A 1 37  ? 4.003   14.031  9.657   1.00 29.05  ? 165 GLU A OE1 1 
ATOM   251  O  OE2 . GLU A 1 37  ? 5.756   13.764  10.859  1.00 24.93  ? 165 GLU A OE2 1 
ATOM   252  N  N   . LEU A 1 38  ? 6.529   8.459   11.362  1.00 17.50  ? 166 LEU A N   1 
ATOM   253  C  CA  . LEU A 1 38  ? 7.167   8.002   12.613  1.00 17.96  ? 166 LEU A CA  1 
ATOM   254  C  C   . LEU A 1 38  ? 7.371   6.493   12.653  1.00 18.78  ? 166 LEU A C   1 
ATOM   255  O  O   . LEU A 1 38  ? 6.831   5.778   11.839  1.00 17.68  ? 166 LEU A O   1 
ATOM   256  C  CB  . LEU A 1 38  ? 6.344   8.461   13.814  1.00 18.26  ? 166 LEU A CB  1 
ATOM   257  C  CG  . LEU A 1 38  ? 6.228   9.989   13.885  1.00 18.62  ? 166 LEU A CG  1 
ATOM   258  C  CD1 . LEU A 1 38  ? 5.214   10.540  14.925  1.00 20.09  ? 166 LEU A CD1 1 
ATOM   259  C  CD2 . LEU A 1 38  ? 7.604   10.587  14.076  1.00 20.09  ? 166 LEU A CD2 1 
ATOM   260  N  N   . GLY A 1 39  ? 8.151   6.020   13.628  1.00 17.68  ? 167 GLY A N   1 
ATOM   261  C  CA  . GLY A 1 39  ? 8.377   4.589   13.823  1.00 17.35  ? 167 GLY A CA  1 
ATOM   262  C  C   . GLY A 1 39  ? 9.131   3.985   12.669  1.00 16.66  ? 167 GLY A C   1 
ATOM   263  O  O   . GLY A 1 39  ? 10.138  4.503   12.190  1.00 18.57  ? 167 GLY A O   1 
ATOM   264  N  N   . LEU A 1 40  ? 8.590   2.917   12.157  1.00 16.40  ? 168 LEU A N   1 
ATOM   265  C  CA  . LEU A 1 40  ? 9.228   2.225   11.018  1.00 16.60  ? 168 LEU A CA  1 
ATOM   266  C  C   . LEU A 1 40  ? 8.927   2.828   9.652   1.00 16.12  ? 168 LEU A C   1 
ATOM   267  O  O   . LEU A 1 40  ? 9.435   2.335   8.660   1.00 16.00  ? 168 LEU A O   1 
ATOM   268  C  CB  . LEU A 1 40  ? 8.799   0.737   11.045  1.00 17.29  ? 168 LEU A CB  1 
ATOM   269  C  CG  . LEU A 1 40  ? 9.529   -0.096  12.100  1.00 18.15  ? 168 LEU A CG  1 
ATOM   270  C  CD1 . LEU A 1 40  ? 8.878   -1.459  12.247  1.00 19.24  ? 168 LEU A CD1 1 
ATOM   271  C  CD2 . LEU A 1 40  ? 11.028  -0.246  11.834  1.00 20.57  ? 168 LEU A CD2 1 
ATOM   272  N  N   . ALA A 1 41  ? 8.107   3.883   9.584   1.00 15.40  ? 169 ALA A N   1 
ATOM   273  C  CA  . ALA A 1 41  ? 7.719   4.441   8.322   1.00 17.38  ? 169 ALA A CA  1 
ATOM   274  C  C   . ALA A 1 41  ? 8.818   5.287   7.710   1.00 17.49  ? 169 ALA A C   1 
ATOM   275  O  O   . ALA A 1 41  ? 9.616   5.860   8.430   1.00 17.98  ? 169 ALA A O   1 
ATOM   276  C  CB  . ALA A 1 41  ? 6.501   5.280   8.474   1.00 18.48  ? 169 ALA A CB  1 
ATOM   277  N  N   . LEU A 1 42  ? 8.856   5.302   6.387   1.00 17.56  ? 170 LEU A N   1 
ATOM   278  C  CA  . LEU A 1 42  ? 9.767   6.132   5.593   1.00 18.29  ? 170 LEU A CA  1 
ATOM   279  C  C   . LEU A 1 42  ? 9.019   6.776   4.440   1.00 17.95  ? 170 LEU A C   1 
ATOM   280  O  O   . LEU A 1 42  ? 8.106   6.162   3.864   1.00 15.75  ? 170 LEU A O   1 
ATOM   281  C  CB  . LEU A 1 42  ? 10.846  5.302   4.889   1.00 20.97  ? 170 LEU A CB  1 
ATOM   282  C  CG  . LEU A 1 42  ? 11.734  4.356   5.610   1.00 22.09  ? 170 LEU A CG  1 
ATOM   283  C  CD1 . LEU A 1 42  ? 12.474  3.457   4.603   1.00 22.02  ? 170 LEU A CD1 1 
ATOM   284  C  CD2 . LEU A 1 42  ? 12.680  5.191   6.452   1.00 24.04  ? 170 LEU A CD2 1 
ATOM   285  N  N   . LEU A 1 43  ? 9.440   7.998   4.070   1.00 17.54  ? 171 LEU A N   1 
ATOM   286  C  CA  . LEU A 1 43  ? 8.962   8.624   2.869   1.00 17.80  ? 171 LEU A CA  1 
ATOM   287  C  C   . LEU A 1 43  ? 10.011  9.588   2.390   1.00 19.33  ? 171 LEU A C   1 
ATOM   288  O  O   . LEU A 1 43  ? 10.346  10.556  3.069   1.00 19.14  ? 171 LEU A O   1 
ATOM   289  C  CB  . LEU A 1 43  ? 7.696   9.348   3.130   1.00 16.72  ? 171 LEU A CB  1 
ATOM   290  C  CG  . LEU A 1 43  ? 6.936   9.914   1.963   1.00 16.67  ? 171 LEU A CG  1 
ATOM   291  C  CD1 . LEU A 1 43  ? 6.406   8.818   1.062   1.00 16.81  ? 171 LEU A CD1 1 
ATOM   292  C  CD2 . LEU A 1 43  ? 5.788   10.770  2.443   1.00 17.36  ? 171 LEU A CD2 1 
ATOM   293  N  N   . SER A 1 44  ? 10.562  9.321   1.227   1.00 20.31  ? 172 SER A N   1 
ATOM   294  C  CA  . SER A 1 44  ? 11.519  10.218  0.631   1.00 19.80  ? 172 SER A CA  1 
ATOM   295  C  C   . SER A 1 44  ? 11.368  10.220  -0.892  1.00 19.60  ? 172 SER A C   1 
ATOM   296  O  O   . SER A 1 44  ? 11.460  9.189   -1.533  1.00 19.63  ? 172 SER A O   1 
ATOM   297  C  CB  . SER A 1 44  ? 12.939  9.808   1.079   1.00 21.32  ? 172 SER A CB  1 
ATOM   298  O  OG  . SER A 1 44  ? 13.952  10.610  0.454   1.00 23.54  ? 172 SER A OG  1 
ATOM   299  N  N   . GLY A 1 45  ? 11.164  11.395  -1.469  1.00 18.59  ? 173 GLY A N   1 
ATOM   300  C  CA  . GLY A 1 45  ? 11.176  11.576  -2.929  1.00 20.75  ? 173 GLY A CA  1 
ATOM   301  C  C   . GLY A 1 45  ? 9.900   11.042  -3.572  1.00 19.91  ? 173 GLY A C   1 
ATOM   302  O  O   . GLY A 1 45  ? 9.854   10.813  -4.767  1.00 23.02  ? 173 GLY A O   1 
ATOM   303  N  N   . VAL A 1 46  ? 8.891   10.789  -2.756  1.00 18.91  ? 174 VAL A N   1 
ATOM   304  C  CA  . VAL A 1 46  ? 7.578   10.343  -3.203  1.00 19.38  ? 174 VAL A CA  1 
ATOM   305  C  C   . VAL A 1 46  ? 6.615   11.107  -2.295  1.00 19.13  ? 174 VAL A C   1 
ATOM   306  O  O   . VAL A 1 46  ? 6.945   11.304  -1.137  1.00 18.80  ? 174 VAL A O   1 
ATOM   307  C  CB  . VAL A 1 46  ? 7.430   8.805   -3.024  1.00 19.57  ? 174 VAL A CB  1 
ATOM   308  C  CG1 . VAL A 1 46  ? 6.076   8.336   -3.522  1.00 21.11  ? 174 VAL A CG1 1 
ATOM   309  C  CG2 . VAL A 1 46  ? 8.522   8.137   -3.806  1.00 18.97  ? 174 VAL A CG2 1 
ATOM   310  N  N   . LYS A 1 47  ? 5.472   11.523  -2.813  1.00 19.81  ? 175 LYS A N   1 
ATOM   311  C  CA  . LYS A 1 47  ? 4.509   12.297  -2.047  1.00 22.87  ? 175 LYS A CA  1 
ATOM   312  C  C   . LYS A 1 47  ? 3.451   11.361  -1.518  1.00 19.49  ? 175 LYS A C   1 
ATOM   313  O  O   . LYS A 1 47  ? 3.229   10.297  -2.063  1.00 19.05  ? 175 LYS A O   1 
ATOM   314  C  CB  . LYS A 1 47  ? 3.860   13.369  -2.921  1.00 30.39  ? 175 LYS A CB  1 
ATOM   315  C  CG  . LYS A 1 47  ? 4.841   14.268  -3.688  1.00 43.31  ? 175 LYS A CG  1 
ATOM   316  C  CD  . LYS A 1 47  ? 5.436   15.381  -2.809  1.00 53.98  ? 175 LYS A CD  1 
ATOM   317  C  CE  . LYS A 1 47  ? 6.427   16.294  -3.559  1.00 64.04  ? 175 LYS A CE  1 
ATOM   318  N  NZ  . LYS A 1 47  ? 7.835   15.896  -3.241  1.00 72.28  ? 175 LYS A NZ  1 
ATOM   319  N  N   . TYR A 1 48  ? 2.842   11.723  -0.425  1.00 18.96  ? 176 TYR A N   1 
ATOM   320  C  CA  . TYR A 1 48  ? 1.740   10.963  0.213   1.00 19.97  ? 176 TYR A CA  1 
ATOM   321  C  C   . TYR A 1 48  ? 0.517   11.903  0.295   1.00 23.51  ? 176 TYR A C   1 
ATOM   322  O  O   . TYR A 1 48  ? 0.659   13.055  0.724   1.00 23.40  ? 176 TYR A O   1 
ATOM   323  C  CB  . TYR A 1 48  ? 2.091   10.513  1.644   1.00 18.11  ? 176 TYR A CB  1 
ATOM   324  C  CG  . TYR A 1 48  ? 0.944   9.908   2.378   1.00 18.00  ? 176 TYR A CG  1 
ATOM   325  C  CD1 . TYR A 1 48  ? 0.631   8.596   2.217   1.00 18.19  ? 176 TYR A CD1 1 
ATOM   326  C  CD2 . TYR A 1 48  ? 0.136   10.676  3.184   1.00 18.30  ? 176 TYR A CD2 1 
ATOM   327  C  CE1 . TYR A 1 48  ? -0.470  8.037   2.818   1.00 17.75  ? 176 TYR A CE1 1 
ATOM   328  C  CE2 . TYR A 1 48  ? -0.961  10.139  3.812   1.00 18.05  ? 176 TYR A CE2 1 
ATOM   329  C  CZ  . TYR A 1 48  ? -1.281  8.831   3.661   1.00 18.51  ? 176 TYR A CZ  1 
ATOM   330  O  OH  . TYR A 1 48  ? -2.390  8.285   4.319   1.00 17.71  ? 176 TYR A OH  1 
ATOM   331  N  N   . LYS A 1 49  ? -0.658  11.445  -0.120  1.00 22.25  ? 177 LYS A N   1 
ATOM   332  C  CA  . LYS A 1 49  ? -1.836  12.268  0.029   1.00 23.02  ? 177 LYS A CA  1 
ATOM   333  C  C   . LYS A 1 49  ? -3.014  11.370  0.080   1.00 20.90  ? 177 LYS A C   1 
ATOM   334  O  O   . LYS A 1 49  ? -3.180  10.562  -0.794  1.00 17.11  ? 177 LYS A O   1 
ATOM   335  C  CB  . LYS A 1 49  ? -1.959  13.233  -1.131  1.00 26.82  ? 177 LYS A CB  1 
ATOM   336  C  CG  . LYS A 1 49  ? -3.117  14.217  -1.008  1.00 32.59  ? 177 LYS A CG  1 
ATOM   337  C  CD  . LYS A 1 49  ? -3.017  15.087  0.242   1.00 35.93  ? 177 LYS A CD  1 
ATOM   338  C  CE  . LYS A 1 49  ? -4.158  16.092  0.438   1.00 41.15  ? 177 LYS A CE  1 
ATOM   339  N  NZ  . LYS A 1 49  ? -4.481  16.240  1.900   1.00 36.03  ? 177 LYS A NZ  1 
ATOM   340  N  N   . LYS A 1 50  ? -3.818  11.494  1.139   1.00 23.53  ? 178 LYS A N   1 
ATOM   341  C  CA  . LYS A 1 50  ? -5.084  10.793  1.287   1.00 25.83  ? 178 LYS A CA  1 
ATOM   342  C  C   . LYS A 1 50  ? -5.033  9.301   1.023   1.00 22.97  ? 178 LYS A C   1 
ATOM   343  O  O   . LYS A 1 50  ? -5.820  8.769   0.277   1.00 25.66  ? 178 LYS A O   1 
ATOM   344  C  CB  . LYS A 1 50  ? -6.125  11.470  0.404   1.00 31.29  ? 178 LYS A CB  1 
ATOM   345  C  CG  . LYS A 1 50  ? -6.450  12.911  0.835   1.00 38.66  ? 178 LYS A CG  1 
ATOM   346  C  CD  . LYS A 1 50  ? -7.937  13.180  1.127   1.00 48.85  ? 178 LYS A CD  1 
ATOM   347  C  CE  . LYS A 1 50  ? -8.359  12.813  2.572   1.00 54.99  ? 178 LYS A CE  1 
ATOM   348  N  NZ  . LYS A 1 50  ? -8.064  13.852  3.617   1.00 57.12  ? 178 LYS A NZ  1 
ATOM   349  N  N   . GLY A 1 51  ? -4.083  8.651   1.662   1.00 22.61  ? 179 GLY A N   1 
ATOM   350  C  CA  . GLY A 1 51  ? -3.749  7.250   1.437   1.00 20.48  ? 179 GLY A CA  1 
ATOM   351  C  C   . GLY A 1 51  ? -2.949  6.854   0.208   1.00 19.81  ? 179 GLY A C   1 
ATOM   352  O  O   . GLY A 1 51  ? -2.504  5.697   0.082   1.00 21.55  ? 179 GLY A O   1 
ATOM   353  N  N   . GLY A 1 52  ? -2.689  7.776   -0.694  1.00 17.19  ? 180 GLY A N   1 
ATOM   354  C  CA  . GLY A 1 52  ? -2.033  7.437   -1.920  1.00 16.36  ? 180 GLY A CA  1 
ATOM   355  C  C   . GLY A 1 52  ? -0.583  7.800   -1.906  1.00 18.45  ? 180 GLY A C   1 
ATOM   356  O  O   . GLY A 1 52  ? -0.201  8.813   -1.281  1.00 18.88  ? 180 GLY A O   1 
ATOM   357  N  N   . LEU A 1 53  ? 0.246   7.000   -2.606  1.00 16.44  ? 181 LEU A N   1 
ATOM   358  C  CA  . LEU A 1 53  ? 1.614   7.376   -2.855  1.00 15.33  ? 181 LEU A CA  1 
ATOM   359  C  C   . LEU A 1 53  ? 1.605   8.016   -4.198  1.00 15.49  ? 181 LEU A C   1 
ATOM   360  O  O   . LEU A 1 53  ? 1.059   7.461   -5.165  1.00 16.41  ? 181 LEU A O   1 
ATOM   361  C  CB  . LEU A 1 53  ? 2.561   6.166   -2.821  1.00 14.81  ? 181 LEU A CB  1 
ATOM   362  C  CG  . LEU A 1 53  ? 2.900   5.645   -1.435  1.00 14.88  ? 181 LEU A CG  1 
ATOM   363  C  CD1 . LEU A 1 53  ? 3.604   4.279   -1.410  1.00 14.66  ? 181 LEU A CD1 1 
ATOM   364  C  CD2 . LEU A 1 53  ? 3.635   6.695   -0.643  1.00 15.95  ? 181 LEU A CD2 1 
ATOM   365  N  N   . VAL A 1 54  ? 2.254   9.158   -4.326  1.00 15.92  ? 182 VAL A N   1 
ATOM   366  C  CA  . VAL A 1 54  ? 2.117   9.889   -5.551  1.00 16.47  ? 182 VAL A CA  1 
ATOM   367  C  C   . VAL A 1 54  ? 3.505   10.050  -6.101  1.00 15.99  ? 182 VAL A C   1 
ATOM   368  O  O   . VAL A 1 54  ? 4.360   10.652  -5.463  1.00 15.28  ? 182 VAL A O   1 
ATOM   369  C  CB  . VAL A 1 54  ? 1.427   11.279  -5.405  1.00 18.46  ? 182 VAL A CB  1 
ATOM   370  C  CG1 . VAL A 1 54  ? 1.167   11.855  -6.786  1.00 20.32  ? 182 VAL A CG1 1 
ATOM   371  C  CG2 . VAL A 1 54  ? 0.162   11.266  -4.570  1.00 17.78  ? 182 VAL A CG2 1 
ATOM   372  N  N   . ILE A 1 55  ? 3.718   9.485   -7.285  1.00 17.19  ? 183 ILE A N   1 
ATOM   373  C  CA  . ILE A 1 55  ? 5.025   9.307   -7.878  1.00 17.08  ? 183 ILE A CA  1 
ATOM   374  C  C   . ILE A 1 55  ? 5.444   10.643  -8.422  1.00 20.37  ? 183 ILE A C   1 
ATOM   375  O  O   . ILE A 1 55  ? 4.651   11.297  -9.103  1.00 17.89  ? 183 ILE A O   1 
ATOM   376  C  CB  . ILE A 1 55  ? 4.992   8.285   -9.071  1.00 17.35  ? 183 ILE A CB  1 
ATOM   377  C  CG1 . ILE A 1 55  ? 4.595   6.900   -8.582  1.00 16.42  ? 183 ILE A CG1 1 
ATOM   378  C  CG2 . ILE A 1 55  ? 6.324   8.231   -9.836  1.00 17.08  ? 183 ILE A CG2 1 
ATOM   379  C  CD1 . ILE A 1 55  ? 5.603   6.290   -7.641  1.00 17.87  ? 183 ILE A CD1 1 
ATOM   380  N  N   . ASN A 1 56  ? 6.675   11.057  -8.156  1.00 23.55  ? 184 ASN A N   1 
ATOM   381  C  CA  . ASN A 1 56  ? 7.158   12.240  -8.848  1.00 30.36  ? 184 ASN A CA  1 
ATOM   382  C  C   . ASN A 1 56  ? 8.295   12.048  -9.828  1.00 27.39  ? 184 ASN A C   1 
ATOM   383  O  O   . ASN A 1 56  ? 8.541   12.965  -10.545 1.00 28.71  ? 184 ASN A O   1 
ATOM   384  C  CB  . ASN A 1 56  ? 7.329   13.496  -7.949  1.00 39.70  ? 184 ASN A CB  1 
ATOM   385  C  CG  . ASN A 1 56  ? 8.161   13.251  -6.771  1.00 47.56  ? 184 ASN A CG  1 
ATOM   386  O  OD1 . ASN A 1 56  ? 7.685   13.314  -5.621  1.00 60.91  ? 184 ASN A OD1 1 
ATOM   387  N  ND2 . ASN A 1 56  ? 9.427   12.971  -7.017  1.00 56.79  ? 184 ASN A ND2 1 
ATOM   388  N  N   . GLU A 1 57  ? 8.887   10.869  -9.952  1.00 23.96  ? 185 GLU A N   1 
ATOM   389  C  CA  . GLU A 1 57  ? 9.904   10.639  -10.964 1.00 24.24  ? 185 GLU A CA  1 
ATOM   390  C  C   . GLU A 1 57  ? 9.554   9.397   -11.703 1.00 22.38  ? 185 GLU A C   1 
ATOM   391  O  O   . GLU A 1 57  ? 9.414   8.332   -11.079 1.00 23.17  ? 185 GLU A O   1 
ATOM   392  C  CB  . GLU A 1 57  ? 11.285  10.466  -10.304 1.00 30.34  ? 185 GLU A CB  1 
ATOM   393  C  CG  . GLU A 1 57  ? 12.448  10.712  -11.266 1.00 38.68  ? 185 GLU A CG  1 
ATOM   394  C  CD  . GLU A 1 57  ? 13.783  10.145  -10.813 1.00 45.09  ? 185 GLU A CD  1 
ATOM   395  O  OE1 . GLU A 1 57  ? 13.963  9.921   -9.604  1.00 50.80  ? 185 GLU A OE1 1 
ATOM   396  O  OE2 . GLU A 1 57  ? 14.656  9.913   -11.680 1.00 54.00  ? 185 GLU A OE2 1 
ATOM   397  N  N   . THR A 1 58  ? 9.379   9.526   -13.002 1.00 19.67  ? 186 THR A N   1 
ATOM   398  C  CA  . THR A 1 58  ? 9.076   8.420   -13.845 1.00 20.84  ? 186 THR A CA  1 
ATOM   399  C  C   . THR A 1 58  ? 10.181  7.381   -13.796 1.00 21.87  ? 186 THR A C   1 
ATOM   400  O  O   . THR A 1 58  ? 11.362  7.729   -13.737 1.00 24.09  ? 186 THR A O   1 
ATOM   401  C  CB  . THR A 1 58  ? 8.921   8.899   -15.257 1.00 21.58  ? 186 THR A CB  1 
ATOM   402  O  OG1 . THR A 1 58  ? 7.806   9.815   -15.325 1.00 21.52  ? 186 THR A OG1 1 
ATOM   403  C  CG2 . THR A 1 58  ? 8.725   7.753   -16.212 1.00 21.55  ? 186 THR A CG2 1 
ATOM   404  N  N   . GLY A 1 59  ? 9.815   6.101   -13.780 1.00 21.15  ? 187 GLY A N   1 
ATOM   405  C  CA  . GLY A 1 59  ? 10.821  5.001   -13.813 1.00 18.32  ? 187 GLY A CA  1 
ATOM   406  C  C   . GLY A 1 59  ? 10.299  3.708   -13.206 1.00 16.98  ? 187 GLY A C   1 
ATOM   407  O  O   . GLY A 1 59  ? 9.135   3.598   -12.892 1.00 14.90  ? 187 GLY A O   1 
ATOM   408  N  N   . LEU A 1 60  ? 11.189  2.755   -13.079 1.00 14.92  ? 188 LEU A N   1 
ATOM   409  C  CA  . LEU A 1 60  ? 10.879  1.498   -12.539 1.00 16.66  ? 188 LEU A CA  1 
ATOM   410  C  C   . LEU A 1 60  ? 10.912  1.556   -11.027 1.00 15.68  ? 188 LEU A C   1 
ATOM   411  O  O   . LEU A 1 60  ? 11.833  2.151   -10.475 1.00 17.25  ? 188 LEU A O   1 
ATOM   412  C  CB  . LEU A 1 60  ? 11.907  0.478   -13.045 1.00 17.36  ? 188 LEU A CB  1 
ATOM   413  C  CG  . LEU A 1 60  ? 11.689  0.192   -14.552 1.00 19.30  ? 188 LEU A CG  1 
ATOM   414  C  CD1 . LEU A 1 60  ? 12.843  -0.585  -15.049 1.00 22.09  ? 188 LEU A CD1 1 
ATOM   415  C  CD2 . LEU A 1 60  ? 10.417  -0.635  -14.826 1.00 21.40  ? 188 LEU A CD2 1 
ATOM   416  N  N   . TYR A 1 61  ? 9.905   0.951   -10.406 1.00 13.09  ? 189 TYR A N   1 
ATOM   417  C  CA  . TYR A 1 61  ? 9.759   0.835   -8.971  1.00 13.77  ? 189 TYR A CA  1 
ATOM   418  C  C   . TYR A 1 61  ? 9.259   -0.549  -8.586  1.00 14.39  ? 189 TYR A C   1 
ATOM   419  O  O   . TYR A 1 61  ? 8.398   -1.122  -9.255  1.00 15.76  ? 189 TYR A O   1 
ATOM   420  C  CB  . TYR A 1 61  ? 8.658   1.753   -8.409  1.00 14.41  ? 189 TYR A CB  1 
ATOM   421  C  CG  . TYR A 1 61  ? 8.917   3.196   -8.503  1.00 13.51  ? 189 TYR A CG  1 
ATOM   422  C  CD1 . TYR A 1 61  ? 8.836   3.854   -9.707  1.00 14.42  ? 189 TYR A CD1 1 
ATOM   423  C  CD2 . TYR A 1 61  ? 9.218   3.910   -7.359  1.00 14.41  ? 189 TYR A CD2 1 
ATOM   424  C  CE1 . TYR A 1 61  ? 9.088   5.243   -9.821  1.00 13.89  ? 189 TYR A CE1 1 
ATOM   425  C  CE2 . TYR A 1 61  ? 9.466   5.267   -7.421  1.00 15.43  ? 189 TYR A CE2 1 
ATOM   426  C  CZ  . TYR A 1 61  ? 9.376   5.949   -8.644  1.00 14.53  ? 189 TYR A CZ  1 
ATOM   427  O  OH  . TYR A 1 61  ? 9.686   7.331   -8.615  1.00 17.16  ? 189 TYR A OH  1 
ATOM   428  N  N   . PHE A 1 62  ? 9.749   -1.041  -7.457  1.00 12.93  ? 190 PHE A N   1 
ATOM   429  C  CA  . PHE A 1 62  ? 9.186   -2.205  -6.794  1.00 13.02  ? 190 PHE A CA  1 
ATOM   430  C  C   . PHE A 1 62  ? 8.148   -1.751  -5.778  1.00 12.83  ? 190 PHE A C   1 
ATOM   431  O  O   . PHE A 1 62  ? 8.411   -0.897  -4.990  1.00 11.43  ? 190 PHE A O   1 
ATOM   432  C  CB  . PHE A 1 62  ? 10.301  -3.085  -6.168  1.00 13.02  ? 190 PHE A CB  1 
ATOM   433  C  CG  . PHE A 1 62  ? 9.784   -4.394  -5.602  1.00 12.66  ? 190 PHE A CG  1 
ATOM   434  C  CD1 . PHE A 1 62  ? 9.539   -5.462  -6.409  1.00 12.21  ? 190 PHE A CD1 1 
ATOM   435  C  CD2 . PHE A 1 62  ? 9.556   -4.513  -4.260  1.00 13.06  ? 190 PHE A CD2 1 
ATOM   436  C  CE1 . PHE A 1 62  ? 9.056   -6.663  -5.898  1.00 13.20  ? 190 PHE A CE1 1 
ATOM   437  C  CE2 . PHE A 1 62  ? 9.024   -5.659  -3.718  1.00 12.66  ? 190 PHE A CE2 1 
ATOM   438  C  CZ  . PHE A 1 62  ? 8.810   -6.785  -4.539  1.00 13.06  ? 190 PHE A CZ  1 
ATOM   439  N  N   . VAL A 1 63  ? 6.944   -2.318  -5.858  1.00 12.13  ? 191 VAL A N   1 
ATOM   440  C  CA  . VAL A 1 63  ? 5.844   -1.915  -5.058  1.00 13.05  ? 191 VAL A CA  1 
ATOM   441  C  C   . VAL A 1 63  ? 5.360   -3.116  -4.292  1.00 12.20  ? 191 VAL A C   1 
ATOM   442  O  O   . VAL A 1 63  ? 5.190   -4.170  -4.853  1.00 10.92  ? 191 VAL A O   1 
ATOM   443  C  CB  . VAL A 1 63  ? 4.683   -1.358  -5.946  1.00 13.65  ? 191 VAL A CB  1 
ATOM   444  C  CG1 . VAL A 1 63  ? 3.464   -0.921  -5.135  1.00 13.71  ? 191 VAL A CG1 1 
ATOM   445  C  CG2 . VAL A 1 63  ? 5.214   -0.227  -6.793  1.00 14.64  ? 191 VAL A CG2 1 
ATOM   446  N  N   . TYR A 1 64  ? 5.086   -2.914  -3.021  1.00 11.34  ? 192 TYR A N   1 
ATOM   447  C  CA  . TYR A 1 64  ? 4.637   -3.975  -2.180  1.00 12.08  ? 192 TYR A CA  1 
ATOM   448  C  C   . TYR A 1 64  ? 3.632   -3.522  -1.128  1.00 12.22  ? 192 TYR A C   1 
ATOM   449  O  O   . TYR A 1 64  ? 3.555   -2.335  -0.782  1.00 11.57  ? 192 TYR A O   1 
ATOM   450  C  CB  . TYR A 1 64  ? 5.877   -4.636  -1.460  1.00 12.91  ? 192 TYR A CB  1 
ATOM   451  C  CG  . TYR A 1 64  ? 6.596   -3.748  -0.483  1.00 12.17  ? 192 TYR A CG  1 
ATOM   452  C  CD1 . TYR A 1 64  ? 6.178   -3.654  0.832   1.00 11.64  ? 192 TYR A CD1 1 
ATOM   453  C  CD2 . TYR A 1 64  ? 7.635   -2.931  -0.920  1.00 12.19  ? 192 TYR A CD2 1 
ATOM   454  C  CE1 . TYR A 1 64  ? 6.793   -2.807  1.725   1.00 12.08  ? 192 TYR A CE1 1 
ATOM   455  C  CE2 . TYR A 1 64  ? 8.276   -2.094  -0.060  1.00 11.63  ? 192 TYR A CE2 1 
ATOM   456  C  CZ  . TYR A 1 64  ? 7.887   -2.052  1.254   1.00 11.95  ? 192 TYR A CZ  1 
ATOM   457  O  OH  . TYR A 1 64  ? 8.538   -1.208  2.037   1.00 12.33  ? 192 TYR A OH  1 
ATOM   458  N  N   . SER A 1 65  ? 2.867   -4.508  -0.654  1.00 12.01  ? 193 SER A N   1 
ATOM   459  C  CA  . SER A 1 65  ? 1.913   -4.316  0.417   1.00 12.19  ? 193 SER A CA  1 
ATOM   460  C  C   . SER A 1 65  ? 1.664   -5.642  1.112   1.00 11.55  ? 193 SER A C   1 
ATOM   461  O  O   . SER A 1 65  ? 1.572   -6.688  0.447   1.00 9.45   ? 193 SER A O   1 
ATOM   462  C  CB  . SER A 1 65  ? 0.599   -3.750  -0.131  1.00 13.34  ? 193 SER A CB  1 
ATOM   463  O  OG  . SER A 1 65  ? -0.298  -3.509  0.927   1.00 12.70  ? 193 SER A OG  1 
ATOM   464  N  N   . LYS A 1 66  ? 1.645   -5.606  2.449   1.00 11.90  ? 194 LYS A N   1 
ATOM   465  C  CA  . LYS A 1 66  ? 1.145   -6.697  3.276   1.00 11.90  ? 194 LYS A CA  1 
ATOM   466  C  C   . LYS A 1 66  ? -0.054  -6.292  4.092   1.00 12.57  ? 194 LYS A C   1 
ATOM   467  O  O   . LYS A 1 66  ? -0.054  -5.195  4.640   1.00 12.20  ? 194 LYS A O   1 
ATOM   468  C  CB  . LYS A 1 66  ? 2.220   -7.181  4.277   1.00 12.85  ? 194 LYS A CB  1 
ATOM   469  C  CG  . LYS A 1 66  ? 1.768   -8.410  5.097   1.00 13.35  ? 194 LYS A CG  1 
ATOM   470  C  CD  . LYS A 1 66  ? 2.790   -8.785  6.165   1.00 14.80  ? 194 LYS A CD  1 
ATOM   471  C  CE  . LYS A 1 66  ? 2.350   -10.003 6.968   1.00 14.69  ? 194 LYS A CE  1 
ATOM   472  N  NZ  . LYS A 1 66  ? 1.400   -9.588  8.035   1.00 14.33  ? 194 LYS A NZ  1 
ATOM   473  N  N   . VAL A 1 67  ? -1.045  -7.197  4.241   1.00 13.25  ? 195 VAL A N   1 
ATOM   474  C  CA  . VAL A 1 67  ? -2.229  -6.914  5.077   1.00 14.39  ? 195 VAL A CA  1 
ATOM   475  C  C   . VAL A 1 67  ? -2.399  -8.101  5.980   1.00 13.92  ? 195 VAL A C   1 
ATOM   476  O  O   . VAL A 1 67  ? -2.292  -9.220  5.509   1.00 15.04  ? 195 VAL A O   1 
ATOM   477  C  CB  . VAL A 1 67  ? -3.528  -6.696  4.278   1.00 15.70  ? 195 VAL A CB  1 
ATOM   478  C  CG1 . VAL A 1 67  ? -4.698  -6.601  5.224   1.00 17.00  ? 195 VAL A CG1 1 
ATOM   479  C  CG2 . VAL A 1 67  ? -3.470  -5.412  3.496   1.00 15.31  ? 195 VAL A CG2 1 
ATOM   480  N  N   . TYR A 1 68  ? -2.583  -7.837  7.267   1.00 13.65  ? 196 TYR A N   1 
ATOM   481  C  CA  . TYR A 1 68  ? -2.803  -8.848  8.302   1.00 15.27  ? 196 TYR A CA  1 
ATOM   482  C  C   . TYR A 1 68  ? -4.316  -8.813  8.597   1.00 16.16  ? 196 TYR A C   1 
ATOM   483  O  O   . TYR A 1 68  ? -4.807  -7.854  9.188   1.00 18.24  ? 196 TYR A O   1 
ATOM   484  C  CB  . TYR A 1 68  ? -1.980  -8.460  9.565   1.00 14.87  ? 196 TYR A CB  1 
ATOM   485  C  CG  . TYR A 1 68  ? -1.905  -9.352  10.827  1.00 16.27  ? 196 TYR A CG  1 
ATOM   486  C  CD1 . TYR A 1 68  ? -3.039  -9.818  11.511  1.00 16.09  ? 196 TYR A CD1 1 
ATOM   487  C  CD2 . TYR A 1 68  ? -0.653  -9.698  11.379  1.00 17.13  ? 196 TYR A CD2 1 
ATOM   488  C  CE1 . TYR A 1 68  ? -2.952  -10.588 12.677  1.00 16.63  ? 196 TYR A CE1 1 
ATOM   489  C  CE2 . TYR A 1 68  ? -0.576  -10.496 12.549  1.00 17.61  ? 196 TYR A CE2 1 
ATOM   490  C  CZ  . TYR A 1 68  ? -1.739  -10.910 13.208  1.00 16.00  ? 196 TYR A CZ  1 
ATOM   491  O  OH  . TYR A 1 68  ? -1.630  -11.627 14.366  1.00 14.95  ? 196 TYR A OH  1 
ATOM   492  N  N   . PHE A 1 69  ? -5.018  -9.844  8.214   1.00 15.76  ? 197 PHE A N   1 
ATOM   493  C  CA  . PHE A 1 69  ? -6.427  -9.978  8.469   1.00 15.86  ? 197 PHE A CA  1 
ATOM   494  C  C   . PHE A 1 69  ? -6.581  -10.844 9.692   1.00 16.04  ? 197 PHE A C   1 
ATOM   495  O  O   . PHE A 1 69  ? -5.814  -11.790 9.901   1.00 14.67  ? 197 PHE A O   1 
ATOM   496  C  CB  . PHE A 1 69  ? -7.171  -10.663 7.325   1.00 16.17  ? 197 PHE A CB  1 
ATOM   497  C  CG  . PHE A 1 69  ? -7.175  -9.924  6.029   1.00 15.64  ? 197 PHE A CG  1 
ATOM   498  C  CD1 . PHE A 1 69  ? -8.073  -8.912  5.796   1.00 16.53  ? 197 PHE A CD1 1 
ATOM   499  C  CD2 . PHE A 1 69  ? -6.316  -10.261 5.013   1.00 16.52  ? 197 PHE A CD2 1 
ATOM   500  C  CE1 . PHE A 1 69  ? -8.097  -8.252  4.575   1.00 15.83  ? 197 PHE A CE1 1 
ATOM   501  C  CE2 . PHE A 1 69  ? -6.342  -9.628  3.784   1.00 15.36  ? 197 PHE A CE2 1 
ATOM   502  C  CZ  . PHE A 1 69  ? -7.250  -8.612  3.574   1.00 16.12  ? 197 PHE A CZ  1 
ATOM   503  N  N   . ARG A 1 70  ? -7.556  -10.504 10.529  1.00 18.49  ? 198 ARG A N   1 
ATOM   504  C  CA  . ARG A 1 70  ? -7.889  -11.330 11.686  1.00 18.00  ? 198 ARG A CA  1 
ATOM   505  C  C   . ARG A 1 70  ? -9.299  -10.979 12.147  1.00 18.73  ? 198 ARG A C   1 
ATOM   506  O  O   . ARG A 1 70  ? -9.788  -9.838  11.958  1.00 18.48  ? 198 ARG A O   1 
ATOM   507  C  CB  . ARG A 1 70  ? -6.884  -11.104 12.828  1.00 17.86  ? 198 ARG A CB  1 
ATOM   508  C  CG  . ARG A 1 70  ? -6.744  -9.654  13.246  1.00 20.89  ? 198 ARG A CG  1 
ATOM   509  C  CD  . ARG A 1 70  ? -7.673  -9.272  14.345  1.00 23.83  ? 198 ARG A CD  1 
ATOM   510  N  NE  . ARG A 1 70  ? -7.751  -7.819  14.581  1.00 26.33  ? 198 ARG A NE  1 
ATOM   511  C  CZ  . ARG A 1 70  ? -8.586  -6.955  13.985  1.00 25.71  ? 198 ARG A CZ  1 
ATOM   512  N  NH1 . ARG A 1 70  ? -8.523  -5.670  14.332  1.00 25.78  ? 198 ARG A NH1 1 
ATOM   513  N  NH2 . ARG A 1 70  ? -9.489  -7.362  13.077  1.00 25.90  ? 198 ARG A NH2 1 
ATOM   514  N  N   . GLY A 1 71  ? -9.915  -11.939 12.830  1.00 19.90  ? 199 GLY A N   1 
ATOM   515  C  CA  . GLY A 1 71  ? -11.228 -11.702 13.420  1.00 21.26  ? 199 GLY A CA  1 
ATOM   516  C  C   . GLY A 1 71  ? -11.541 -12.644 14.599  1.00 22.64  ? 199 GLY A C   1 
ATOM   517  O  O   . GLY A 1 71  ? -10.875 -13.670 14.779  1.00 21.28  ? 199 GLY A O   1 
ATOM   518  N  N   . GLN A 1 72  ? -12.537 -12.261 15.382  1.00 20.93  ? 200 GLN A N   1 
ATOM   519  C  CA  . GLN A 1 72  ? -12.931 -12.998 16.605  1.00 24.31  ? 200 GLN A CA  1 
ATOM   520  C  C   . GLN A 1 72  ? -13.835 -14.180 16.327  1.00 23.34  ? 200 GLN A C   1 
ATOM   521  O  O   . GLN A 1 72  ? -13.879 -15.071 17.140  1.00 25.65  ? 200 GLN A O   1 
ATOM   522  C  CB  . GLN A 1 72  ? -13.571 -12.067 17.663  1.00 25.47  ? 200 GLN A CB  1 
ATOM   523  C  CG  . GLN A 1 72  ? -14.799 -11.368 17.179  1.00 29.79  ? 200 GLN A CG  1 
ATOM   524  C  CD  . GLN A 1 72  ? -15.223 -10.171 17.990  1.00 32.88  ? 200 GLN A CD  1 
ATOM   525  O  OE1 . GLN A 1 72  ? -14.457 -9.541  18.699  1.00 33.58  ? 200 GLN A OE1 1 
ATOM   526  N  NE2 . GLN A 1 72  ? -16.488 -9.822  17.827  1.00 36.20  ? 200 GLN A NE2 1 
ATOM   527  N  N   . SER A 1 73  ? -14.552 -14.195 15.205  1.00 21.91  ? 201 SER A N   1 
ATOM   528  C  CA  . SER A 1 73  ? -15.390 -15.307 14.875  1.00 24.85  ? 201 SER A CA  1 
ATOM   529  C  C   . SER A 1 73  ? -15.541 -15.527 13.396  1.00 24.12  ? 201 SER A C   1 
ATOM   530  O  O   . SER A 1 73  ? -16.313 -14.852 12.736  1.00 26.55  ? 201 SER A O   1 
ATOM   531  C  CB  . SER A 1 73  ? -16.773 -15.135 15.544  1.00 30.14  ? 201 SER A CB  1 
ATOM   532  O  OG  . SER A 1 73  ? -17.644 -16.281 15.371  1.00 30.31  ? 201 SER A OG  1 
ATOM   533  N  N   . CYS A 1 74  ? -14.828 -16.520 12.881  1.00 22.66  ? 202 CYS A N   1 
ATOM   534  C  CA  . CYS A 1 74  ? -14.787 -16.769 11.465  1.00 22.03  ? 202 CYS A CA  1 
ATOM   535  C  C   . CYS A 1 74  ? -16.129 -16.915 10.852  1.00 23.93  ? 202 CYS A C   1 
ATOM   536  O  O   . CYS A 1 74  ? -16.954 -17.693 11.327  1.00 25.28  ? 202 CYS A O   1 
ATOM   537  C  CB  . CYS A 1 74  ? -13.998 -18.046 11.235  1.00 22.53  ? 202 CYS A CB  1 
ATOM   538  S  SG  . CYS A 1 74  ? -14.096 -18.689 9.560   1.00 25.69  ? 202 CYS A SG  1 
ATOM   539  N  N   . ASN A 1 75  ? -16.381 -16.164 9.793   1.00 27.73  ? 203 ASN A N   1 
ATOM   540  C  CA  . ASN A 1 75  ? -17.514 -16.433 8.885   1.00 26.26  ? 203 ASN A CA  1 
ATOM   541  C  C   . ASN A 1 75  ? -17.177 -16.460 7.416   1.00 25.13  ? 203 ASN A C   1 
ATOM   542  O  O   . ASN A 1 75  ? -18.070 -16.356 6.535   1.00 22.23  ? 203 ASN A O   1 
ATOM   543  C  CB  . ASN A 1 75  ? -18.595 -15.402 9.109   1.00 31.77  ? 203 ASN A CB  1 
ATOM   544  C  CG  . ASN A 1 75  ? -18.174 -13.987 8.755   1.00 37.75  ? 203 ASN A CG  1 
ATOM   545  O  OD1 . ASN A 1 75  ? -16.984 -13.645 8.520   1.00 43.23  ? 203 ASN A OD1 1 
ATOM   546  N  ND2 . ASN A 1 75  ? -19.172 -13.119 8.756   1.00 41.17  ? 203 ASN A ND2 1 
ATOM   547  N  N   . ASN A 1 76  ? -15.883 -16.513 7.125   1.00 22.55  ? 204 ASN A N   1 
ATOM   548  C  CA  . ASN A 1 76  ? -15.434 -16.670 5.768   1.00 24.18  ? 204 ASN A CA  1 
ATOM   549  C  C   . ASN A 1 76  ? -15.929 -15.580 4.861   1.00 22.73  ? 204 ASN A C   1 
ATOM   550  O  O   . ASN A 1 76  ? -16.175 -15.782 3.689   1.00 23.76  ? 204 ASN A O   1 
ATOM   551  C  CB  . ASN A 1 76  ? -15.783 -18.093 5.260   1.00 25.36  ? 204 ASN A CB  1 
ATOM   552  C  CG  . ASN A 1 76  ? -14.795 -19.170 5.761   1.00 25.01  ? 204 ASN A CG  1 
ATOM   553  O  OD1 . ASN A 1 76  ? -13.580 -19.211 5.391   1.00 25.30  ? 204 ASN A OD1 1 
ATOM   554  N  ND2 . ASN A 1 76  ? -15.316 -20.064 6.590   1.00 25.15  ? 204 ASN A ND2 1 
ATOM   555  N  N   . LEU A 1 77  ? -16.068 -14.398 5.419   1.00 23.41  ? 205 LEU A N   1 
ATOM   556  C  CA  . LEU A 1 77  ? -16.295 -13.206 4.627   1.00 26.29  ? 205 LEU A CA  1 
ATOM   557  C  C   . LEU A 1 77  ? -15.087 -13.071 3.628   1.00 23.85  ? 205 LEU A C   1 
ATOM   558  O  O   . LEU A 1 77  ? -13.962 -13.178 4.061   1.00 21.32  ? 205 LEU A O   1 
ATOM   559  C  CB  . LEU A 1 77  ? -16.336 -12.011 5.561   1.00 29.68  ? 205 LEU A CB  1 
ATOM   560  C  CG  . LEU A 1 77  ? -17.305 -10.889 5.281   1.00 36.82  ? 205 LEU A CG  1 
ATOM   561  C  CD1 . LEU A 1 77  ? -18.718 -11.420 5.050   1.00 40.87  ? 205 LEU A CD1 1 
ATOM   562  C  CD2 . LEU A 1 77  ? -17.316 -9.939  6.463   1.00 37.35  ? 205 LEU A CD2 1 
ATOM   563  N  N   . PRO A 1 78  ? -15.334 -12.898 2.323   1.00 23.59  ? 206 PRO A N   1 
ATOM   564  C  CA  . PRO A 1 78  ? -14.204 -12.955 1.388   1.00 23.47  ? 206 PRO A CA  1 
ATOM   565  C  C   . PRO A 1 78  ? -13.295 -11.782 1.600   1.00 24.02  ? 206 PRO A C   1 
ATOM   566  O  O   . PRO A 1 78  ? -13.782 -10.715 1.832   1.00 23.09  ? 206 PRO A O   1 
ATOM   567  C  CB  . PRO A 1 78  ? -14.870 -12.828 0.028   1.00 22.83  ? 206 PRO A CB  1 
ATOM   568  C  CG  . PRO A 1 78  ? -16.169 -13.534 0.241   1.00 22.68  ? 206 PRO A CG  1 
ATOM   569  C  CD  . PRO A 1 78  ? -16.615 -13.022 1.595   1.00 22.65  ? 206 PRO A CD  1 
ATOM   570  N  N   . LEU A 1 79  ? -11.989 -12.019 1.570   1.00 22.34  ? 207 LEU A N   1 
ATOM   571  C  CA  . LEU A 1 79  ? -10.985 -11.021 1.922   1.00 22.12  ? 207 LEU A CA  1 
ATOM   572  C  C   . LEU A 1 79  ? -10.169 -10.683 0.700   1.00 22.87  ? 207 LEU A C   1 
ATOM   573  O  O   . LEU A 1 79  ? -9.338  -11.483 0.300   1.00 23.41  ? 207 LEU A O   1 
ATOM   574  C  CB  . LEU A 1 79  ? -10.039 -11.632 2.959   1.00 21.47  ? 207 LEU A CB  1 
ATOM   575  C  CG  . LEU A 1 79  ? -10.714 -12.071 4.250   1.00 20.63  ? 207 LEU A CG  1 
ATOM   576  C  CD1 . LEU A 1 79  ? -9.660  -12.716 5.120   1.00 21.02  ? 207 LEU A CD1 1 
ATOM   577  C  CD2 . LEU A 1 79  ? -11.308 -10.893 4.993   1.00 20.94  ? 207 LEU A CD2 1 
ATOM   578  N  N   . SER A 1 80  ? -10.380 -9.512  0.117   1.00 20.60  ? 208 SER A N   1 
ATOM   579  C  CA  . SER A 1 80  ? -9.553  -9.074  -0.980  1.00 22.05  ? 208 SER A CA  1 
ATOM   580  C  C   . SER A 1 80  ? -8.586  -7.996  -0.569  1.00 18.83  ? 208 SER A C   1 
ATOM   581  O  O   . SER A 1 80  ? -8.800  -7.248  0.384   1.00 17.79  ? 208 SER A O   1 
ATOM   582  C  CB  . SER A 1 80  ? -10.374 -8.634  -2.168  1.00 25.10  ? 208 SER A CB  1 
ATOM   583  O  OG  . SER A 1 80  ? -10.958 -7.428  -1.897  1.00 34.60  ? 208 SER A OG  1 
ATOM   584  N  N   . HIS A 1 81  ? -7.493  -7.947  -1.299  1.00 16.00  ? 209 HIS A N   1 
ATOM   585  C  CA  . HIS A 1 81  ? -6.430  -7.012  -0.972  1.00 15.62  ? 209 HIS A CA  1 
ATOM   586  C  C   . HIS A 1 81  ? -5.889  -6.602  -2.331  1.00 14.85  ? 209 HIS A C   1 
ATOM   587  O  O   . HIS A 1 81  ? -5.489  -7.481  -3.152  1.00 13.82  ? 209 HIS A O   1 
ATOM   588  C  CB  . HIS A 1 81  ? -5.391  -7.753  -0.111  1.00 15.06  ? 209 HIS A CB  1 
ATOM   589  C  CG  . HIS A 1 81  ? -4.068  -7.046  0.066   1.00 15.48  ? 209 HIS A CG  1 
ATOM   590  N  ND1 . HIS A 1 81  ? -2.912  -7.722  0.293   1.00 16.03  ? 209 HIS A ND1 1 
ATOM   591  C  CD2 . HIS A 1 81  ? -3.733  -5.740  0.086   1.00 16.13  ? 209 HIS A CD2 1 
ATOM   592  C  CE1 . HIS A 1 81  ? -1.914  -6.882  0.456   1.00 15.89  ? 209 HIS A CE1 1 
ATOM   593  N  NE2 . HIS A 1 81  ? -2.389  -5.665  0.328   1.00 16.12  ? 209 HIS A NE2 1 
ATOM   594  N  N   . LYS A 1 82  ? -5.932  -5.312  -2.613  1.00 14.66  ? 210 LYS A N   1 
ATOM   595  C  CA  . LYS A 1 82  ? -5.368  -4.839  -3.860  1.00 16.20  ? 210 LYS A CA  1 
ATOM   596  C  C   . LYS A 1 82  ? -4.545  -3.596  -3.807  1.00 15.69  ? 210 LYS A C   1 
ATOM   597  O  O   . LYS A 1 82  ? -4.748  -2.745  -2.959  1.00 17.11  ? 210 LYS A O   1 
ATOM   598  C  CB  . LYS A 1 82  ? -6.390  -4.787  -4.957  1.00 20.28  ? 210 LYS A CB  1 
ATOM   599  C  CG  . LYS A 1 82  ? -7.631  -4.072  -4.691  1.00 24.72  ? 210 LYS A CG  1 
ATOM   600  C  CD  . LYS A 1 82  ? -8.705  -4.581  -5.649  1.00 32.31  ? 210 LYS A CD  1 
ATOM   601  C  CE  . LYS A 1 82  ? -10.051 -4.777  -4.939  1.00 41.16  ? 210 LYS A CE  1 
ATOM   602  N  NZ  . LYS A 1 82  ? -10.988 -5.701  -5.643  1.00 46.82  ? 210 LYS A NZ  1 
ATOM   603  N  N   . VAL A 1 83  ? -3.573  -3.529  -4.692  1.00 14.59  ? 211 VAL A N   1 
ATOM   604  C  CA  . VAL A 1 83  ? -2.868  -2.315  -4.987  1.00 14.72  ? 211 VAL A CA  1 
ATOM   605  C  C   . VAL A 1 83  ? -3.348  -1.867  -6.333  1.00 14.24  ? 211 VAL A C   1 
ATOM   606  O  O   . VAL A 1 83  ? -3.312  -2.605  -7.308  1.00 13.78  ? 211 VAL A O   1 
ATOM   607  C  CB  . VAL A 1 83  ? -1.373  -2.514  -4.968  1.00 14.82  ? 211 VAL A CB  1 
ATOM   608  C  CG1 . VAL A 1 83  ? -0.653  -1.219  -5.321  1.00 16.63  ? 211 VAL A CG1 1 
ATOM   609  C  CG2 . VAL A 1 83  ? -0.904  -3.086  -3.595  1.00 15.52  ? 211 VAL A CG2 1 
ATOM   610  N  N   . TYR A 1 84  ? -3.802  -0.643  -6.379  1.00 15.09  ? 212 TYR A N   1 
ATOM   611  C  CA  . TYR A 1 84  ? -4.265  -0.028  -7.634  1.00 15.57  ? 212 TYR A CA  1 
ATOM   612  C  C   . TYR A 1 84  ? -3.697  1.389   -7.880  1.00 15.41  ? 212 TYR A C   1 
ATOM   613  O  O   . TYR A 1 84  ? -3.231  2.095   -6.980  1.00 14.05  ? 212 TYR A O   1 
ATOM   614  C  CB  . TYR A 1 84  ? -5.794  -0.041  -7.778  1.00 14.38  ? 212 TYR A CB  1 
ATOM   615  C  CG  . TYR A 1 84  ? -6.516  0.842   -6.783  1.00 16.27  ? 212 TYR A CG  1 
ATOM   616  C  CD1 . TYR A 1 84  ? -6.752  0.410   -5.469  1.00 16.31  ? 212 TYR A CD1 1 
ATOM   617  C  CD2 . TYR A 1 84  ? -6.934  2.143   -7.150  1.00 16.04  ? 212 TYR A CD2 1 
ATOM   618  C  CE1 . TYR A 1 84  ? -7.398  1.260   -4.548  1.00 18.51  ? 212 TYR A CE1 1 
ATOM   619  C  CE2 . TYR A 1 84  ? -7.575  2.971   -6.256  1.00 17.77  ? 212 TYR A CE2 1 
ATOM   620  C  CZ  . TYR A 1 84  ? -7.831  2.536   -4.957  1.00 16.95  ? 212 TYR A CZ  1 
ATOM   621  O  OH  . TYR A 1 84  ? -8.447  3.403   -4.068  1.00 16.43  ? 212 TYR A OH  1 
ATOM   622  N  N   . MET A 1 85  ? -3.808  1.794   -9.130  1.00 15.83  ? 213 MET A N   1 
ATOM   623  C  CA  . MET A 1 85  ? -3.284  3.053   -9.573  1.00 18.99  ? 213 MET A CA  1 
ATOM   624  C  C   . MET A 1 85  ? -4.323  3.930   -10.246 1.00 17.64  ? 213 MET A C   1 
ATOM   625  O  O   . MET A 1 85  ? -5.279  3.389   -10.848 1.00 16.98  ? 213 MET A O   1 
ATOM   626  C  CB  . MET A 1 85  ? -2.145  2.774   -10.508 1.00 22.45  ? 213 MET A CB  1 
ATOM   627  C  CG  . MET A 1 85  ? -1.366  4.027   -10.789 1.00 30.21  ? 213 MET A CG  1 
ATOM   628  S  SD  . MET A 1 85  ? -1.605  4.458   -12.513 1.00 42.32  ? 213 MET A SD  1 
ATOM   629  C  CE  . MET A 1 85  ? -0.617  3.070   -13.132 1.00 33.37  ? 213 MET A CE  1 
ATOM   630  N  N   . ARG A 1 86  ? -4.179  5.264   -10.073 1.00 16.84  ? 214 ARG A N   1 
ATOM   631  C  CA  . ARG A 1 86  ? -5.011  6.231   -10.799 1.00 16.59  ? 214 ARG A CA  1 
ATOM   632  C  C   . ARG A 1 86  ? -4.111  7.221   -11.431 1.00 16.12  ? 214 ARG A C   1 
ATOM   633  O  O   . ARG A 1 86  ? -3.243  7.687   -10.801 1.00 15.19  ? 214 ARG A O   1 
ATOM   634  C  CB  . ARG A 1 86  ? -5.960  6.979   -9.892  1.00 18.31  ? 214 ARG A CB  1 
ATOM   635  C  CG  . ARG A 1 86  ? -7.005  6.053   -9.317  1.00 22.11  ? 214 ARG A CG  1 
ATOM   636  C  CD  . ARG A 1 86  ? -7.814  6.731   -8.234  1.00 26.63  ? 214 ARG A CD  1 
ATOM   637  N  NE  . ARG A 1 86  ? -8.490  7.977   -8.641  1.00 28.51  ? 214 ARG A NE  1 
ATOM   638  C  CZ  . ARG A 1 86  ? -9.637  8.047   -9.266  1.00 31.48  ? 214 ARG A CZ  1 
ATOM   639  N  NH1 . ARG A 1 86  ? -10.169 9.213   -9.559  1.00 34.68  ? 214 ARG A NH1 1 
ATOM   640  N  NH2 . ARG A 1 86  ? -10.281 6.944   -9.593  1.00 39.28  ? 214 ARG A NH2 1 
ATOM   641  N  N   . ASN A 1 87  ? -4.366  7.538   -12.679 1.00 14.98  ? 215 ASN A N   1 
ATOM   642  C  CA  . ASN A 1 87  ? -3.732  8.618   -13.378 1.00 17.56  ? 215 ASN A CA  1 
ATOM   643  C  C   . ASN A 1 87  ? -4.674  9.066   -14.524 1.00 17.48  ? 215 ASN A C   1 
ATOM   644  O  O   . ASN A 1 87  ? -5.811  8.609   -14.652 1.00 15.53  ? 215 ASN A O   1 
ATOM   645  C  CB  . ASN A 1 87  ? -2.367  8.188   -13.885 1.00 16.95  ? 215 ASN A CB  1 
ATOM   646  C  CG  . ASN A 1 87  ? -2.461  7.201   -14.971 1.00 19.48  ? 215 ASN A CG  1 
ATOM   647  O  OD1 . ASN A 1 87  ? -3.516  6.949   -15.582 1.00 21.99  ? 215 ASN A OD1 1 
ATOM   648  N  ND2 . ASN A 1 87  ? -1.327  6.639   -15.278 1.00 22.77  ? 215 ASN A ND2 1 
ATOM   649  N  N   . SER A 1 88  ? -4.194  9.938   -15.374 1.00 21.68  ? 216 SER A N   1 
ATOM   650  C  CA  . SER A 1 88  ? -5.124  10.583  -16.280 1.00 23.28  ? 216 SER A CA  1 
ATOM   651  C  C   . SER A 1 88  ? -5.420  9.583   -17.357 1.00 25.45  ? 216 SER A C   1 
ATOM   652  O  O   . SER A 1 88  ? -6.502  9.662   -17.916 1.00 27.46  ? 216 SER A O   1 
ATOM   653  C  CB  . SER A 1 88  ? -4.534  11.876  -16.783 1.00 25.33  ? 216 SER A CB  1 
ATOM   654  O  OG  . SER A 1 88  ? -3.382  11.616  -17.510 1.00 30.81  ? 216 SER A OG  1 
ATOM   655  N  N   . LYS A 1 89  ? -4.541  8.602   -17.602 1.00 23.51  ? 217 LYS A N   1 
ATOM   656  C  CA  . LYS A 1 89  ? -4.906  7.492   -18.517 1.00 27.93  ? 217 LYS A CA  1 
ATOM   657  C  C   . LYS A 1 89  ? -5.921  6.507   -17.942 1.00 24.03  ? 217 LYS A C   1 
ATOM   658  O  O   . LYS A 1 89  ? -6.650  5.925   -18.659 1.00 24.86  ? 217 LYS A O   1 
ATOM   659  C  CB  . LYS A 1 89  ? -3.686  6.714   -18.956 1.00 32.55  ? 217 LYS A CB  1 
ATOM   660  C  CG  . LYS A 1 89  ? -3.827  5.881   -20.227 1.00 41.50  ? 217 LYS A CG  1 
ATOM   661  C  CD  . LYS A 1 89  ? -2.463  5.300   -20.622 1.00 51.02  ? 217 LYS A CD  1 
ATOM   662  C  CE  . LYS A 1 89  ? -1.487  6.414   -21.114 1.00 70.24  ? 217 LYS A CE  1 
ATOM   663  N  NZ  . LYS A 1 89  ? -0.150  6.609   -20.426 1.00 77.42  ? 217 LYS A NZ  1 
ATOM   664  N  N   . TYR A 1 90  ? -5.929  6.295   -16.632 1.00 24.85  ? 218 TYR A N   1 
ATOM   665  C  CA  . TYR A 1 90  ? -6.808  5.326   -15.963 1.00 22.99  ? 218 TYR A CA  1 
ATOM   666  C  C   . TYR A 1 90  ? -7.485  6.037   -14.840 1.00 22.28  ? 218 TYR A C   1 
ATOM   667  O  O   . TYR A 1 90  ? -7.235  5.752   -13.687 1.00 20.05  ? 218 TYR A O   1 
ATOM   668  C  CB  . TYR A 1 90  ? -5.993  4.182   -15.361 1.00 24.75  ? 218 TYR A CB  1 
ATOM   669  C  CG  . TYR A 1 90  ? -5.308  3.383   -16.380 1.00 26.96  ? 218 TYR A CG  1 
ATOM   670  C  CD1 . TYR A 1 90  ? -6.016  2.496   -17.172 1.00 30.96  ? 218 TYR A CD1 1 
ATOM   671  C  CD2 . TYR A 1 90  ? -3.948  3.526   -16.586 1.00 30.84  ? 218 TYR A CD2 1 
ATOM   672  C  CE1 . TYR A 1 90  ? -5.379  1.737   -18.120 1.00 30.89  ? 218 TYR A CE1 1 
ATOM   673  C  CE2 . TYR A 1 90  ? -3.307  2.787   -17.536 1.00 31.56  ? 218 TYR A CE2 1 
ATOM   674  C  CZ  . TYR A 1 90  ? -4.037  1.913   -18.299 1.00 32.36  ? 218 TYR A CZ  1 
ATOM   675  O  OH  . TYR A 1 90  ? -3.385  1.178   -19.239 1.00 45.13  ? 218 TYR A OH  1 
ATOM   676  N  N   . PRO A 1 91  ? -8.355  6.989   -15.162 1.00 24.24  ? 219 PRO A N   1 
ATOM   677  C  CA  . PRO A 1 91  ? -9.032  7.739   -14.093 1.00 23.76  ? 219 PRO A CA  1 
ATOM   678  C  C   . PRO A 1 91  ? -10.046 6.841   -13.355 1.00 25.60  ? 219 PRO A C   1 
ATOM   679  O  O   . PRO A 1 91  ? -10.453 7.122   -12.268 1.00 27.88  ? 219 PRO A O   1 
ATOM   680  C  CB  . PRO A 1 91  ? -9.696  8.909   -14.850 1.00 21.54  ? 219 PRO A CB  1 
ATOM   681  C  CG  . PRO A 1 91  ? -9.957  8.362   -16.206 1.00 22.72  ? 219 PRO A CG  1 
ATOM   682  C  CD  . PRO A 1 91  ? -8.806  7.425   -16.504 1.00 23.32  ? 219 PRO A CD  1 
ATOM   683  N  N   . GLN A 1 92  ? -10.379 5.755   -13.999 1.00 26.34  ? 220 GLN A N   1 
ATOM   684  C  CA  . GLN A 1 92  ? -11.173 4.623   -13.548 1.00 31.00  ? 220 GLN A CA  1 
ATOM   685  C  C   . GLN A 1 92  ? -10.511 3.615   -12.533 1.00 29.21  ? 220 GLN A C   1 
ATOM   686  O  O   . GLN A 1 92  ? -11.193 2.728   -11.989 1.00 30.47  ? 220 GLN A O   1 
ATOM   687  C  CB  . GLN A 1 92  ? -11.487 3.864   -14.860 1.00 40.41  ? 220 GLN A CB  1 
ATOM   688  C  CG  . GLN A 1 92  ? -10.267 3.821   -15.846 1.00 44.16  ? 220 GLN A CG  1 
ATOM   689  C  CD  . GLN A 1 92  ? -10.556 3.279   -17.220 1.00 62.91  ? 220 GLN A CD  1 
ATOM   690  O  OE1 . GLN A 1 92  ? -11.457 3.773   -17.926 1.00 79.87  ? 220 GLN A OE1 1 
ATOM   691  N  NE2 . GLN A 1 92  ? -9.753  2.293   -17.648 1.00 70.76  ? 220 GLN A NE2 1 
ATOM   692  N  N   . ASP A 1 93  ? -9.210  3.728   -12.308 1.00 25.15  ? 221 ASP A N   1 
ATOM   693  C  CA  . ASP A 1 93  ? -8.379  2.781   -11.504 1.00 23.15  ? 221 ASP A CA  1 
ATOM   694  C  C   . ASP A 1 93  ? -7.881  1.648   -12.419 1.00 21.79  ? 221 ASP A C   1 
ATOM   695  O  O   . ASP A 1 93  ? -8.599  1.160   -13.289 1.00 21.51  ? 221 ASP A O   1 
ATOM   696  C  CB  . ASP A 1 93  ? -9.041  2.131   -10.276 1.00 25.18  ? 221 ASP A CB  1 
ATOM   697  C  CG  . ASP A 1 93  ? -9.765  3.106   -9.374  1.00 26.66  ? 221 ASP A CG  1 
ATOM   698  O  OD1 . ASP A 1 93  ? -9.558  4.278   -9.507  1.00 25.70  ? 221 ASP A OD1 1 
ATOM   699  O  OD2 . ASP A 1 93  ? -10.564 2.670   -8.523  1.00 26.32  ? 221 ASP A OD2 1 
ATOM   700  N  N   . LEU A 1 94  ? -6.643  1.267   -12.209 1.00 19.27  ? 222 LEU A N   1 
ATOM   701  C  CA  . LEU A 1 94  ? -6.040  0.110   -12.801 1.00 18.47  ? 222 LEU A CA  1 
ATOM   702  C  C   . LEU A 1 94  ? -5.539  -0.738  -11.653 1.00 18.93  ? 222 LEU A C   1 
ATOM   703  O  O   . LEU A 1 94  ? -4.662  -0.301  -10.901 1.00 18.32  ? 222 LEU A O   1 
ATOM   704  C  CB  . LEU A 1 94  ? -4.860  0.548   -13.696 1.00 19.27  ? 222 LEU A CB  1 
ATOM   705  C  CG  . LEU A 1 94  ? -3.962  -0.585  -14.206 1.00 18.88  ? 222 LEU A CG  1 
ATOM   706  C  CD1 . LEU A 1 94  ? -4.706  -1.517  -15.084 1.00 19.97  ? 222 LEU A CD1 1 
ATOM   707  C  CD2 . LEU A 1 94  ? -2.787  -0.047  -14.975 1.00 19.98  ? 222 LEU A CD2 1 
ATOM   708  N  N   . VAL A 1 95  ? -6.049  -1.955  -11.534 1.00 17.76  ? 223 VAL A N   1 
ATOM   709  C  CA  . VAL A 1 95  ? -5.555  -2.879  -10.544 1.00 18.49  ? 223 VAL A CA  1 
ATOM   710  C  C   . VAL A 1 95  ? -4.191  -3.371  -10.965 1.00 16.69  ? 223 VAL A C   1 
ATOM   711  O  O   . VAL A 1 95  ? -4.075  -3.966  -11.998 1.00 16.64  ? 223 VAL A O   1 
ATOM   712  C  CB  . VAL A 1 95  ? -6.527  -4.082  -10.312 1.00 19.60  ? 223 VAL A CB  1 
ATOM   713  C  CG1 . VAL A 1 95  ? -6.071  -4.947  -9.140  1.00 18.19  ? 223 VAL A CG1 1 
ATOM   714  C  CG2 . VAL A 1 95  ? -7.927  -3.552  -10.024 1.00 19.15  ? 223 VAL A CG2 1 
ATOM   715  N  N   . MET A 1 96  ? -3.191  -3.168  -10.113 1.00 16.73  ? 224 MET A N   1 
ATOM   716  C  CA  . MET A 1 96  ? -1.841  -3.662  -10.348 1.00 16.90  ? 224 MET A CA  1 
ATOM   717  C  C   . MET A 1 96  ? -1.532  -5.051  -9.813  1.00 15.90  ? 224 MET A C   1 
ATOM   718  O  O   . MET A 1 96  ? -0.893  -5.874  -10.465 1.00 13.29  ? 224 MET A O   1 
ATOM   719  C  CB  . MET A 1 96  ? -0.894  -2.685  -9.725  1.00 17.95  ? 224 MET A CB  1 
ATOM   720  C  CG  . MET A 1 96  ? -0.958  -1.325  -10.410 1.00 22.07  ? 224 MET A CG  1 
ATOM   721  S  SD  . MET A 1 96  ? -0.334  -0.042  -9.314  1.00 28.30  ? 224 MET A SD  1 
ATOM   722  C  CE  . MET A 1 96  ? 1.277   -0.709  -8.883  1.00 30.98  ? 224 MET A CE  1 
ATOM   723  N  N   . MET A 1 97  ? -1.912  -5.266  -8.566  1.00 14.96  ? 225 MET A N   1 
ATOM   724  C  CA  . MET A 1 97  ? -1.771  -6.561  -7.903  1.00 14.99  ? 225 MET A CA  1 
ATOM   725  C  C   . MET A 1 97  ? -2.990  -6.803  -7.071  1.00 14.20  ? 225 MET A C   1 
ATOM   726  O  O   . MET A 1 97  ? -3.447  -5.902  -6.439  1.00 13.87  ? 225 MET A O   1 
ATOM   727  C  CB  . MET A 1 97  ? -0.500  -6.575  -7.021  1.00 14.31  ? 225 MET A CB  1 
ATOM   728  C  CG  . MET A 1 97  ? 0.755   -6.126  -7.730  1.00 14.42  ? 225 MET A CG  1 
ATOM   729  S  SD  . MET A 1 97  ? 2.200   -6.156  -6.654  1.00 14.81  ? 225 MET A SD  1 
ATOM   730  C  CE  . MET A 1 97  ? 2.054   -4.673  -5.706  1.00 14.81  ? 225 MET A CE  1 
ATOM   731  N  N   . GLU A 1 98  ? -3.495  -8.010  -7.035  1.00 14.81  ? 226 GLU A N   1 
ATOM   732  C  CA  . GLU A 1 98  ? -4.612  -8.374  -6.187  1.00 17.72  ? 226 GLU A CA  1 
ATOM   733  C  C   . GLU A 1 98  ? -4.565  -9.802  -5.730  1.00 16.81  ? 226 GLU A C   1 
ATOM   734  O  O   . GLU A 1 98  ? -4.118  -10.691 -6.494  1.00 14.87  ? 226 GLU A O   1 
ATOM   735  C  CB  . GLU A 1 98  ? -5.859  -8.147  -7.027  1.00 23.10  ? 226 GLU A CB  1 
ATOM   736  C  CG  . GLU A 1 98  ? -7.130  -8.924  -6.839  1.00 29.92  ? 226 GLU A CG  1 
ATOM   737  C  CD  . GLU A 1 98  ? -8.059  -8.458  -7.995  1.00 37.04  ? 226 GLU A CD  1 
ATOM   738  O  OE1 . GLU A 1 98  ? -7.962  -8.918  -9.193  1.00 39.97  ? 226 GLU A OE1 1 
ATOM   739  O  OE2 . GLU A 1 98  ? -8.779  -7.488  -7.725  1.00 38.36  ? 226 GLU A OE2 1 
ATOM   740  N  N   . GLY A 1 99  ? -5.047  -10.036 -4.494  1.00 16.61  ? 227 GLY A N   1 
ATOM   741  C  CA  . GLY A 1 99  ? -5.244  -11.414 -3.979  1.00 16.91  ? 227 GLY A CA  1 
ATOM   742  C  C   . GLY A 1 99  ? -6.552  -11.521 -3.227  1.00 18.21  ? 227 GLY A C   1 
ATOM   743  O  O   . GLY A 1 99  ? -7.044  -10.530 -2.752  1.00 17.93  ? 227 GLY A O   1 
ATOM   744  N  N   . LYS A 1 100 ? -7.090  -12.728 -3.092  1.00 19.07  ? 228 LYS A N   1 
ATOM   745  C  CA  . LYS A 1 100 ? -8.390  -12.905 -2.452  1.00 20.19  ? 228 LYS A CA  1 
ATOM   746  C  C   . LYS A 1 100 ? -8.388  -14.208 -1.680  1.00 19.62  ? 228 LYS A C   1 
ATOM   747  O  O   . LYS A 1 100 ? -7.817  -15.226 -2.172  1.00 20.93  ? 228 LYS A O   1 
ATOM   748  C  CB  . LYS A 1 100 ? -9.518  -12.905 -3.501  1.00 23.63  ? 228 LYS A CB  1 
ATOM   749  C  CG  . LYS A 1 100 ? -10.945 -12.934 -2.943  1.00 27.85  ? 228 LYS A CG  1 
ATOM   750  C  CD  . LYS A 1 100 ? -12.010 -12.625 -4.010  1.00 34.99  ? 228 LYS A CD  1 
ATOM   751  C  CE  . LYS A 1 100 ? -11.674 -11.377 -4.893  1.00 46.44  ? 228 LYS A CE  1 
ATOM   752  N  NZ  . LYS A 1 100 ? -12.773 -10.639 -5.666  1.00 56.13  ? 228 LYS A NZ  1 
ATOM   753  N  N   . MET A 1 101 ? -9.012  -14.182 -0.496  1.00 16.73  ? 229 MET A N   1 
ATOM   754  C  CA  . MET A 1 101 ? -9.152  -15.343 0.306   1.00 16.79  ? 229 MET A CA  1 
ATOM   755  C  C   . MET A 1 101 ? -10.621 -15.647 0.455   1.00 16.30  ? 229 MET A C   1 
ATOM   756  O  O   . MET A 1 101 ? -11.391 -14.787 0.885   1.00 15.31  ? 229 MET A O   1 
ATOM   757  C  CB  . MET A 1 101 ? -8.554  -15.165 1.707   1.00 18.21  ? 229 MET A CB  1 
ATOM   758  C  CG  . MET A 1 101 ? -7.088  -14.789 1.765   1.00 20.88  ? 229 MET A CG  1 
ATOM   759  S  SD  . MET A 1 101 ? -6.588  -14.902 3.483   1.00 26.11  ? 229 MET A SD  1 
ATOM   760  C  CE  . MET A 1 101 ? -5.239  -13.733 3.364   1.00 22.10  ? 229 MET A CE  1 
ATOM   761  N  N   . MET A 1 102 ? -10.970 -16.846 0.070   1.00 17.20  ? 230 MET A N   1 
ATOM   762  C  CA  . MET A 1 102 ? -12.255 -17.434 0.339   1.00 18.74  ? 230 MET A CA  1 
ATOM   763  C  C   . MET A 1 102 ? -12.066 -18.845 0.829   1.00 16.65  ? 230 MET A C   1 
ATOM   764  O  O   . MET A 1 102 ? -11.166 -19.573 0.376   1.00 16.36  ? 230 MET A O   1 
ATOM   765  C  CB  . MET A 1 102 ? -13.146 -17.418 -0.912  1.00 20.14  ? 230 MET A CB  1 
ATOM   766  C  CG  . MET A 1 102 ? -13.622 -16.065 -1.352  1.00 22.32  ? 230 MET A CG  1 
ATOM   767  S  SD  . MET A 1 102 ? -14.320 -16.125 -3.016  1.00 26.44  ? 230 MET A SD  1 
ATOM   768  C  CE  . MET A 1 102 ? -15.706 -17.181 -2.740  1.00 28.61  ? 230 MET A CE  1 
ATOM   769  N  N   . SER A 1 103 ? -12.946 -19.223 1.761   1.00 17.93  ? 231 SER A N   1 
ATOM   770  C  CA  . SER A 1 103 ? -12.986 -20.534 2.397   1.00 16.72  ? 231 SER A CA  1 
ATOM   771  C  C   . SER A 1 103 ? -11.687 -20.809 3.147   1.00 17.27  ? 231 SER A C   1 
ATOM   772  O  O   . SER A 1 103 ? -10.979 -21.809 2.873   1.00 18.49  ? 231 SER A O   1 
ATOM   773  C  CB  . SER A 1 103 ? -13.232 -21.610 1.361   1.00 18.71  ? 231 SER A CB  1 
ATOM   774  O  OG  . SER A 1 103 ? -13.604 -22.769 2.080   1.00 19.57  ? 231 SER A OG  1 
ATOM   775  N  N   . TYR A 1 104 ? -11.385 -19.874 4.061   1.00 16.60  ? 232 TYR A N   1 
ATOM   776  C  CA  . TYR A 1 104 ? -10.022 -19.727 4.657   1.00 17.24  ? 232 TYR A CA  1 
ATOM   777  C  C   . TYR A 1 104 ? -9.956  -20.003 6.193   1.00 18.52  ? 232 TYR A C   1 
ATOM   778  O  O   . TYR A 1 104 ? -8.861  -20.077 6.758   1.00 16.83  ? 232 TYR A O   1 
ATOM   779  C  CB  . TYR A 1 104 ? -9.387  -18.315 4.341   1.00 14.92  ? 232 TYR A CB  1 
ATOM   780  C  CG  . TYR A 1 104 ? -10.236 -17.172 4.781   1.00 14.92  ? 232 TYR A CG  1 
ATOM   781  C  CD1 . TYR A 1 104 ? -11.198 -16.638 3.946   1.00 14.68  ? 232 TYR A CD1 1 
ATOM   782  C  CD2 . TYR A 1 104 ? -10.174 -16.705 6.085   1.00 15.46  ? 232 TYR A CD2 1 
ATOM   783  C  CE1 . TYR A 1 104 ? -12.036 -15.637 4.376   1.00 14.56  ? 232 TYR A CE1 1 
ATOM   784  C  CE2 . TYR A 1 104 ? -10.993 -15.678 6.515   1.00 14.65  ? 232 TYR A CE2 1 
ATOM   785  C  CZ  . TYR A 1 104 ? -11.922 -15.167 5.659   1.00 14.25  ? 232 TYR A CZ  1 
ATOM   786  O  OH  . TYR A 1 104 ? -12.732 -14.167 6.075   1.00 15.70  ? 232 TYR A OH  1 
ATOM   787  N  N   . CYS A 1 105 ? -11.115 -20.124 6.852   1.00 19.28  ? 233 CYS A N   1 
ATOM   788  C  CA  . CYS A 1 105 ? -11.106 -20.364 8.300   1.00 20.86  ? 233 CYS A CA  1 
ATOM   789  C  C   . CYS A 1 105 ? -12.270 -21.320 8.682   1.00 21.88  ? 233 CYS A C   1 
ATOM   790  O  O   . CYS A 1 105 ? -13.207 -21.527 7.897   1.00 20.83  ? 233 CYS A O   1 
ATOM   791  C  CB  . CYS A 1 105 ? -11.145 -19.047 9.055   1.00 20.10  ? 233 CYS A CB  1 
ATOM   792  S  SG  . CYS A 1 105 ? -12.455 -17.880 8.612   1.00 22.93  ? 233 CYS A SG  1 
ATOM   793  N  N   . THR A 1 106 ? -12.199 -21.920 9.867   1.00 22.73  ? 234 THR A N   1 
ATOM   794  C  CA  . THR A 1 106 ? -13.346 -22.694 10.401  1.00 22.33  ? 234 THR A CA  1 
ATOM   795  C  C   . THR A 1 106 ? -14.331 -21.791 11.104  1.00 24.10  ? 234 THR A C   1 
ATOM   796  O  O   . THR A 1 106 ? -13.977 -21.079 12.052  1.00 20.47  ? 234 THR A O   1 
ATOM   797  C  CB  . THR A 1 106 ? -12.867 -23.724 11.373  1.00 24.20  ? 234 THR A CB  1 
ATOM   798  O  OG1 . THR A 1 106 ? -12.041 -24.618 10.663  1.00 25.95  ? 234 THR A OG1 1 
ATOM   799  C  CG2 . THR A 1 106 ? -13.998 -24.537 11.934  1.00 25.20  ? 234 THR A CG2 1 
ATOM   800  N  N   . THR A 1 107 ? -15.599 -21.896 10.701  1.00 25.27  ? 235 THR A N   1 
ATOM   801  C  CA  . THR A 1 107 ? -16.709 -21.058 11.216  1.00 26.17  ? 235 THR A CA  1 
ATOM   802  C  C   . THR A 1 107 ? -16.712 -20.954 12.737  1.00 25.73  ? 235 THR A C   1 
ATOM   803  O  O   . THR A 1 107 ? -16.532 -21.968 13.395  1.00 25.11  ? 235 THR A O   1 
ATOM   804  C  CB  . THR A 1 107 ? -18.049 -21.659 10.798  1.00 27.70  ? 235 THR A CB  1 
ATOM   805  O  OG1 . THR A 1 107 ? -17.991 -22.003 9.423   1.00 27.46  ? 235 THR A OG1 1 
ATOM   806  C  CG2 . THR A 1 107 ? -19.137 -20.672 10.964  1.00 30.37  ? 235 THR A CG2 1 
ATOM   807  N  N   . GLY A 1 108 ? -16.906 -19.746 13.256  1.00 23.70  ? 236 GLY A N   1 
ATOM   808  C  CA  . GLY A 1 108 ? -16.877 -19.493 14.699  1.00 27.37  ? 236 GLY A CA  1 
ATOM   809  C  C   . GLY A 1 108 ? -15.561 -19.285 15.433  1.00 25.80  ? 236 GLY A C   1 
ATOM   810  O  O   . GLY A 1 108 ? -15.523 -18.701 16.508  1.00 27.43  ? 236 GLY A O   1 
ATOM   811  N  N   . GLN A 1 109 ? -14.474 -19.730 14.832  1.00 29.52  ? 237 GLN A N   1 
ATOM   812  C  CA  . GLN A 1 109 ? -13.158 -19.652 15.450  1.00 29.87  ? 237 GLN A CA  1 
ATOM   813  C  C   . GLN A 1 109 ? -12.494 -18.243 15.250  1.00 27.14  ? 237 GLN A C   1 
ATOM   814  O  O   . GLN A 1 109 ? -12.717 -17.557 14.253  1.00 24.79  ? 237 GLN A O   1 
ATOM   815  C  CB  . GLN A 1 109 ? -12.262 -20.752 14.873  1.00 32.78  ? 237 GLN A CB  1 
ATOM   816  C  CG  . GLN A 1 109 ? -12.801 -22.183 14.954  1.00 39.42  ? 237 GLN A CG  1 
ATOM   817  C  CD  . GLN A 1 109 ? -12.966 -22.658 16.387  1.00 45.57  ? 237 GLN A CD  1 
ATOM   818  O  OE1 . GLN A 1 109 ? -14.079 -23.001 16.843  1.00 47.94  ? 237 GLN A OE1 1 
ATOM   819  N  NE2 . GLN A 1 109 ? -11.859 -22.667 17.125  1.00 50.60  ? 237 GLN A NE2 1 
ATOM   820  N  N   . MET A 1 110 ? -11.735 -17.827 16.254  1.00 24.16  ? 238 MET A N   1 
ATOM   821  C  CA  . MET A 1 110 ? -10.809 -16.738 16.144  1.00 24.93  ? 238 MET A CA  1 
ATOM   822  C  C   . MET A 1 110 ? -9.795  -17.098 15.070  1.00 22.71  ? 238 MET A C   1 
ATOM   823  O  O   . MET A 1 110 ? -9.387  -18.287 14.952  1.00 24.57  ? 238 MET A O   1 
ATOM   824  C  CB  . MET A 1 110 ? -10.164 -16.469 17.509  1.00 29.98  ? 238 MET A CB  1 
ATOM   825  C  CG  . MET A 1 110 ? -11.103 -15.776 18.485  1.00 35.29  ? 238 MET A CG  1 
ATOM   826  S  SD  . MET A 1 110 ? -10.334 -14.985 19.923  1.00 49.20  ? 238 MET A SD  1 
ATOM   827  C  CE  . MET A 1 110 ? -9.620  -16.465 20.556  1.00 43.25  ? 238 MET A CE  1 
ATOM   828  N  N   . TRP A 1 111 ? -9.432  -16.138 14.218  1.00 18.64  ? 239 TRP A N   1 
ATOM   829  C  CA  . TRP A 1 111 ? -8.632  -16.490 13.052  1.00 17.00  ? 239 TRP A CA  1 
ATOM   830  C  C   . TRP A 1 111 ? -7.730  -15.329 12.679  1.00 15.62  ? 239 TRP A C   1 
ATOM   831  O  O   . TRP A 1 111 ? -7.962  -14.201 13.101  1.00 14.89  ? 239 TRP A O   1 
ATOM   832  C  CB  . TRP A 1 111 ? -9.532  -16.876 11.858  1.00 17.38  ? 239 TRP A CB  1 
ATOM   833  C  CG  . TRP A 1 111 ? -10.355 -15.744 11.460  1.00 17.68  ? 239 TRP A CG  1 
ATOM   834  C  CD1 . TRP A 1 111 ? -11.556 -15.351 12.019  1.00 18.96  ? 239 TRP A CD1 1 
ATOM   835  C  CD2 . TRP A 1 111 ? -10.041 -14.796 10.460  1.00 18.74  ? 239 TRP A CD2 1 
ATOM   836  N  NE1 . TRP A 1 111 ? -11.976 -14.186 11.447  1.00 19.75  ? 239 TRP A NE1 1 
ATOM   837  C  CE2 . TRP A 1 111 ? -11.086 -13.832 10.459  1.00 20.53  ? 239 TRP A CE2 1 
ATOM   838  C  CE3 . TRP A 1 111 ? -8.977  -14.656 9.547   1.00 18.62  ? 239 TRP A CE3 1 
ATOM   839  C  CZ2 . TRP A 1 111 ? -11.087 -12.730 9.596   1.00 20.44  ? 239 TRP A CZ2 1 
ATOM   840  C  CZ3 . TRP A 1 111 ? -8.955  -13.534 8.719   1.00 17.94  ? 239 TRP A CZ3 1 
ATOM   841  C  CH2 . TRP A 1 111 ? -9.995  -12.589 8.757   1.00 19.38  ? 239 TRP A CH2 1 
ATOM   842  N  N   . ALA A 1 112 ? -6.755  -15.646 11.849  1.00 14.79  ? 240 ALA A N   1 
ATOM   843  C  CA  . ALA A 1 112 ? -5.778  -14.670 11.333  1.00 15.28  ? 240 ALA A CA  1 
ATOM   844  C  C   . ALA A 1 112 ? -5.059  -15.261 10.121  1.00 14.66  ? 240 ALA A C   1 
ATOM   845  O  O   . ALA A 1 112 ? -4.824  -16.492 10.057  1.00 14.51  ? 240 ALA A O   1 
ATOM   846  C  CB  . ALA A 1 112 ? -4.769  -14.342 12.397  1.00 16.13  ? 240 ALA A CB  1 
ATOM   847  N  N   . ARG A 1 113 ? -4.777  -14.376 9.144   1.00 15.11  ? 241 ARG A N   1 
ATOM   848  C  CA  . ARG A 1 113 ? -4.095  -14.750 7.884   1.00 14.10  ? 241 ARG A CA  1 
ATOM   849  C  C   . ARG A 1 113 ? -3.633  -13.494 7.232   1.00 13.19  ? 241 ARG A C   1 
ATOM   850  O  O   . ARG A 1 113 ? -4.307  -12.461 7.278   1.00 13.99  ? 241 ARG A O   1 
ATOM   851  C  CB  . ARG A 1 113 ? -4.999  -15.510 6.902   1.00 13.74  ? 241 ARG A CB  1 
ATOM   852  C  CG  . ARG A 1 113 ? -4.287  -16.562 6.054   1.00 15.03  ? 241 ARG A CG  1 
ATOM   853  C  CD  . ARG A 1 113 ? -3.716  -17.745 6.865   1.00 14.88  ? 241 ARG A CD  1 
ATOM   854  N  NE  . ARG A 1 113 ? -4.727  -18.113 7.850   1.00 15.03  ? 241 ARG A NE  1 
ATOM   855  C  CZ  . ARG A 1 113 ? -5.833  -18.829 7.611   1.00 16.92  ? 241 ARG A CZ  1 
ATOM   856  N  NH1 . ARG A 1 113 ? -6.044  -19.393 6.418   1.00 17.99  ? 241 ARG A NH1 1 
ATOM   857  N  NH2 . ARG A 1 113 ? -6.764  -18.985 8.546   1.00 17.49  ? 241 ARG A NH2 1 
ATOM   858  N  N   . SER A 1 114 ? -2.514  -13.591 6.568   1.00 13.71  ? 242 SER A N   1 
ATOM   859  C  CA  . SER A 1 114 ? -1.923  -12.405 5.907   1.00 13.79  ? 242 SER A CA  1 
ATOM   860  C  C   . SER A 1 114 ? -1.935  -12.604 4.412   1.00 13.59  ? 242 SER A C   1 
ATOM   861  O  O   . SER A 1 114 ? -1.946  -13.706 3.952   1.00 13.62  ? 242 SER A O   1 
ATOM   862  C  CB  . SER A 1 114 ? -0.541  -12.101 6.428   1.00 14.08  ? 242 SER A CB  1 
ATOM   863  O  OG  . SER A 1 114 ? -0.575  -11.498 7.741   1.00 15.44  ? 242 SER A OG  1 
ATOM   864  N  N   . SER A 1 115 ? -1.884  -11.485 3.680   1.00 14.50  ? 243 SER A N   1 
ATOM   865  C  CA  . SER A 1 115 ? -1.754  -11.482 2.246   1.00 13.24  ? 243 SER A CA  1 
ATOM   866  C  C   . SER A 1 115 ? -0.536  -10.533 1.885   1.00 13.36  ? 243 SER A C   1 
ATOM   867  O  O   . SER A 1 115 ? -0.423  -9.407  2.425   1.00 12.99  ? 243 SER A O   1 
ATOM   868  C  CB  . SER A 1 115 ? -3.048  -10.943 1.602   1.00 13.97  ? 243 SER A CB  1 
ATOM   869  O  OG  . SER A 1 115 ? -2.827  -10.458 0.216   1.00 14.99  ? 243 SER A OG  1 
ATOM   870  N  N   . TYR A 1 116 ? 0.272   -10.972 0.932   1.00 11.01  ? 244 TYR A N   1 
ATOM   871  C  CA  . TYR A 1 116 ? 1.460   -10.250 0.483   1.00 11.43  ? 244 TYR A CA  1 
ATOM   872  C  C   . TYR A 1 116 ? 1.432   -10.039 -1.053  1.00 11.93  ? 244 TYR A C   1 
ATOM   873  O  O   . TYR A 1 116 ? 1.164   -10.957 -1.840  1.00 12.18  ? 244 TYR A O   1 
ATOM   874  C  CB  . TYR A 1 116 ? 2.749   -10.994 0.881   1.00 11.19  ? 244 TYR A CB  1 
ATOM   875  C  CG  . TYR A 1 116 ? 3.926   -10.096 0.706   1.00 10.76  ? 244 TYR A CG  1 
ATOM   876  C  CD1 . TYR A 1 116 ? 4.261   -9.216  1.676   1.00 11.09  ? 244 TYR A CD1 1 
ATOM   877  C  CD2 . TYR A 1 116 ? 4.586   -10.056 -0.466  1.00 11.18  ? 244 TYR A CD2 1 
ATOM   878  C  CE1 . TYR A 1 116 ? 5.273   -8.318  1.503   1.00 11.85  ? 244 TYR A CE1 1 
ATOM   879  C  CE2 . TYR A 1 116 ? 5.617   -9.160  -0.665  1.00 11.72  ? 244 TYR A CE2 1 
ATOM   880  C  CZ  . TYR A 1 116 ? 5.964   -8.300  0.333   1.00 11.24  ? 244 TYR A CZ  1 
ATOM   881  O  OH  . TYR A 1 116 ? 6.992   -7.397  0.140   1.00 11.97  ? 244 TYR A OH  1 
ATOM   882  N  N   . LEU A 1 117 ? 1.742   -8.831  -1.467  1.00 11.25  ? 245 LEU A N   1 
ATOM   883  C  CA  . LEU A 1 117 ? 1.759   -8.516  -2.836  1.00 12.08  ? 245 LEU A CA  1 
ATOM   884  C  C   . LEU A 1 117 ? 3.069   -7.740  -3.072  1.00 11.79  ? 245 LEU A C   1 
ATOM   885  O  O   . LEU A 1 117 ? 3.435   -6.849  -2.303  1.00 11.64  ? 245 LEU A O   1 
ATOM   886  C  CB  . LEU A 1 117 ? 0.551   -7.636  -3.186  1.00 12.35  ? 245 LEU A CB  1 
ATOM   887  C  CG  . LEU A 1 117 ? -0.850  -8.114  -2.884  1.00 13.82  ? 245 LEU A CG  1 
ATOM   888  C  CD1 . LEU A 1 117 ? -1.850  -7.009  -3.200  1.00 13.95  ? 245 LEU A CD1 1 
ATOM   889  C  CD2 . LEU A 1 117 ? -1.157  -9.307  -3.737  1.00 12.73  ? 245 LEU A CD2 1 
ATOM   890  N  N   . GLY A 1 118 ? 3.773   -8.099  -4.124  1.00 11.12  ? 246 GLY A N   1 
ATOM   891  C  CA  . GLY A 1 118 ? 4.916   -7.309  -4.531  1.00 12.04  ? 246 GLY A CA  1 
ATOM   892  C  C   . GLY A 1 118 ? 5.333   -7.556  -5.956  1.00 11.46  ? 246 GLY A C   1 
ATOM   893  O  O   . GLY A 1 118 ? 5.353   -8.673  -6.370  1.00 11.84  ? 246 GLY A O   1 
ATOM   894  N  N   . ALA A 1 119 ? 5.701   -6.495  -6.673  1.00 12.03  ? 247 ALA A N   1 
ATOM   895  C  CA  . ALA A 1 119 ? 6.106   -6.608  -8.089  1.00 11.53  ? 247 ALA A CA  1 
ATOM   896  C  C   . ALA A 1 119 ? 6.755   -5.304  -8.602  1.00 12.02  ? 247 ALA A C   1 
ATOM   897  O  O   . ALA A 1 119 ? 6.660   -4.248  -7.963  1.00 11.73  ? 247 ALA A O   1 
ATOM   898  C  CB  . ALA A 1 119 ? 4.975   -7.053  -9.012  1.00 10.86  ? 247 ALA A CB  1 
ATOM   899  N  N   . VAL A 1 120 ? 7.397   -5.445  -9.766  1.00 12.81  ? 248 VAL A N   1 
ATOM   900  C  CA  . VAL A 1 120 ? 8.020   -4.339  -10.485 1.00 13.95  ? 248 VAL A CA  1 
ATOM   901  C  C   . VAL A 1 120 ? 7.042   -3.741  -11.457 1.00 13.61  ? 248 VAL A C   1 
ATOM   902  O  O   . VAL A 1 120 ? 6.392   -4.476  -12.218 1.00 13.45  ? 248 VAL A O   1 
ATOM   903  C  CB  . VAL A 1 120 ? 9.264   -4.744  -11.287 1.00 13.88  ? 248 VAL A CB  1 
ATOM   904  C  CG1 . VAL A 1 120 ? 9.903   -3.497  -11.906 1.00 14.77  ? 248 VAL A CG1 1 
ATOM   905  C  CG2 . VAL A 1 120 ? 10.262  -5.235  -10.342 1.00 15.05  ? 248 VAL A CG2 1 
ATOM   906  N  N   . PHE A 1 121 ? 6.943   -2.422  -11.377 1.00 14.47  ? 249 PHE A N   1 
ATOM   907  C  CA  . PHE A 1 121 ? 6.191   -1.612  -12.285 1.00 16.66  ? 249 PHE A CA  1 
ATOM   908  C  C   . PHE A 1 121 ? 6.951   -0.373  -12.854 1.00 18.14  ? 249 PHE A C   1 
ATOM   909  O  O   . PHE A 1 121 ? 7.748   0.278   -12.180 1.00 15.58  ? 249 PHE A O   1 
ATOM   910  C  CB  . PHE A 1 121 ? 4.919   -1.143  -11.634 1.00 17.44  ? 249 PHE A CB  1 
ATOM   911  C  CG  . PHE A 1 121 ? 4.050   -2.271  -11.154 1.00 16.94  ? 249 PHE A CG  1 
ATOM   912  C  CD1 . PHE A 1 121 ? 3.124   -2.835  -12.009 1.00 17.40  ? 249 PHE A CD1 1 
ATOM   913  C  CD2 . PHE A 1 121 ? 4.206   -2.803  -9.860  1.00 16.77  ? 249 PHE A CD2 1 
ATOM   914  C  CE1 . PHE A 1 121 ? 2.353   -3.919  -11.595 1.00 16.39  ? 249 PHE A CE1 1 
ATOM   915  C  CE2 . PHE A 1 121 ? 3.409   -3.882  -9.430  1.00 17.37  ? 249 PHE A CE2 1 
ATOM   916  C  CZ  . PHE A 1 121 ? 2.472   -4.419  -10.303 1.00 17.29  ? 249 PHE A CZ  1 
ATOM   917  N  N   . ASN A 1 122 ? 6.618   -0.053  -14.109 1.00 18.88  ? 250 ASN A N   1 
ATOM   918  C  CA  . ASN A 1 122 ? 7.044   1.185   -14.686 1.00 22.53  ? 250 ASN A CA  1 
ATOM   919  C  C   . ASN A 1 122 ? 5.986   2.252   -14.399 1.00 20.63  ? 250 ASN A C   1 
ATOM   920  O  O   . ASN A 1 122 ? 4.895   2.197   -14.918 1.00 22.91  ? 250 ASN A O   1 
ATOM   921  C  CB  . ASN A 1 122 ? 7.258   1.049   -16.178 1.00 25.96  ? 250 ASN A CB  1 
ATOM   922  C  CG  . ASN A 1 122 ? 8.002   2.232   -16.741 1.00 33.78  ? 250 ASN A CG  1 
ATOM   923  O  OD1 . ASN A 1 122 ? 9.099   2.568   -16.294 1.00 39.13  ? 250 ASN A OD1 1 
ATOM   924  N  ND2 . ASN A 1 122 ? 7.397   2.904   -17.692 1.00 42.94  ? 250 ASN A ND2 1 
ATOM   925  N  N   . LEU A 1 123 ? 6.326   3.206   -13.574 1.00 18.25  ? 251 LEU A N   1 
ATOM   926  C  CA  . LEU A 1 123 ? 5.396   4.210   -13.125 1.00 18.54  ? 251 LEU A CA  1 
ATOM   927  C  C   . LEU A 1 123 ? 5.834   5.548   -13.705 1.00 19.96  ? 251 LEU A C   1 
ATOM   928  O  O   . LEU A 1 123 ? 6.986   5.757   -14.055 1.00 18.09  ? 251 LEU A O   1 
ATOM   929  C  CB  . LEU A 1 123 ? 5.415   4.260   -11.616 1.00 18.38  ? 251 LEU A CB  1 
ATOM   930  C  CG  . LEU A 1 123 ? 5.029   2.929   -10.957 1.00 16.73  ? 251 LEU A CG  1 
ATOM   931  C  CD1 . LEU A 1 123 ? 5.097   3.083   -9.459  1.00 18.32  ? 251 LEU A CD1 1 
ATOM   932  C  CD2 . LEU A 1 123 ? 3.671   2.474   -11.376 1.00 16.37  ? 251 LEU A CD2 1 
ATOM   933  N  N   . THR A 1 124 ? 4.858   6.434   -13.800 1.00 21.55  ? 252 THR A N   1 
ATOM   934  C  CA  . THR A 1 124 ? 5.025   7.756   -14.356 1.00 21.67  ? 252 THR A CA  1 
ATOM   935  C  C   . THR A 1 124 ? 4.713   8.772   -13.313 1.00 22.22  ? 252 THR A C   1 
ATOM   936  O  O   . THR A 1 124 ? 3.837   8.603   -12.482 1.00 17.45  ? 252 THR A O   1 
ATOM   937  C  CB  . THR A 1 124 ? 4.084   7.980   -15.522 1.00 23.29  ? 252 THR A CB  1 
ATOM   938  O  OG1 . THR A 1 124 ? 4.231   6.896   -16.422 1.00 28.71  ? 252 THR A OG1 1 
ATOM   939  C  CG2 . THR A 1 124 ? 4.451   9.210   -16.327 1.00 25.00  ? 252 THR A CG2 1 
ATOM   940  N  N   . SER A 1 125 ? 5.462   9.876   -13.388 1.00 22.23  ? 253 SER A N   1 
ATOM   941  C  CA  . SER A 1 125 ? 5.213   11.034  -12.589 1.00 21.92  ? 253 SER A CA  1 
ATOM   942  C  C   . SER A 1 125 ? 3.714   11.379  -12.547 1.00 20.54  ? 253 SER A C   1 
ATOM   943  O  O   . SER A 1 125 ? 3.021   11.411  -13.595 1.00 19.08  ? 253 SER A O   1 
ATOM   944  C  CB  . SER A 1 125 ? 5.983   12.189  -13.201 1.00 23.89  ? 253 SER A CB  1 
ATOM   945  O  OG  . SER A 1 125 ? 5.803   13.273  -12.327 1.00 30.39  ? 253 SER A OG  1 
ATOM   946  N  N   . ALA A 1 126 ? 3.243   11.685  -11.344 1.00 20.24  ? 254 ALA A N   1 
ATOM   947  C  CA  . ALA A 1 126 ? 1.815   11.910  -11.026 1.00 21.56  ? 254 ALA A CA  1 
ATOM   948  C  C   . ALA A 1 126 ? 0.904   10.689  -10.987 1.00 20.60  ? 254 ALA A C   1 
ATOM   949  O  O   . ALA A 1 126 ? -0.313  10.849  -10.813 1.00 24.02  ? 254 ALA A O   1 
ATOM   950  C  CB  . ALA A 1 126 ? 1.183   13.004  -11.911 1.00 22.96  ? 254 ALA A CB  1 
ATOM   951  N  N   . ASP A 1 127 ? 1.434   9.481   -11.131 1.00 19.49  ? 255 ASP A N   1 
ATOM   952  C  CA  . ASP A 1 127 ? 0.652   8.261   -10.872 1.00 18.53  ? 255 ASP A CA  1 
ATOM   953  C  C   . ASP A 1 127 ? 0.322   8.254   -9.370  1.00 16.68  ? 255 ASP A C   1 
ATOM   954  O  O   . ASP A 1 127 ? 1.156   8.697   -8.520  1.00 17.68  ? 255 ASP A O   1 
ATOM   955  C  CB  . ASP A 1 127 ? 1.457   7.006   -11.232 1.00 18.25  ? 255 ASP A CB  1 
ATOM   956  C  CG  . ASP A 1 127 ? 1.504   6.697   -12.725 1.00 19.83  ? 255 ASP A CG  1 
ATOM   957  O  OD1 . ASP A 1 127 ? 0.855   7.450   -13.498 1.00 19.79  ? 255 ASP A OD1 1 
ATOM   958  O  OD2 . ASP A 1 127 ? 2.166   5.652   -13.124 1.00 18.31  ? 255 ASP A OD2 1 
ATOM   959  N  N   . HIS A 1 128 ? -0.875  7.817   -9.051  1.00 15.11  ? 256 HIS A N   1 
ATOM   960  C  CA  . HIS A 1 128 ? -1.267  7.658   -7.679  1.00 17.81  ? 256 HIS A CA  1 
ATOM   961  C  C   . HIS A 1 128 ? -1.529  6.201   -7.378  1.00 16.23  ? 256 HIS A C   1 
ATOM   962  O  O   . HIS A 1 128 ? -2.287  5.595   -8.092  1.00 15.86  ? 256 HIS A O   1 
ATOM   963  C  CB  . HIS A 1 128 ? -2.594  8.356   -7.347  1.00 19.17  ? 256 HIS A CB  1 
ATOM   964  C  CG  . HIS A 1 128 ? -2.634  9.806   -7.660  1.00 21.13  ? 256 HIS A CG  1 
ATOM   965  N  ND1 . HIS A 1 128 ? -2.683  10.268  -8.965  1.00 22.45  ? 256 HIS A ND1 1 
ATOM   966  C  CD2 . HIS A 1 128 ? -2.723  10.891  -6.864  1.00 19.72  ? 256 HIS A CD2 1 
ATOM   967  C  CE1 . HIS A 1 128 ? -2.791  11.580  -8.953  1.00 22.24  ? 256 HIS A CE1 1 
ATOM   968  N  NE2 . HIS A 1 128 ? -2.764  11.982  -7.697  1.00 22.13  ? 256 HIS A NE2 1 
ATOM   969  N  N   . LEU A 1 129 ? -0.943  5.691   -6.293  1.00 16.16  ? 257 LEU A N   1 
ATOM   970  C  CA  . LEU A 1 129 ? -1.048  4.294   -5.912  1.00 17.13  ? 257 LEU A CA  1 
ATOM   971  C  C   . LEU A 1 129 ? -1.728  4.188   -4.554  1.00 16.55  ? 257 LEU A C   1 
ATOM   972  O  O   . LEU A 1 129 ? -1.411  4.927   -3.619  1.00 13.11  ? 257 LEU A O   1 
ATOM   973  C  CB  . LEU A 1 129 ? 0.318   3.577   -5.879  1.00 18.96  ? 257 LEU A CB  1 
ATOM   974  C  CG  . LEU A 1 129 ? 1.026   3.143   -7.164  1.00 22.84  ? 257 LEU A CG  1 
ATOM   975  C  CD1 . LEU A 1 129 ? 1.340   4.291   -8.043  1.00 25.08  ? 257 LEU A CD1 1 
ATOM   976  C  CD2 . LEU A 1 129 ? 2.376   2.519   -6.827  1.00 25.33  ? 257 LEU A CD2 1 
ATOM   977  N  N   . TYR A 1 130 ? -2.650  3.213   -4.478  1.00 16.21  ? 258 TYR A N   1 
ATOM   978  C  CA  . TYR A 1 130 ? -3.494  2.994   -3.294  1.00 15.78  ? 258 TYR A CA  1 
ATOM   979  C  C   . TYR A 1 130 ? -3.661  1.544   -2.977  1.00 14.55  ? 258 TYR A C   1 
ATOM   980  O  O   . TYR A 1 130 ? -3.424  0.693   -3.809  1.00 14.79  ? 258 TYR A O   1 
ATOM   981  C  CB  . TYR A 1 130 ? -4.886  3.551   -3.517  1.00 17.25  ? 258 TYR A CB  1 
ATOM   982  C  CG  . TYR A 1 130 ? -4.957  5.018   -3.899  1.00 17.14  ? 258 TYR A CG  1 
ATOM   983  C  CD1 . TYR A 1 130 ? -5.054  6.026   -2.912  1.00 16.34  ? 258 TYR A CD1 1 
ATOM   984  C  CD2 . TYR A 1 130 ? -4.944  5.395   -5.218  1.00 16.85  ? 258 TYR A CD2 1 
ATOM   985  C  CE1 . TYR A 1 130 ? -5.179  7.365   -3.282  1.00 16.94  ? 258 TYR A CE1 1 
ATOM   986  C  CE2 . TYR A 1 130 ? -5.076  6.711   -5.589  1.00 16.26  ? 258 TYR A CE2 1 
ATOM   987  C  CZ  . TYR A 1 130 ? -5.194  7.705   -4.621  1.00 16.35  ? 258 TYR A CZ  1 
ATOM   988  O  OH  . TYR A 1 130 ? -5.275  9.025   -5.016  1.00 16.42  ? 258 TYR A OH  1 
ATOM   989  N  N   . VAL A 1 131 ? -4.072  1.318   -1.742  1.00 13.80  ? 259 VAL A N   1 
ATOM   990  C  CA  . VAL A 1 131 ? -4.410  0.021   -1.249  1.00 14.37  ? 259 VAL A CA  1 
ATOM   991  C  C   . VAL A 1 131 ? -5.891  -0.055  -0.831  1.00 15.15  ? 259 VAL A C   1 
ATOM   992  O  O   . VAL A 1 131 ? -6.416  0.767   -0.062  1.00 13.26  ? 259 VAL A O   1 
ATOM   993  C  CB  . VAL A 1 131 ? -3.460  -0.441  -0.126  1.00 15.16  ? 259 VAL A CB  1 
ATOM   994  C  CG1 . VAL A 1 131 ? -3.928  -1.769  0.506   1.00 15.84  ? 259 VAL A CG1 1 
ATOM   995  C  CG2 . VAL A 1 131 ? -2.050  -0.594  -0.646  1.00 14.05  ? 259 VAL A CG2 1 
ATOM   996  N  N   . ASN A 1 132 ? -6.517  -1.125  -1.283  1.00 16.01  ? 260 ASN A N   1 
ATOM   997  C  CA  . ASN A 1 132 ? -7.884  -1.400  -0.960  1.00 19.87  ? 260 ASN A CA  1 
ATOM   998  C  C   . ASN A 1 132 ? -7.932  -2.738  -0.261  1.00 19.05  ? 260 ASN A C   1 
ATOM   999  O  O   . ASN A 1 132 ? -7.186  -3.619  -0.605  1.00 15.39  ? 260 ASN A O   1 
ATOM   1000 C  CB  . ASN A 1 132 ? -8.610  -1.523  -2.292  1.00 25.37  ? 260 ASN A CB  1 
ATOM   1001 C  CG  . ASN A 1 132 ? -10.003 -1.945  -2.146  1.00 35.07  ? 260 ASN A CG  1 
ATOM   1002 O  OD1 . ASN A 1 132 ? -10.346 -3.168  -1.942  1.00 45.99  ? 260 ASN A OD1 1 
ATOM   1003 N  ND2 . ASN A 1 132 ? -10.871 -0.955  -2.234  1.00 41.63  ? 260 ASN A ND2 1 
ATOM   1004 N  N   . VAL A 1 133 ? -8.914  -2.931  0.618   1.00 18.44  ? 261 VAL A N   1 
ATOM   1005 C  CA  . VAL A 1 133 ? -9.274  -4.272  1.127   1.00 20.97  ? 261 VAL A CA  1 
ATOM   1006 C  C   . VAL A 1 133 ? -10.727 -4.316  1.225   1.00 22.69  ? 261 VAL A C   1 
ATOM   1007 O  O   . VAL A 1 133 ? -11.381 -3.277  1.305   1.00 19.73  ? 261 VAL A O   1 
ATOM   1008 C  CB  . VAL A 1 133 ? -8.725  -4.640  2.542   1.00 23.53  ? 261 VAL A CB  1 
ATOM   1009 C  CG1 . VAL A 1 133 ? -7.204  -4.571  2.558   1.00 23.00  ? 261 VAL A CG1 1 
ATOM   1010 C  CG2 . VAL A 1 133 ? -9.355  -3.801  3.692   1.00 26.28  ? 261 VAL A CG2 1 
ATOM   1011 N  N   . SER A 1 134 ? -11.231 -5.530  1.271   1.00 23.88  ? 262 SER A N   1 
ATOM   1012 C  CA  . SER A 1 134 ? -12.661 -5.760  1.353   1.00 25.28  ? 262 SER A CA  1 
ATOM   1013 C  C   . SER A 1 134 ? -13.296 -5.460  2.693   1.00 26.51  ? 262 SER A C   1 
ATOM   1014 O  O   . SER A 1 134 ? -14.448 -5.077  2.739   1.00 27.66  ? 262 SER A O   1 
ATOM   1015 C  CB  . SER A 1 134 ? -12.992 -7.179  0.910   1.00 24.01  ? 262 SER A CB  1 
ATOM   1016 O  OG  . SER A 1 134 ? -12.432 -8.102  1.770   1.00 26.12  ? 262 SER A OG  1 
ATOM   1017 N  N   . GLU A 1 135 ? -12.611 -5.715  3.781   1.00 27.12  ? 263 GLU A N   1 
ATOM   1018 C  CA  . GLU A 1 135 ? -13.220 -5.575  5.107   1.00 27.43  ? 263 GLU A CA  1 
ATOM   1019 C  C   . GLU A 1 135 ? -12.300 -4.924  6.080   1.00 26.84  ? 263 GLU A C   1 
ATOM   1020 O  O   . GLU A 1 135 ? -11.431 -5.561  6.712   1.00 25.70  ? 263 GLU A O   1 
ATOM   1021 C  CB  . GLU A 1 135 ? -13.583 -6.932  5.650   1.00 33.41  ? 263 GLU A CB  1 
ATOM   1022 C  CG  . GLU A 1 135 ? -14.441 -7.784  4.697   1.00 40.23  ? 263 GLU A CG  1 
ATOM   1023 C  CD  . GLU A 1 135 ? -15.899 -7.339  4.633   1.00 44.83  ? 263 GLU A CD  1 
ATOM   1024 O  OE1 . GLU A 1 135 ? -16.261 -6.393  5.358   1.00 50.20  ? 263 GLU A OE1 1 
ATOM   1025 O  OE2 . GLU A 1 135 ? -16.681 -7.954  3.875   1.00 44.11  ? 263 GLU A OE2 1 
ATOM   1026 N  N   . LEU A 1 136 ? -12.480 -3.630  6.221   1.00 23.88  ? 264 LEU A N   1 
ATOM   1027 C  CA  . LEU A 1 136 ? -11.606 -2.834  7.074   1.00 24.73  ? 264 LEU A CA  1 
ATOM   1028 C  C   . LEU A 1 136 ? -11.538 -3.306  8.524   1.00 23.01  ? 264 LEU A C   1 
ATOM   1029 O  O   . LEU A 1 136 ? -10.467 -3.265  9.167   1.00 20.99  ? 264 LEU A O   1 
ATOM   1030 C  CB  . LEU A 1 136 ? -12.011 -1.377  7.018   1.00 28.28  ? 264 LEU A CB  1 
ATOM   1031 C  CG  . LEU A 1 136 ? -11.014 -0.333  7.529   1.00 32.13  ? 264 LEU A CG  1 
ATOM   1032 C  CD1 . LEU A 1 136 ? -9.821  -0.213  6.640   1.00 33.00  ? 264 LEU A CD1 1 
ATOM   1033 C  CD2 . LEU A 1 136 ? -11.700 1.019   7.641   1.00 37.35  ? 264 LEU A CD2 1 
ATOM   1034 N  N   . SER A 1 137 ? -12.653 -3.824  9.022   1.00 20.38  ? 265 SER A N   1 
ATOM   1035 C  CA  . SER A 1 137 ? -12.706 -4.180  10.401  1.00 21.59  ? 265 SER A CA  1 
ATOM   1036 C  C   . SER A 1 137 ? -11.984 -5.449  10.693  1.00 20.94  ? 265 SER A C   1 
ATOM   1037 O  O   . SER A 1 137 ? -11.804 -5.776  11.854  1.00 21.51  ? 265 SER A O   1 
ATOM   1038 C  CB  . SER A 1 137 ? -14.152 -4.329  10.841  1.00 22.96  ? 265 SER A CB  1 
ATOM   1039 O  OG  . SER A 1 137 ? -14.769 -5.303  10.061  1.00 26.10  ? 265 SER A OG  1 
ATOM   1040 N  N   . LEU A 1 138 ? -11.586 -6.176  9.643   1.00 19.19  ? 266 LEU A N   1 
ATOM   1041 C  CA  . LEU A 1 138 ? -10.912 -7.395  9.811   1.00 19.57  ? 266 LEU A CA  1 
ATOM   1042 C  C   . LEU A 1 138 ? -9.396  -7.259  9.546   1.00 20.41  ? 266 LEU A C   1 
ATOM   1043 O  O   . LEU A 1 138 ? -8.731  -8.277  9.302   1.00 22.35  ? 266 LEU A O   1 
ATOM   1044 C  CB  . LEU A 1 138 ? -11.554 -8.411  8.885   1.00 20.06  ? 266 LEU A CB  1 
ATOM   1045 C  CG  . LEU A 1 138 ? -13.012 -8.778  9.157   1.00 20.16  ? 266 LEU A CG  1 
ATOM   1046 C  CD1 . LEU A 1 138 ? -13.429 -9.760  8.087   1.00 22.89  ? 266 LEU A CD1 1 
ATOM   1047 C  CD2 . LEU A 1 138 ? -13.297 -9.344  10.548  1.00 20.95  ? 266 LEU A CD2 1 
ATOM   1048 N  N   . VAL A 1 139 ? -8.891  -6.024  9.602   1.00 19.11  ? 267 VAL A N   1 
ATOM   1049 C  CA  . VAL A 1 139 ? -7.486  -5.704  9.455   1.00 18.54  ? 267 VAL A CA  1 
ATOM   1050 C  C   . VAL A 1 139 ? -6.887  -5.277  10.808  1.00 17.93  ? 267 VAL A C   1 
ATOM   1051 O  O   . VAL A 1 139 ? -7.449  -4.446  11.490  1.00 14.57  ? 267 VAL A O   1 
ATOM   1052 C  CB  . VAL A 1 139 ? -7.275  -4.597  8.437   1.00 18.17  ? 267 VAL A CB  1 
ATOM   1053 C  CG1 . VAL A 1 139 ? -5.787  -4.289  8.297   1.00 17.16  ? 267 VAL A CG1 1 
ATOM   1054 C  CG2 . VAL A 1 139 ? -7.877  -4.995  7.098   1.00 18.94  ? 267 VAL A CG2 1 
ATOM   1055 N  N   . ASN A 1 140 ? -5.745  -5.890  11.159  1.00 15.87  ? 268 ASN A N   1 
ATOM   1056 C  CA  . ASN A 1 140 ? -4.937  -5.428  12.259  1.00 18.41  ? 268 ASN A CA  1 
ATOM   1057 C  C   . ASN A 1 140 ? -3.834  -4.437  11.786  1.00 19.14  ? 268 ASN A C   1 
ATOM   1058 O  O   . ASN A 1 140 ? -3.122  -4.711  10.816  1.00 21.40  ? 268 ASN A O   1 
ATOM   1059 C  CB  . ASN A 1 140 ? -4.328  -6.572  13.023  1.00 18.58  ? 268 ASN A CB  1 
ATOM   1060 C  CG  . ASN A 1 140 ? -4.233  -6.265  14.504  1.00 21.36  ? 268 ASN A CG  1 
ATOM   1061 O  OD1 . ASN A 1 140 ? -5.191  -5.857  15.098  1.00 24.98  ? 268 ASN A OD1 1 
ATOM   1062 N  ND2 . ASN A 1 140 ? -3.088  -6.433  15.082  1.00 23.29  ? 268 ASN A ND2 1 
ATOM   1063 N  N   . PHE A 1 141 ? -3.732  -3.286  12.452  1.00 18.53  ? 269 PHE A N   1 
ATOM   1064 C  CA  . PHE A 1 141 ? -2.973  -2.150  11.953  1.00 20.16  ? 269 PHE A CA  1 
ATOM   1065 C  C   . PHE A 1 141 ? -1.654  -1.914  12.624  1.00 21.34  ? 269 PHE A C   1 
ATOM   1066 O  O   . PHE A 1 141 ? -1.104  -0.816  12.522  1.00 28.06  ? 269 PHE A O   1 
ATOM   1067 C  CB  . PHE A 1 141 ? -3.826  -0.898  11.913  1.00 20.85  ? 269 PHE A CB  1 
ATOM   1068 C  CG  . PHE A 1 141 ? -4.800  -0.889  10.784  1.00 21.97  ? 269 PHE A CG  1 
ATOM   1069 C  CD1 . PHE A 1 141 ? -4.362  -0.676  9.478   1.00 22.92  ? 269 PHE A CD1 1 
ATOM   1070 C  CD2 . PHE A 1 141 ? -6.151  -1.145  11.000  1.00 23.71  ? 269 PHE A CD2 1 
ATOM   1071 C  CE1 . PHE A 1 141 ? -5.230  -0.686  8.436   1.00 23.11  ? 269 PHE A CE1 1 
ATOM   1072 C  CE2 . PHE A 1 141 ? -7.036  -1.167  9.930   1.00 23.97  ? 269 PHE A CE2 1 
ATOM   1073 C  CZ  . PHE A 1 141 ? -6.565  -0.952  8.656   1.00 24.98  ? 269 PHE A CZ  1 
ATOM   1074 N  N   . GLU A 1 142 ? -1.048  -2.927  13.191  1.00 20.10  ? 270 GLU A N   1 
ATOM   1075 C  CA  . GLU A 1 142 ? 0.247   -2.727  13.839  1.00 21.69  ? 270 GLU A CA  1 
ATOM   1076 C  C   . GLU A 1 142 ? 1.270   -2.414  12.738  1.00 18.69  ? 270 GLU A C   1 
ATOM   1077 O  O   . GLU A 1 142 ? 1.136   -2.895  11.610  1.00 14.72  ? 270 GLU A O   1 
ATOM   1078 C  CB  . GLU A 1 142 ? 0.577   -3.972  14.590  1.00 28.15  ? 270 GLU A CB  1 
ATOM   1079 C  CG  . GLU A 1 142 ? 1.086   -3.751  15.958  1.00 38.98  ? 270 GLU A CG  1 
ATOM   1080 C  CD  . GLU A 1 142 ? 0.036   -3.200  16.819  1.00 39.98  ? 270 GLU A CD  1 
ATOM   1081 O  OE1 . GLU A 1 142 ? 0.117   -2.004  17.089  1.00 46.08  ? 270 GLU A OE1 1 
ATOM   1082 O  OE2 . GLU A 1 142 ? -0.872  -3.957  17.186  1.00 50.58  ? 270 GLU A OE2 1 
ATOM   1083 N  N   . GLU A 1 143 ? 2.279   -1.605  13.037  1.00 15.80  ? 271 GLU A N   1 
ATOM   1084 C  CA  . GLU A 1 143 ? 3.240   -1.223  12.004  1.00 17.49  ? 271 GLU A CA  1 
ATOM   1085 C  C   . GLU A 1 143 ? 3.977   -2.388  11.346  1.00 15.98  ? 271 GLU A C   1 
ATOM   1086 O  O   . GLU A 1 143 ? 4.368   -2.289  10.199  1.00 17.42  ? 271 GLU A O   1 
ATOM   1087 C  CB  . GLU A 1 143 ? 4.274   -0.219  12.532  1.00 17.19  ? 271 GLU A CB  1 
ATOM   1088 C  CG  . GLU A 1 143 ? 5.061   -0.661  13.750  1.00 19.49  ? 271 GLU A CG  1 
ATOM   1089 C  CD  . GLU A 1 143 ? 6.179   0.282   14.098  1.00 20.84  ? 271 GLU A CD  1 
ATOM   1090 O  OE1 . GLU A 1 143 ? 6.977   -0.159  14.948  1.00 20.55  ? 271 GLU A OE1 1 
ATOM   1091 O  OE2 . GLU A 1 143 ? 6.301   1.386   13.478  1.00 19.25  ? 271 GLU A OE2 1 
ATOM   1092 N  N   . SER A 1 144 ? 4.172   -3.462  12.097  1.00 15.51  ? 272 SER A N   1 
ATOM   1093 C  CA  . SER A 1 144 ? 4.869   -4.655  11.604  1.00 15.62  ? 272 SER A CA  1 
ATOM   1094 C  C   . SER A 1 144 ? 3.950   -5.601  10.800  1.00 15.69  ? 272 SER A C   1 
ATOM   1095 O  O   . SER A 1 144 ? 4.448   -6.509  10.115  1.00 15.60  ? 272 SER A O   1 
ATOM   1096 C  CB  . SER A 1 144 ? 5.525   -5.415  12.772  1.00 14.92  ? 272 SER A CB  1 
ATOM   1097 O  OG  . SER A 1 144 ? 4.534   -5.800  13.723  1.00 14.96  ? 272 SER A OG  1 
ATOM   1098 N  N   . GLN A 1 145 ? 2.642   -5.358  10.799  1.00 15.33  ? 273 GLN A N   1 
ATOM   1099 C  CA  . GLN A 1 145 ? 1.672   -6.322  10.269  1.00 14.08  ? 273 GLN A CA  1 
ATOM   1100 C  C   . GLN A 1 145 ? 1.021   -5.919  8.983   1.00 14.03  ? 273 GLN A C   1 
ATOM   1101 O  O   . GLN A 1 145 ? 0.757   -6.728  8.087   1.00 12.12  ? 273 GLN A O   1 
ATOM   1102 C  CB  . GLN A 1 145 ? 0.585   -6.430  11.309  1.00 16.71  ? 273 GLN A CB  1 
ATOM   1103 C  CG  . GLN A 1 145 ? 1.108   -7.165  12.569  1.00 16.94  ? 273 GLN A CG  1 
ATOM   1104 C  CD  . GLN A 1 145 ? 0.099   -7.179  13.705  1.00 19.64  ? 273 GLN A CD  1 
ATOM   1105 O  OE1 . GLN A 1 145 ? -0.916  -6.467  13.672  1.00 23.48  ? 273 GLN A OE1 1 
ATOM   1106 N  NE2 . GLN A 1 145 ? 0.421   -7.904  14.772  1.00 21.72  ? 273 GLN A NE2 1 
ATOM   1107 N  N   . THR A 1 146 ? 0.757   -4.631  8.866   1.00 14.18  ? 274 THR A N   1 
ATOM   1108 C  CA  . THR A 1 146 ? 0.065   -4.112  7.720   1.00 13.34  ? 274 THR A CA  1 
ATOM   1109 C  C   . THR A 1 146 ? 0.802   -2.877  7.205   1.00 13.19  ? 274 THR A C   1 
ATOM   1110 O  O   . THR A 1 146 ? 1.072   -1.932  7.954   1.00 12.16  ? 274 THR A O   1 
ATOM   1111 C  CB  . THR A 1 146 ? -1.368  -3.790  8.095   1.00 13.29  ? 274 THR A CB  1 
ATOM   1112 O  OG1 . THR A 1 146 ? -2.078  -5.013  8.368   1.00 11.82  ? 274 THR A OG1 1 
ATOM   1113 C  CG2 . THR A 1 146 ? -2.043  -3.104  6.921   1.00 13.79  ? 274 THR A CG2 1 
ATOM   1114 N  N   . PHE A 1 147 ? 1.148   -2.917  5.930   1.00 11.84  ? 275 PHE A N   1 
ATOM   1115 C  CA  . PHE A 1 147 ? 2.082   -1.991  5.361   1.00 11.83  ? 275 PHE A CA  1 
ATOM   1116 C  C   . PHE A 1 147 ? 2.004   -1.884  3.847   1.00 11.89  ? 275 PHE A C   1 
ATOM   1117 O  O   . PHE A 1 147 ? 1.479   -2.770  3.164   1.00 13.22  ? 275 PHE A O   1 
ATOM   1118 C  CB  . PHE A 1 147 ? 3.525   -2.155  5.914   1.00 12.01  ? 275 PHE A CB  1 
ATOM   1119 C  CG  . PHE A 1 147 ? 4.179   -3.542  5.729   1.00 10.94  ? 275 PHE A CG  1 
ATOM   1120 C  CD1 . PHE A 1 147 ? 4.582   -4.005  4.484   1.00 10.65  ? 275 PHE A CD1 1 
ATOM   1121 C  CD2 . PHE A 1 147 ? 4.396   -4.366  6.815   1.00 11.55  ? 275 PHE A CD2 1 
ATOM   1122 C  CE1 . PHE A 1 147 ? 5.227   -5.239  4.332   1.00 11.47  ? 275 PHE A CE1 1 
ATOM   1123 C  CE2 . PHE A 1 147 ? 5.067   -5.605  6.677   1.00 11.54  ? 275 PHE A CE2 1 
ATOM   1124 C  CZ  . PHE A 1 147 ? 5.491   -6.038  5.428   1.00 11.03  ? 275 PHE A CZ  1 
ATOM   1125 N  N   . PHE A 1 148 ? 2.552   -0.799  3.324   1.00 12.32  ? 276 PHE A N   1 
ATOM   1126 C  CA  . PHE A 1 148 ? 2.490   -0.449  1.919   1.00 11.74  ? 276 PHE A CA  1 
ATOM   1127 C  C   . PHE A 1 148 ? 3.753   0.334   1.583   1.00 11.72  ? 276 PHE A C   1 
ATOM   1128 O  O   . PHE A 1 148 ? 4.050   1.359   2.199   1.00 12.95  ? 276 PHE A O   1 
ATOM   1129 C  CB  . PHE A 1 148 ? 1.255   0.455   1.719   1.00 11.84  ? 276 PHE A CB  1 
ATOM   1130 C  CG  . PHE A 1 148 ? 1.066   1.028   0.328   1.00 11.74  ? 276 PHE A CG  1 
ATOM   1131 C  CD1 . PHE A 1 148 ? 1.493   0.379   -0.850  1.00 14.00  ? 276 PHE A CD1 1 
ATOM   1132 C  CD2 . PHE A 1 148 ? 0.325   2.196   0.179   1.00 12.39  ? 276 PHE A CD2 1 
ATOM   1133 C  CE1 . PHE A 1 148 ? 1.191   0.917   -2.106  1.00 13.72  ? 276 PHE A CE1 1 
ATOM   1134 C  CE2 . PHE A 1 148 ? -0.021  2.705   -1.062  1.00 12.96  ? 276 PHE A CE2 1 
ATOM   1135 C  CZ  . PHE A 1 148 ? 0.405   2.072   -2.197  1.00 12.59  ? 276 PHE A CZ  1 
ATOM   1136 N  N   . GLY A 1 149 ? 4.471   -0.102  0.555   1.00 11.70  ? 277 GLY A N   1 
ATOM   1137 C  CA  . GLY A 1 149 ? 5.729   0.584   0.188   1.00 11.70  ? 277 GLY A CA  1 
ATOM   1138 C  C   . GLY A 1 149 ? 6.186   0.449   -1.201  1.00 11.28  ? 277 GLY A C   1 
ATOM   1139 O  O   . GLY A 1 149 ? 5.604   -0.290  -1.978  1.00 11.55  ? 277 GLY A O   1 
ATOM   1140 N  N   . LEU A 1 150 ? 7.214   1.205   -1.532  1.00 11.94  ? 278 LEU A N   1 
ATOM   1141 C  CA  . LEU A 1 150 ? 7.845   1.044   -2.797  1.00 13.05  ? 278 LEU A CA  1 
ATOM   1142 C  C   . LEU A 1 150 ? 9.275   1.611   -2.786  1.00 14.15  ? 278 LEU A C   1 
ATOM   1143 O  O   . LEU A 1 150 ? 9.673   2.294   -1.847  1.00 15.17  ? 278 LEU A O   1 
ATOM   1144 C  CB  . LEU A 1 150 ? 6.979   1.659   -3.906  1.00 13.40  ? 278 LEU A CB  1 
ATOM   1145 C  CG  . LEU A 1 150 ? 6.485   3.089   -3.700  1.00 14.95  ? 278 LEU A CG  1 
ATOM   1146 C  CD1 . LEU A 1 150 ? 7.578   4.131   -3.862  1.00 14.99  ? 278 LEU A CD1 1 
ATOM   1147 C  CD2 . LEU A 1 150 ? 5.375   3.395   -4.671  1.00 17.43  ? 278 LEU A CD2 1 
ATOM   1148 N  N   . TYR A 1 151 ? 10.035  1.355   -3.832  1.00 13.59  ? 279 TYR A N   1 
ATOM   1149 C  CA  . TYR A 1 151 ? 11.319  2.009   -4.033  1.00 16.13  ? 279 TYR A CA  1 
ATOM   1150 C  C   . TYR A 1 151 ? 11.640  2.045   -5.498  1.00 17.27  ? 279 TYR A C   1 
ATOM   1151 O  O   . TYR A 1 151 ? 11.225  1.121   -6.255  1.00 16.16  ? 279 TYR A O   1 
ATOM   1152 C  CB  . TYR A 1 151 ? 12.475  1.364   -3.226  1.00 16.78  ? 279 TYR A CB  1 
ATOM   1153 C  CG  . TYR A 1 151 ? 12.753  -0.062  -3.527  1.00 18.96  ? 279 TYR A CG  1 
ATOM   1154 C  CD1 . TYR A 1 151 ? 12.041  -1.082  -2.885  1.00 23.05  ? 279 TYR A CD1 1 
ATOM   1155 C  CD2 . TYR A 1 151 ? 13.738  -0.418  -4.447  1.00 22.32  ? 279 TYR A CD2 1 
ATOM   1156 C  CE1 . TYR A 1 151 ? 12.293  -2.425  -3.164  1.00 23.96  ? 279 TYR A CE1 1 
ATOM   1157 C  CE2 . TYR A 1 151 ? 13.989  -1.746  -4.761  1.00 24.26  ? 279 TYR A CE2 1 
ATOM   1158 C  CZ  . TYR A 1 151 ? 13.268  -2.745  -4.101  1.00 26.03  ? 279 TYR A CZ  1 
ATOM   1159 O  OH  . TYR A 1 151 ? 13.550  -4.080  -4.393  1.00 45.43  ? 279 TYR A OH  1 
ATOM   1160 N  N   . LYS A 1 152 ? 12.362  3.108   -5.900  1.00 17.99  ? 280 LYS A N   1 
ATOM   1161 C  CA  . LYS A 1 152 ? 12.859  3.255   -7.269  1.00 19.96  ? 280 LYS A CA  1 
ATOM   1162 C  C   . LYS A 1 152 ? 14.066  2.402   -7.587  1.00 19.66  ? 280 LYS A C   1 
ATOM   1163 O  O   . LYS A 1 152 ? 15.027  2.483   -6.901  1.00 22.03  ? 280 LYS A O   1 
ATOM   1164 C  CB  . LYS A 1 152 ? 13.211  4.679   -7.562  1.00 21.21  ? 280 LYS A CB  1 
ATOM   1165 C  CG  . LYS A 1 152 ? 13.022  4.963   -9.012  1.00 24.30  ? 280 LYS A CG  1 
ATOM   1166 C  CD  . LYS A 1 152 ? 13.226  6.406   -9.292  1.00 26.93  ? 280 LYS A CD  1 
ATOM   1167 C  CE  . LYS A 1 152 ? 12.983  6.697   -10.756 1.00 32.66  ? 280 LYS A CE  1 
ATOM   1168 N  NZ  . LYS A 1 152 ? 14.249  6.637   -11.532 1.00 35.77  ? 280 LYS A NZ  1 
ATOM   1169 N  N   . LEU A 1 153 ? 14.041  1.665   -8.685  1.00 20.97  ? 281 LEU A N   1 
ATOM   1170 C  CA  . LEU A 1 153 ? 15.115  0.750   -9.061  1.00 21.97  ? 281 LEU A CA  1 
ATOM   1171 C  C   . LEU A 1 153 ? 16.359  1.419   -9.641  1.00 25.15  ? 281 LEU A C   1 
ATOM   1172 O  O   . LEU A 1 153 ? 16.211  2.437   -10.265 1.00 29.51  ? 281 LEU A O   1 
ATOM   1173 C  CB  . LEU A 1 153 ? 14.598  -0.267  -10.033 1.00 23.29  ? 281 LEU A CB  1 
ATOM   1174 C  CG  . LEU A 1 153 ? 13.415  -1.109  -9.567  1.00 25.30  ? 281 LEU A CG  1 
ATOM   1175 C  CD1 . LEU A 1 153 ? 13.211  -2.267  -10.533 1.00 28.26  ? 281 LEU A CD1 1 
ATOM   1176 C  CD2 . LEU A 1 153 ? 13.598  -1.651  -8.171  1.00 27.80  ? 281 LEU A CD2 1 
HETATM 1177 S  S   . SO4 B 2 .   ? -8.068  17.415  0.936   1.00 51.78  ? 301 SO4 A S   1 
HETATM 1178 O  O1  . SO4 B 2 .   ? -8.180  18.826  0.547   1.00 52.97  ? 301 SO4 A O1  1 
HETATM 1179 O  O2  . SO4 B 2 .   ? -6.922  17.363  1.850   1.00 59.86  ? 301 SO4 A O2  1 
HETATM 1180 O  O3  . SO4 B 2 .   ? -9.375  17.025  1.553   1.00 53.63  ? 301 SO4 A O3  1 
HETATM 1181 O  O4  . SO4 B 2 .   ? -7.720  16.534  -0.225  1.00 63.33  ? 301 SO4 A O4  1 
HETATM 1182 ZN ZN  . ZN  C 3 .   ? 23.640  27.177  -10.627 1.00 23.17  ? 302 ZN  A ZN  1 
HETATM 1183 O  O   . HOH D 4 .   ? 2.042   4.915   -15.237 1.00 25.77  ? 401 HOH A O   1 
HETATM 1184 O  O   . HOH D 4 .   ? -15.208 -4.536  7.873   1.00 40.23  ? 402 HOH A O   1 
HETATM 1185 O  O   . HOH D 4 .   ? 4.382   -3.763  15.070  1.00 20.96  ? 403 HOH A O   1 
HETATM 1186 O  O   . HOH D 4 .   ? -3.820  10.062  5.269   1.00 31.08  ? 404 HOH A O   1 
HETATM 1187 O  O   . HOH D 4 .   ? -2.726  -12.104 -1.645  1.00 18.78  ? 405 HOH A O   1 
HETATM 1188 O  O   . HOH D 4 .   ? -15.995 -9.396  1.922   1.00 32.31  ? 406 HOH A O   1 
HETATM 1189 O  O   . HOH D 4 .   ? -13.658 -7.218  19.295  1.00 30.65  ? 407 HOH A O   1 
HETATM 1190 O  O   . HOH D 4 .   ? -1.578  -12.774 9.717   1.00 18.14  ? 408 HOH A O   1 
HETATM 1191 O  O   . HOH D 4 .   ? 7.459   11.121  -17.521 1.00 43.84  ? 409 HOH A O   1 
HETATM 1192 O  O   . HOH D 4 .   ? -2.192  11.883  -12.269 1.00 21.90  ? 410 HOH A O   1 
HETATM 1193 O  O   . HOH D 4 .   ? 5.194   3.368   11.941  1.00 18.98  ? 411 HOH A O   1 
HETATM 1194 O  O   . HOH D 4 .   ? -6.106  9.839   -7.345  1.00 26.45  ? 412 HOH A O   1 
HETATM 1195 O  O   . HOH D 4 .   ? -3.417  1.524   7.184   1.00 31.18  ? 413 HOH A O   1 
HETATM 1196 O  O   . HOH D 4 .   ? -9.559  5.592   -4.975  1.00 27.00  ? 414 HOH A O   1 
HETATM 1197 O  O   . HOH D 4 .   ? -3.995  3.441   0.382   1.00 15.05  ? 415 HOH A O   1 
HETATM 1198 O  O   . HOH D 4 .   ? 0.951   10.063  -14.484 1.00 19.26  ? 416 HOH A O   1 
HETATM 1199 O  O   . HOH D 4 .   ? -4.649  10.835  -3.150  1.00 29.36  ? 417 HOH A O   1 
HETATM 1200 O  O   . HOH D 4 .   ? -6.184  3.095   7.771   1.00 42.97  ? 418 HOH A O   1 
HETATM 1201 O  O   . HOH D 4 .   ? 11.090  1.185   6.874   1.00 18.39  ? 419 HOH A O   1 
HETATM 1202 O  O   . HOH D 4 .   ? 1.965   2.322   12.247  1.00 30.64  ? 420 HOH A O   1 
HETATM 1203 O  O   . HOH D 4 .   ? -0.243  -13.251 -2.154  1.00 15.81  ? 421 HOH A O   1 
HETATM 1204 O  O   . HOH D 4 .   ? 7.072   -2.782  15.664  1.00 19.17  ? 422 HOH A O   1 
HETATM 1205 O  O   . HOH D 4 .   ? -3.978  -12.398 15.594  1.00 33.32  ? 423 HOH A O   1 
HETATM 1206 O  O   . HOH D 4 .   ? -15.934 -22.004 3.346   1.00 34.43  ? 424 HOH A O   1 
HETATM 1207 O  O   . HOH D 4 .   ? -15.113 -17.314 1.646   1.00 19.12  ? 425 HOH A O   1 
HETATM 1208 O  O   . HOH D 4 .   ? 8.949   9.471   -7.012  1.00 16.71  ? 426 HOH A O   1 
HETATM 1209 O  O   . HOH D 4 .   ? 2.079   -0.548  15.766  1.00 26.15  ? 427 HOH A O   1 
HETATM 1210 O  O   . HOH D 4 .   ? -2.072  -15.208 1.608   1.00 15.15  ? 428 HOH A O   1 
HETATM 1211 O  O   . HOH D 4 .   ? -7.971  3.765   6.198   1.00 34.56  ? 429 HOH A O   1 
HETATM 1212 O  O   . HOH D 4 .   ? 6.897   -2.502  9.001   1.00 13.00  ? 430 HOH A O   1 
HETATM 1213 O  O   . HOH D 4 .   ? -8.285  -20.246 16.661  1.00 31.29  ? 431 HOH A O   1 
HETATM 1214 O  O   . HOH D 4 .   ? 1.766   9.845   8.982   1.00 28.61  ? 432 HOH A O   1 
HETATM 1215 O  O   . HOH D 4 .   ? -0.896  -15.935 6.909   1.00 14.74  ? 433 HOH A O   1 
HETATM 1216 O  O   . HOH D 4 .   ? -10.506 1.878   -2.534  1.00 31.24  ? 434 HOH A O   1 
HETATM 1217 O  O   . HOH D 4 .   ? -10.910 -0.389  -12.547 1.00 45.46  ? 435 HOH A O   1 
HETATM 1218 O  O   . HOH D 4 .   ? -14.116 -14.479 8.593   1.00 25.97  ? 436 HOH A O   1 
HETATM 1219 O  O   . HOH D 4 .   ? 1.990   16.129  10.075  1.00 9.73   ? 437 HOH A O   1 
HETATM 1220 O  O   . HOH D 4 .   ? 8.722   1.893   16.140  1.00 30.45  ? 438 HOH A O   1 
HETATM 1221 O  O   . HOH D 4 .   ? 4.680   -1.605  -15.703 1.00 18.40  ? 439 HOH A O   1 
HETATM 1222 O  O   . HOH D 4 .   ? -8.030  -2.839  -13.543 1.00 28.59  ? 440 HOH A O   1 
HETATM 1223 O  O   . HOH D 4 .   ? -6.370  -11.224 0.311   1.00 27.48  ? 441 HOH A O   1 
HETATM 1224 O  O   . HOH D 4 .   ? 13.953  3.538   -12.053 1.00 32.01  ? 442 HOH A O   1 
HETATM 1225 O  O   . HOH D 4 .   ? 2.449   0.480   -15.048 1.00 34.58  ? 443 HOH A O   1 
HETATM 1226 O  O   . HOH D 4 .   ? 11.257  9.117   6.171   1.00 25.42  ? 444 HOH A O   1 
HETATM 1227 O  O   . HOH D 4 .   ? -14.312 -12.481 12.289  1.00 31.21  ? 445 HOH A O   1 
HETATM 1228 O  O   . HOH D 4 .   ? -16.027 -24.106 8.487   1.00 35.30  ? 446 HOH A O   1 
HETATM 1229 O  O   . HOH D 4 .   ? -11.314 -19.720 18.586  1.00 21.20  ? 447 HOH A O   1 
HETATM 1230 O  O   . HOH D 4 .   ? 10.303  12.192  -14.145 1.00 32.88  ? 448 HOH A O   1 
HETATM 1231 O  O   . HOH D 4 .   ? -5.802  -2.523  14.553  1.00 35.58  ? 449 HOH A O   1 
HETATM 1232 O  O   . HOH D 4 .   ? 11.861  4.198   9.674   1.00 33.90  ? 450 HOH A O   1 
HETATM 1233 O  O   . HOH D 4 .   ? 13.888  3.220   -14.506 1.00 40.00  ? 451 HOH A O   1 
HETATM 1234 O  O   . HOH D 4 .   ? -1.550  11.426  -14.679 1.00 25.52  ? 452 HOH A O   1 
HETATM 1235 O  O   . HOH D 4 .   ? -4.883  -13.175 -0.923  1.00 26.96  ? 453 HOH A O   1 
HETATM 1236 O  O   . HOH D 4 .   ? -1.483  -8.491  17.233  1.00 35.57  ? 454 HOH A O   1 
HETATM 1237 O  O   . HOH D 4 .   ? -4.057  -19.660 3.959   0.33 26.74  ? 455 HOH A O   1 
HETATM 1238 O  O   . HOH D 4 .   ? 0.200   -14.105 0.340   1.00 14.82  ? 456 HOH A O   1 
HETATM 1239 O  O   . HOH D 4 .   ? -1.221  -1.095  -18.661 1.00 28.53  ? 457 HOH A O   1 
HETATM 1240 O  O   . HOH D 4 .   ? -9.750  -8.025  -11.725 1.00 55.06  ? 458 HOH A O   1 
HETATM 1241 O  O   . HOH D 4 .   ? 2.524   11.241  12.306  1.00 33.01  ? 459 HOH A O   1 
HETATM 1242 O  O   . HOH D 4 .   ? 9.239   10.837  6.443   1.00 45.44  ? 460 HOH A O   1 
HETATM 1243 O  O   . HOH D 4 .   ? -1.595  -17.568 2.797   0.33 54.26  ? 461 HOH A O   1 
# 
